data_1DUB
#
_entry.id   1DUB
#
_cell.length_a   75.972
_cell.length_b   93.635
_cell.length_c   246.818
_cell.angle_alpha   90.00
_cell.angle_beta   90.00
_cell.angle_gamma   90.00
#
_symmetry.space_group_name_H-M   'P 21 21 21'
#
loop_
_entity.id
_entity.type
_entity.pdbx_description
1 polymer '2-ENOYL-COA HYDRATASE'
2 non-polymer 'ACETOACETYL-COENZYME A'
3 water water
#
_entity_poly.entity_id   1
_entity_poly.type   'polypeptide(L)'
_entity_poly.pdbx_seq_one_letter_code
;GANFQYIITEKKGKNSSVGLIQLNRPKALNALCNGLIEELNQALETFEEDPAVGAIVLTGGEKAFAAGADIKEMQNRTFQ
DCYSGKFLSHWDHITRIKKPVIAAVNGYALGGGCELAMMCDIIYAGEKAQFGQPEILLGTIPGAGGTQRLTRAVGKSLAM
EMVLTGDRISAQDAKQAGLVSKIFPVETLVEEAIQCAEKIANNSKIIVAMAKESVNAAFEMTLTEGNKLEKKLFYSTFAT
DDRREGMSAFVEKRKANFKDH
;
_entity_poly.pdbx_strand_id   A,B,C,D,E,F
#
loop_
_chem_comp.id
_chem_comp.type
_chem_comp.name
_chem_comp.formula
CAA non-polymer 'ACETOACETYL-COENZYME A' 'C25 H40 N7 O18 P3 S'
#
# COMPACT_ATOMS: atom_id res chain seq x y z
N ALA A 2 -1.86 -0.55 40.78
CA ALA A 2 -1.84 0.74 41.55
C ALA A 2 -3.20 0.92 42.24
N ASN A 3 -3.47 2.13 42.75
CA ASN A 3 -4.75 2.46 43.42
C ASN A 3 -5.83 2.82 42.40
N PHE A 4 -6.49 1.81 41.86
CA PHE A 4 -7.49 1.99 40.81
C PHE A 4 -8.88 2.44 41.20
N GLN A 5 -9.31 3.52 40.57
CA GLN A 5 -10.62 4.09 40.79
C GLN A 5 -11.61 3.47 39.83
N TYR A 6 -11.21 3.35 38.56
CA TYR A 6 -12.10 2.82 37.51
C TYR A 6 -12.01 1.36 37.04
N ILE A 7 -10.99 0.63 37.46
CA ILE A 7 -10.85 -0.76 37.01
C ILE A 7 -10.41 -1.70 38.09
N ILE A 8 -10.70 -2.95 37.86
CA ILE A 8 -10.36 -4.02 38.76
C ILE A 8 -9.44 -5.00 38.02
N THR A 9 -8.22 -5.19 38.49
CA THR A 9 -7.33 -6.17 37.86
C THR A 9 -7.24 -7.43 38.72
N GLU A 10 -7.02 -8.58 38.09
CA GLU A 10 -6.94 -9.84 38.81
C GLU A 10 -6.09 -10.79 37.94
N LYS A 11 -5.35 -11.71 38.55
CA LYS A 11 -4.55 -12.70 37.79
C LYS A 11 -5.28 -14.01 37.92
N LYS A 12 -5.83 -14.49 36.83
CA LYS A 12 -6.57 -15.71 36.88
C LYS A 12 -5.93 -16.86 36.14
N GLY A 13 -6.71 -17.95 36.04
CA GLY A 13 -6.27 -19.13 35.36
C GLY A 13 -5.16 -19.94 36.02
N LYS A 14 -4.88 -21.06 35.37
CA LYS A 14 -3.88 -22.02 35.75
C LYS A 14 -2.55 -21.30 35.92
N ASN A 15 -1.98 -21.41 37.11
CA ASN A 15 -0.69 -20.79 37.38
C ASN A 15 -0.76 -19.25 37.35
N SER A 16 -2.00 -18.75 37.35
CA SER A 16 -2.27 -17.31 37.34
C SER A 16 -1.54 -16.64 36.19
N SER A 17 -1.73 -17.28 35.05
CA SER A 17 -1.14 -16.92 33.76
C SER A 17 -1.95 -15.85 33.00
N VAL A 18 -3.25 -15.80 33.27
CA VAL A 18 -4.16 -14.86 32.64
C VAL A 18 -4.35 -13.59 33.52
N GLY A 19 -4.02 -12.43 32.95
CA GLY A 19 -4.18 -11.18 33.67
C GLY A 19 -5.55 -10.63 33.30
N LEU A 20 -6.50 -10.62 34.23
CA LEU A 20 -7.86 -10.11 33.99
C LEU A 20 -8.00 -8.63 34.30
N ILE A 21 -8.59 -7.87 33.38
CA ILE A 21 -8.79 -6.44 33.54
C ILE A 21 -10.28 -6.23 33.38
N GLN A 22 -10.89 -5.63 34.41
CA GLN A 22 -12.31 -5.38 34.37
C GLN A 22 -12.55 -3.90 34.50
N LEU A 23 -13.26 -3.35 33.53
CA LEU A 23 -13.61 -1.93 33.53
C LEU A 23 -14.71 -1.84 34.59
N ASN A 24 -14.50 -0.98 35.56
CA ASN A 24 -15.44 -0.91 36.61
C ASN A 24 -15.88 0.53 36.87
N ARG A 25 -16.81 0.97 36.05
CA ARG A 25 -17.39 2.29 36.15
C ARG A 25 -18.83 2.09 35.63
N PRO A 26 -19.57 1.17 36.25
CA PRO A 26 -20.95 0.86 35.85
C PRO A 26 -21.93 2.02 35.79
N LYS A 27 -21.69 3.05 36.61
CA LYS A 27 -22.60 4.19 36.64
C LYS A 27 -22.63 4.96 35.35
N ALA A 28 -21.53 4.89 34.59
CA ALA A 28 -21.43 5.56 33.30
C ALA A 28 -21.28 4.48 32.25
N LEU A 29 -21.84 3.31 32.53
CA LEU A 29 -21.76 2.17 31.64
C LEU A 29 -20.35 2.03 31.07
N ASN A 30 -19.36 2.15 31.93
CA ASN A 30 -17.95 2.05 31.54
C ASN A 30 -17.47 3.00 30.45
N ALA A 31 -18.07 4.20 30.37
CA ALA A 31 -17.68 5.20 29.36
C ALA A 31 -16.21 5.44 29.57
N LEU A 32 -15.46 5.48 28.48
CA LEU A 32 -14.01 5.63 28.52
C LEU A 32 -13.43 7.00 28.83
N CYS A 33 -13.56 7.41 30.07
CA CYS A 33 -13.04 8.74 30.45
C CYS A 33 -11.53 8.68 30.50
N ASN A 34 -10.88 9.83 30.40
CA ASN A 34 -9.42 9.89 30.47
C ASN A 34 -8.83 9.11 31.63
N GLY A 35 -9.44 9.20 32.81
CA GLY A 35 -8.95 8.49 33.97
C GLY A 35 -9.05 7.00 33.82
N LEU A 36 -10.16 6.52 33.29
CA LEU A 36 -10.35 5.09 33.08
C LEU A 36 -9.24 4.65 32.10
N ILE A 37 -9.04 5.38 30.99
CA ILE A 37 -8.02 4.99 30.01
C ILE A 37 -6.64 4.97 30.60
N GLU A 38 -6.33 5.94 31.45
CA GLU A 38 -5.01 6.04 32.05
C GLU A 38 -4.75 4.82 32.94
N GLU A 39 -5.79 4.34 33.60
CA GLU A 39 -5.62 3.20 34.47
C GLU A 39 -5.54 1.94 33.65
N LEU A 40 -6.39 1.84 32.64
CA LEU A 40 -6.43 0.68 31.75
C LEU A 40 -5.04 0.50 31.20
N ASN A 41 -4.45 1.58 30.69
CA ASN A 41 -3.11 1.48 30.15
C ASN A 41 -2.10 1.11 31.21
N GLN A 42 -2.26 1.56 32.45
CA GLN A 42 -1.30 1.18 33.51
C GLN A 42 -1.44 -0.32 33.75
N ALA A 43 -2.67 -0.81 33.85
CA ALA A 43 -2.88 -2.23 34.09
C ALA A 43 -2.32 -3.09 32.93
N LEU A 44 -2.47 -2.63 31.69
CA LEU A 44 -1.99 -3.36 30.52
C LEU A 44 -0.48 -3.45 30.58
N GLU A 45 0.17 -2.34 30.85
CA GLU A 45 1.60 -2.29 30.90
C GLU A 45 2.09 -3.21 31.99
N THR A 46 1.34 -3.30 33.08
CA THR A 46 1.77 -4.11 34.18
C THR A 46 1.75 -5.57 33.83
N PHE A 47 0.61 -6.04 33.36
CA PHE A 47 0.48 -7.43 32.93
C PHE A 47 1.49 -7.70 31.82
N GLU A 48 1.79 -6.70 31.00
CA GLU A 48 2.71 -6.85 29.91
C GLU A 48 4.09 -7.14 30.47
N GLU A 49 4.44 -6.47 31.56
CA GLU A 49 5.77 -6.64 32.15
C GLU A 49 5.81 -7.81 33.12
N ASP A 50 4.70 -8.50 33.23
CA ASP A 50 4.61 -9.58 34.17
C ASP A 50 4.92 -10.96 33.58
N PRO A 51 6.08 -11.52 33.95
CA PRO A 51 6.57 -12.83 33.50
C PRO A 51 5.62 -13.99 33.61
N ALA A 52 4.68 -13.96 34.54
CA ALA A 52 3.77 -15.09 34.72
C ALA A 52 2.55 -14.97 33.82
N VAL A 53 2.32 -13.78 33.29
CA VAL A 53 1.15 -13.54 32.46
C VAL A 53 1.53 -13.67 30.98
N GLY A 54 0.79 -14.54 30.31
CA GLY A 54 1.01 -14.81 28.91
C GLY A 54 -0.11 -14.27 28.03
N ALA A 55 -1.22 -13.91 28.64
CA ALA A 55 -2.36 -13.35 27.92
C ALA A 55 -3.24 -12.54 28.89
N ILE A 56 -3.92 -11.55 28.34
CA ILE A 56 -4.78 -10.67 29.10
C ILE A 56 -6.24 -10.79 28.62
N VAL A 57 -7.17 -10.71 29.54
CA VAL A 57 -8.58 -10.73 29.19
C VAL A 57 -9.15 -9.42 29.72
N LEU A 58 -9.74 -8.65 28.81
CA LEU A 58 -10.34 -7.37 29.13
C LEU A 58 -11.87 -7.56 29.09
N THR A 59 -12.58 -7.11 30.12
CA THR A 59 -14.05 -7.21 30.21
C THR A 59 -14.62 -6.00 30.99
N GLY A 60 -15.93 -5.86 30.95
CA GLY A 60 -16.57 -4.77 31.67
C GLY A 60 -17.55 -5.45 32.58
N GLY A 61 -18.77 -4.94 32.63
CA GLY A 61 -19.78 -5.55 33.46
C GLY A 61 -20.73 -6.36 32.64
N GLU A 62 -21.70 -6.98 33.29
CA GLU A 62 -22.67 -7.81 32.61
C GLU A 62 -23.52 -6.98 31.64
N LYS A 63 -23.79 -5.73 32.01
CA LYS A 63 -24.63 -4.84 31.22
C LYS A 63 -23.89 -4.11 30.12
N ALA A 64 -22.63 -3.81 30.36
CA ALA A 64 -21.88 -3.11 29.34
C ALA A 64 -20.39 -3.31 29.44
N PHE A 65 -19.80 -3.57 28.28
CA PHE A 65 -18.35 -3.70 28.17
C PHE A 65 -17.84 -2.26 28.27
N ALA A 66 -18.38 -1.37 27.45
CA ALA A 66 -18.03 0.06 27.45
C ALA A 66 -18.99 0.72 26.49
N ALA A 67 -19.71 1.74 26.96
CA ALA A 67 -20.71 2.43 26.13
C ALA A 67 -20.14 3.51 25.20
N GLY A 68 -18.83 3.70 25.24
CA GLY A 68 -18.25 4.66 24.34
C GLY A 68 -17.28 5.55 25.05
N ALA A 69 -16.80 6.56 24.37
CA ALA A 69 -15.89 7.54 24.96
C ALA A 69 -16.77 8.38 25.87
N ASP A 70 -16.18 9.17 26.75
CA ASP A 70 -16.98 10.02 27.65
C ASP A 70 -17.47 11.27 26.89
N ILE A 71 -18.77 11.31 26.59
CA ILE A 71 -19.38 12.41 25.85
C ILE A 71 -19.30 13.69 26.62
N LYS A 72 -19.42 13.60 27.93
CA LYS A 72 -19.36 14.76 28.78
C LYS A 72 -18.00 15.40 28.71
N GLU A 73 -16.98 14.58 28.57
CA GLU A 73 -15.63 15.09 28.49
C GLU A 73 -15.29 15.65 27.12
N MET A 74 -16.00 15.24 26.10
CA MET A 74 -15.69 15.74 24.76
C MET A 74 -16.51 16.94 24.41
N GLN A 75 -17.67 17.03 25.02
CA GLN A 75 -18.61 18.11 24.78
C GLN A 75 -18.05 19.49 24.53
N ASN A 76 -17.09 19.94 25.33
CA ASN A 76 -16.58 21.29 25.18
C ASN A 76 -15.34 21.48 24.36
N ARG A 77 -14.91 20.40 23.71
CA ARG A 77 -13.71 20.40 22.87
C ARG A 77 -13.92 21.16 21.58
N THR A 78 -12.87 21.84 21.14
CA THR A 78 -12.92 22.56 19.88
C THR A 78 -12.03 21.77 18.90
N PHE A 79 -12.10 22.14 17.63
CA PHE A 79 -11.29 21.50 16.61
C PHE A 79 -9.81 21.73 16.99
N GLN A 80 -9.53 22.94 17.46
CA GLN A 80 -8.20 23.32 17.85
C GLN A 80 -7.74 22.57 19.08
N ASP A 81 -8.68 22.16 19.93
CA ASP A 81 -8.28 21.43 21.15
C ASP A 81 -7.83 20.06 20.73
N CYS A 82 -8.64 19.47 19.88
CA CYS A 82 -8.41 18.15 19.35
C CYS A 82 -7.05 18.04 18.74
N TYR A 83 -6.82 18.93 17.80
CA TYR A 83 -5.60 18.91 17.07
C TYR A 83 -4.40 19.10 17.98
N SER A 84 -4.27 20.29 18.56
CA SER A 84 -3.18 20.63 19.47
C SER A 84 -3.00 19.72 20.70
N GLY A 85 -4.12 19.26 21.25
CA GLY A 85 -4.07 18.40 22.41
C GLY A 85 -3.95 16.92 22.11
N LYS A 86 -3.76 16.55 20.84
CA LYS A 86 -3.64 15.14 20.45
C LYS A 86 -4.73 14.30 21.12
N PHE A 87 -5.96 14.80 21.00
CA PHE A 87 -7.14 14.16 21.58
C PHE A 87 -7.25 12.66 21.23
N LEU A 88 -7.45 11.83 22.28
CA LEU A 88 -7.58 10.39 22.14
C LEU A 88 -6.28 9.65 21.83
N SER A 89 -5.15 10.29 22.11
CA SER A 89 -3.82 9.70 21.85
C SER A 89 -3.47 8.48 22.69
N HIS A 90 -3.97 8.42 23.91
CA HIS A 90 -3.64 7.30 24.76
C HIS A 90 -4.60 6.15 24.63
N TRP A 91 -5.57 6.34 23.73
CA TRP A 91 -6.62 5.36 23.45
C TRP A 91 -6.19 4.07 22.84
N ASP A 92 -5.21 4.11 21.95
CA ASP A 92 -4.76 2.87 21.34
C ASP A 92 -3.39 2.38 21.82
N HIS A 93 -3.15 2.52 23.12
CA HIS A 93 -1.91 2.04 23.68
C HIS A 93 -2.02 0.53 23.75
N ILE A 94 -3.24 0.02 23.88
CA ILE A 94 -3.51 -1.40 23.95
C ILE A 94 -2.92 -2.13 22.74
N THR A 95 -2.79 -1.41 21.62
CA THR A 95 -2.26 -1.97 20.39
C THR A 95 -0.73 -2.08 20.44
N ARG A 96 -0.10 -1.57 21.48
CA ARG A 96 1.34 -1.66 21.60
C ARG A 96 1.70 -2.83 22.53
N ILE A 97 0.71 -3.53 23.03
CA ILE A 97 0.94 -4.64 23.93
C ILE A 97 1.28 -5.84 23.08
N LYS A 98 2.41 -6.48 23.37
CA LYS A 98 2.85 -7.68 22.63
C LYS A 98 2.07 -8.97 22.96
N LYS A 99 1.71 -9.15 24.23
CA LYS A 99 0.98 -10.34 24.65
C LYS A 99 -0.41 -10.22 24.14
N PRO A 100 -1.07 -11.31 23.86
CA PRO A 100 -2.43 -11.29 23.34
C PRO A 100 -3.43 -10.73 24.35
N VAL A 101 -4.45 -10.03 23.85
CA VAL A 101 -5.51 -9.48 24.67
C VAL A 101 -6.79 -10.00 24.06
N ILE A 102 -7.65 -10.57 24.91
CA ILE A 102 -8.92 -11.12 24.48
C ILE A 102 -9.96 -10.27 25.18
N ALA A 103 -10.94 -9.79 24.41
CA ALA A 103 -12.03 -8.97 24.93
C ALA A 103 -13.23 -9.85 25.20
N ALA A 104 -13.70 -9.84 26.44
CA ALA A 104 -14.85 -10.65 26.82
C ALA A 104 -15.99 -9.66 26.90
N VAL A 105 -16.66 -9.48 25.78
CA VAL A 105 -17.73 -8.50 25.67
C VAL A 105 -19.11 -8.95 26.10
N ASN A 106 -19.56 -8.40 27.22
CA ASN A 106 -20.89 -8.67 27.75
C ASN A 106 -21.66 -7.38 27.60
N GLY A 107 -22.88 -7.46 27.10
CA GLY A 107 -23.68 -6.26 26.96
C GLY A 107 -23.26 -5.27 25.92
N TYR A 108 -23.39 -3.99 26.22
CA TYR A 108 -23.05 -2.93 25.27
C TYR A 108 -21.59 -2.74 25.03
N ALA A 109 -21.22 -2.68 23.75
CA ALA A 109 -19.85 -2.41 23.34
C ALA A 109 -20.09 -1.41 22.19
N LEU A 110 -20.33 -0.16 22.55
CA LEU A 110 -20.66 0.88 21.60
C LEU A 110 -19.63 1.96 21.51
N GLY A 111 -19.55 2.58 20.34
CA GLY A 111 -18.60 3.66 20.16
C GLY A 111 -17.19 3.28 20.55
N GLY A 112 -16.57 4.10 21.39
CA GLY A 112 -15.22 3.81 21.83
C GLY A 112 -15.10 2.42 22.47
N GLY A 113 -16.22 1.88 22.95
CA GLY A 113 -16.23 0.57 23.56
C GLY A 113 -16.09 -0.51 22.51
N CYS A 114 -16.73 -0.35 21.36
CA CYS A 114 -16.66 -1.31 20.26
C CYS A 114 -15.25 -1.27 19.76
N GLU A 115 -14.74 -0.06 19.58
CA GLU A 115 -13.40 0.12 19.08
C GLU A 115 -12.37 -0.49 20.00
N LEU A 116 -12.57 -0.38 21.30
CA LEU A 116 -11.63 -0.96 22.27
C LEU A 116 -11.62 -2.50 22.13
N ALA A 117 -12.80 -3.09 22.00
CA ALA A 117 -12.94 -4.52 21.84
C ALA A 117 -12.27 -4.93 20.51
N MET A 118 -12.45 -4.12 19.48
CA MET A 118 -11.86 -4.43 18.20
C MET A 118 -10.35 -4.29 18.22
N MET A 119 -9.81 -3.47 19.13
CA MET A 119 -8.37 -3.29 19.22
C MET A 119 -7.77 -4.57 19.79
N CYS A 120 -8.62 -5.33 20.48
CA CYS A 120 -8.19 -6.58 21.07
C CYS A 120 -7.96 -7.58 19.94
N ASP A 121 -7.13 -8.57 20.24
CA ASP A 121 -6.80 -9.60 19.29
C ASP A 121 -7.93 -10.56 19.00
N ILE A 122 -8.65 -10.95 20.05
CA ILE A 122 -9.76 -11.89 19.93
C ILE A 122 -10.96 -11.30 20.66
N ILE A 123 -12.16 -11.50 20.14
CA ILE A 123 -13.34 -11.03 20.84
C ILE A 123 -14.31 -12.16 21.08
N TYR A 124 -14.63 -12.37 22.36
CA TYR A 124 -15.61 -13.37 22.77
C TYR A 124 -16.81 -12.52 23.21
N ALA A 125 -18.01 -12.94 22.84
CA ALA A 125 -19.20 -12.17 23.16
C ALA A 125 -20.26 -12.95 23.95
N GLY A 126 -20.85 -12.27 24.94
CA GLY A 126 -21.91 -12.86 25.76
C GLY A 126 -23.15 -12.96 24.89
N GLU A 127 -24.09 -13.83 25.24
CA GLU A 127 -25.27 -13.97 24.42
C GLU A 127 -26.06 -12.69 24.22
N LYS A 128 -26.00 -11.81 25.23
CA LYS A 128 -26.74 -10.55 25.20
C LYS A 128 -25.91 -9.34 24.76
N ALA A 129 -24.71 -9.57 24.22
CA ALA A 129 -23.85 -8.47 23.79
C ALA A 129 -24.41 -7.75 22.57
N GLN A 130 -24.02 -6.48 22.45
CA GLN A 130 -24.47 -5.64 21.33
C GLN A 130 -23.32 -4.74 20.95
N PHE A 131 -23.11 -4.64 19.65
CA PHE A 131 -22.01 -3.84 19.14
C PHE A 131 -22.60 -2.76 18.27
N GLY A 132 -21.93 -1.61 18.24
CA GLY A 132 -22.41 -0.53 17.42
C GLY A 132 -21.50 0.68 17.44
N GLN A 133 -21.70 1.57 16.49
CA GLN A 133 -20.94 2.80 16.38
C GLN A 133 -21.95 3.94 16.30
N PRO A 134 -22.51 4.35 17.45
CA PRO A 134 -23.50 5.44 17.52
C PRO A 134 -22.93 6.85 17.42
N GLU A 135 -21.66 6.99 17.09
CA GLU A 135 -21.02 8.28 16.99
C GLU A 135 -21.76 9.28 16.09
N ILE A 136 -22.36 8.79 15.01
CA ILE A 136 -23.08 9.61 14.01
C ILE A 136 -24.28 10.32 14.65
N LEU A 137 -24.88 9.66 15.63
CA LEU A 137 -26.03 10.19 16.36
C LEU A 137 -25.63 11.38 17.23
N LEU A 138 -24.32 11.54 17.46
CA LEU A 138 -23.78 12.62 18.27
C LEU A 138 -23.14 13.66 17.43
N GLY A 139 -23.35 13.57 16.12
CA GLY A 139 -22.75 14.52 15.21
C GLY A 139 -21.25 14.33 15.03
N THR A 140 -20.74 13.13 15.28
CA THR A 140 -19.32 12.88 15.07
C THR A 140 -19.19 11.50 14.40
N ILE A 141 -17.95 11.07 14.13
CA ILE A 141 -17.71 9.75 13.55
C ILE A 141 -16.81 8.94 14.52
N PRO A 142 -16.62 7.64 14.25
CA PRO A 142 -15.77 6.86 15.15
C PRO A 142 -14.36 7.39 15.07
N GLY A 143 -13.71 7.52 16.22
CA GLY A 143 -12.35 8.08 16.23
C GLY A 143 -11.22 7.23 16.74
N ALA A 144 -11.44 5.94 16.93
CA ALA A 144 -10.36 5.04 17.34
C ALA A 144 -10.48 3.68 16.58
N GLY A 145 -10.65 3.75 15.26
CA GLY A 145 -10.76 2.57 14.42
C GLY A 145 -12.14 2.01 14.11
N GLY A 146 -13.21 2.66 14.54
CA GLY A 146 -14.54 2.12 14.29
C GLY A 146 -14.92 2.09 12.82
N THR A 147 -14.30 2.94 12.00
CA THR A 147 -14.61 2.93 10.57
C THR A 147 -13.58 2.05 9.86
N GLN A 148 -12.56 1.63 10.58
CA GLN A 148 -11.47 0.85 10.00
C GLN A 148 -11.46 -0.62 10.34
N ARG A 149 -11.40 -0.93 11.63
CA ARG A 149 -11.36 -2.32 12.05
C ARG A 149 -12.70 -2.97 11.84
N LEU A 150 -13.77 -2.19 11.97
CA LEU A 150 -15.13 -2.70 11.81
C LEU A 150 -15.32 -3.16 10.37
N THR A 151 -15.05 -2.24 9.45
CA THR A 151 -15.14 -2.48 8.01
C THR A 151 -14.32 -3.70 7.60
N ARG A 152 -13.08 -3.77 8.08
CA ARG A 152 -12.22 -4.87 7.75
C ARG A 152 -12.74 -6.20 8.29
N ALA A 153 -13.46 -6.20 9.41
CA ALA A 153 -13.97 -7.47 9.94
C ALA A 153 -15.33 -7.86 9.38
N VAL A 154 -16.16 -6.86 9.20
CA VAL A 154 -17.53 -7.07 8.83
C VAL A 154 -17.96 -6.86 7.37
N GLY A 155 -17.14 -6.16 6.59
CA GLY A 155 -17.51 -5.88 5.23
C GLY A 155 -18.06 -4.47 5.11
N LYS A 156 -17.95 -3.89 3.92
CA LYS A 156 -18.41 -2.53 3.65
C LYS A 156 -19.88 -2.26 3.93
N SER A 157 -20.76 -3.12 3.43
CA SER A 157 -22.18 -2.91 3.63
C SER A 157 -22.60 -2.86 5.09
N LEU A 158 -22.20 -3.81 5.93
CA LEU A 158 -22.60 -3.74 7.33
C LEU A 158 -21.90 -2.61 8.06
N ALA A 159 -20.64 -2.37 7.77
CA ALA A 159 -19.92 -1.26 8.40
C ALA A 159 -20.58 0.06 8.05
N MET A 160 -20.84 0.30 6.78
CA MET A 160 -21.47 1.53 6.35
C MET A 160 -22.78 1.67 7.07
N GLU A 161 -23.58 0.61 7.07
CA GLU A 161 -24.87 0.64 7.71
C GLU A 161 -24.78 0.98 9.21
N MET A 162 -23.84 0.35 9.92
CA MET A 162 -23.66 0.58 11.32
C MET A 162 -23.16 1.99 11.61
N VAL A 163 -22.17 2.45 10.87
CA VAL A 163 -21.56 3.76 11.08
C VAL A 163 -22.46 4.94 10.66
N LEU A 164 -23.24 4.75 9.61
CA LEU A 164 -24.09 5.81 9.10
C LEU A 164 -25.44 5.90 9.78
N THR A 165 -25.94 4.80 10.34
CA THR A 165 -27.20 4.86 11.03
C THR A 165 -27.08 4.85 12.57
N GLY A 166 -25.99 4.27 13.07
CA GLY A 166 -25.78 4.17 14.50
C GLY A 166 -26.45 2.92 15.06
N ASP A 167 -27.04 2.10 14.20
CA ASP A 167 -27.70 0.89 14.64
C ASP A 167 -26.76 -0.15 15.26
N ARG A 168 -27.28 -0.89 16.23
CA ARG A 168 -26.54 -1.92 16.91
C ARG A 168 -26.77 -3.28 16.27
N ILE A 169 -25.81 -4.16 16.43
CA ILE A 169 -25.94 -5.51 15.92
C ILE A 169 -25.78 -6.40 17.14
N SER A 170 -26.39 -7.57 17.07
CA SER A 170 -26.35 -8.53 18.17
C SER A 170 -25.06 -9.33 18.20
N ALA A 171 -24.93 -10.17 19.21
CA ALA A 171 -23.76 -11.03 19.36
C ALA A 171 -23.69 -11.95 18.14
N GLN A 172 -24.83 -12.48 17.75
CA GLN A 172 -24.86 -13.36 16.60
C GLN A 172 -24.50 -12.71 15.29
N ASP A 173 -25.00 -11.50 15.05
CA ASP A 173 -24.68 -10.82 13.81
C ASP A 173 -23.19 -10.57 13.81
N ALA A 174 -22.65 -10.30 14.98
CA ALA A 174 -21.23 -10.02 15.12
C ALA A 174 -20.40 -11.25 14.83
N LYS A 175 -20.87 -12.42 15.28
CA LYS A 175 -20.12 -13.64 15.05
C LYS A 175 -20.26 -14.05 13.58
N GLN A 176 -21.48 -14.02 13.07
CA GLN A 176 -21.72 -14.37 11.68
C GLN A 176 -20.83 -13.51 10.78
N ALA A 177 -20.72 -12.24 11.12
CA ALA A 177 -19.91 -11.32 10.35
C ALA A 177 -18.41 -11.41 10.63
N GLY A 178 -17.99 -12.13 11.67
CA GLY A 178 -16.56 -12.26 11.95
C GLY A 178 -15.96 -11.19 12.82
N LEU A 179 -16.82 -10.40 13.45
CA LEU A 179 -16.33 -9.36 14.33
C LEU A 179 -15.83 -10.07 15.60
N VAL A 180 -16.55 -11.11 15.99
CA VAL A 180 -16.24 -11.90 17.19
C VAL A 180 -16.15 -13.36 16.77
N SER A 181 -15.28 -14.13 17.39
CA SER A 181 -15.15 -15.52 16.98
C SER A 181 -15.90 -16.51 17.81
N LYS A 182 -16.39 -16.12 18.98
CA LYS A 182 -17.11 -17.08 19.83
C LYS A 182 -18.16 -16.39 20.65
N ILE A 183 -19.29 -17.05 20.86
CA ILE A 183 -20.36 -16.49 21.70
C ILE A 183 -20.57 -17.44 22.87
N PHE A 184 -20.62 -16.90 24.07
CA PHE A 184 -20.82 -17.70 25.28
C PHE A 184 -21.90 -17.07 26.17
N PRO A 185 -22.53 -17.89 27.04
CA PRO A 185 -23.56 -17.38 27.94
C PRO A 185 -22.98 -16.26 28.78
N VAL A 186 -23.83 -15.29 29.10
CA VAL A 186 -23.43 -14.13 29.89
C VAL A 186 -22.63 -14.50 31.13
N GLU A 187 -23.08 -15.52 31.83
CA GLU A 187 -22.46 -15.96 33.07
C GLU A 187 -21.11 -16.68 32.95
N THR A 188 -20.91 -17.45 31.89
CA THR A 188 -19.68 -18.18 31.70
C THR A 188 -18.68 -17.53 30.78
N LEU A 189 -19.08 -16.45 30.13
CA LEU A 189 -18.23 -15.74 29.18
C LEU A 189 -16.79 -15.42 29.61
N VAL A 190 -16.59 -14.71 30.72
CA VAL A 190 -15.24 -14.35 31.18
C VAL A 190 -14.43 -15.59 31.54
N GLU A 191 -15.11 -16.60 32.06
CA GLU A 191 -14.49 -17.85 32.43
C GLU A 191 -13.94 -18.48 31.15
N GLU A 192 -14.80 -18.51 30.13
CA GLU A 192 -14.48 -19.05 28.83
C GLU A 192 -13.34 -18.31 28.15
N ALA A 193 -13.33 -16.99 28.27
CA ALA A 193 -12.29 -16.18 27.68
C ALA A 193 -11.01 -16.45 28.45
N ILE A 194 -11.10 -16.70 29.74
CA ILE A 194 -9.89 -16.97 30.53
C ILE A 194 -9.28 -18.33 30.13
N GLN A 195 -10.14 -19.28 29.81
CA GLN A 195 -9.68 -20.59 29.38
C GLN A 195 -8.89 -20.42 28.09
N CYS A 196 -9.43 -19.61 27.18
CA CYS A 196 -8.76 -19.35 25.90
C CYS A 196 -7.45 -18.66 26.14
N ALA A 197 -7.42 -17.72 27.08
CA ALA A 197 -6.19 -16.99 27.38
C ALA A 197 -5.21 -17.95 28.03
N GLU A 198 -5.75 -18.97 28.65
CA GLU A 198 -4.94 -19.96 29.33
C GLU A 198 -4.16 -20.74 28.33
N LYS A 199 -4.86 -21.30 27.35
CA LYS A 199 -4.23 -22.07 26.28
C LYS A 199 -3.10 -21.25 25.68
N ILE A 200 -3.39 -20.00 25.38
CA ILE A 200 -2.38 -19.14 24.78
C ILE A 200 -1.22 -18.95 25.72
N ALA A 201 -1.51 -18.76 27.00
CA ALA A 201 -0.42 -18.54 27.95
C ALA A 201 0.43 -19.80 28.13
N ASN A 202 -0.11 -20.95 27.73
CA ASN A 202 0.61 -22.23 27.81
C ASN A 202 1.73 -22.32 26.78
N ASN A 203 1.54 -21.66 25.64
CA ASN A 203 2.55 -21.70 24.59
C ASN A 203 3.70 -20.77 24.92
N SER A 204 4.71 -20.73 24.07
CA SER A 204 5.86 -19.85 24.28
C SER A 204 5.43 -18.39 24.14
N LYS A 205 5.79 -17.56 25.10
CA LYS A 205 5.42 -16.15 24.99
C LYS A 205 6.10 -15.44 23.82
N ILE A 206 7.40 -15.71 23.59
CA ILE A 206 8.12 -15.09 22.47
C ILE A 206 7.57 -15.51 21.11
N ILE A 207 7.14 -16.76 21.00
CA ILE A 207 6.60 -17.24 19.74
C ILE A 207 5.21 -16.66 19.57
N VAL A 208 4.44 -16.66 20.64
CA VAL A 208 3.08 -16.10 20.62
C VAL A 208 3.09 -14.63 20.21
N ALA A 209 4.10 -13.89 20.66
CA ALA A 209 4.23 -12.49 20.32
C ALA A 209 4.56 -12.32 18.83
N MET A 210 5.36 -13.25 18.29
CA MET A 210 5.76 -13.25 16.89
C MET A 210 4.58 -13.55 16.01
N ALA A 211 3.78 -14.54 16.42
CA ALA A 211 2.57 -14.93 15.70
C ALA A 211 1.53 -13.80 15.65
N LYS A 212 1.32 -13.14 16.78
CA LYS A 212 0.35 -12.05 16.88
C LYS A 212 0.80 -10.89 15.99
N GLU A 213 2.09 -10.61 15.99
CA GLU A 213 2.65 -9.54 15.16
C GLU A 213 2.53 -9.89 13.67
N SER A 214 2.57 -11.17 13.35
CA SER A 214 2.44 -11.64 11.99
C SER A 214 1.00 -11.46 11.54
N VAL A 215 0.04 -11.95 12.32
CA VAL A 215 -1.38 -11.81 11.98
C VAL A 215 -1.76 -10.32 11.84
N ASN A 216 -1.29 -9.48 12.74
CA ASN A 216 -1.60 -8.06 12.64
C ASN A 216 -1.12 -7.47 11.33
N ALA A 217 0.02 -7.96 10.84
CA ALA A 217 0.58 -7.46 9.58
C ALA A 217 -0.31 -7.72 8.39
N ALA A 218 -1.30 -8.59 8.52
CA ALA A 218 -2.25 -8.83 7.45
C ALA A 218 -3.05 -7.58 7.10
N PHE A 219 -3.02 -6.56 7.95
CA PHE A 219 -3.79 -5.35 7.68
C PHE A 219 -2.87 -4.20 7.33
N GLU A 220 -1.57 -4.45 7.27
CA GLU A 220 -0.61 -3.40 7.01
C GLU A 220 0.23 -3.55 5.77
N MET A 221 -0.02 -4.59 4.97
CA MET A 221 0.81 -4.85 3.78
C MET A 221 0.06 -5.62 2.76
N THR A 222 0.68 -5.74 1.59
CA THR A 222 0.11 -6.53 0.49
C THR A 222 0.37 -7.98 0.92
N LEU A 223 -0.34 -8.92 0.33
CA LEU A 223 -0.17 -10.33 0.67
C LEU A 223 1.25 -10.77 0.40
N THR A 224 1.86 -10.28 -0.68
CA THR A 224 3.24 -10.62 -0.97
C THR A 224 4.17 -10.30 0.19
N GLU A 225 4.12 -9.06 0.68
CA GLU A 225 4.97 -8.63 1.79
C GLU A 225 4.59 -9.20 3.14
N GLY A 226 3.30 -9.45 3.35
CA GLY A 226 2.87 -10.06 4.59
C GLY A 226 3.51 -11.43 4.67
N ASN A 227 3.38 -12.22 3.60
CA ASN A 227 3.98 -13.55 3.48
C ASN A 227 5.51 -13.52 3.70
N LYS A 228 6.19 -12.51 3.16
CA LYS A 228 7.64 -12.41 3.35
C LYS A 228 8.00 -12.07 4.78
N LEU A 229 7.23 -11.18 5.41
CA LEU A 229 7.47 -10.81 6.80
C LEU A 229 7.24 -12.06 7.65
N GLU A 230 6.12 -12.73 7.42
CA GLU A 230 5.78 -13.94 8.13
C GLU A 230 6.93 -14.95 8.02
N LYS A 231 7.47 -15.14 6.81
CA LYS A 231 8.55 -16.10 6.57
C LYS A 231 9.74 -15.72 7.41
N LYS A 232 10.01 -14.42 7.52
CA LYS A 232 11.14 -13.95 8.31
C LYS A 232 10.97 -14.16 9.80
N LEU A 233 9.73 -14.11 10.27
CA LEU A 233 9.43 -14.34 11.67
C LEU A 233 9.56 -15.83 11.90
N PHE A 234 9.07 -16.60 10.92
CA PHE A 234 9.10 -18.06 10.93
C PHE A 234 10.55 -18.49 11.08
N TYR A 235 11.43 -17.91 10.28
CA TYR A 235 12.85 -18.26 10.36
C TYR A 235 13.40 -17.89 11.77
N SER A 236 12.92 -16.77 12.31
CA SER A 236 13.33 -16.28 13.62
C SER A 236 13.01 -17.25 14.73
N THR A 237 11.90 -17.98 14.60
CA THR A 237 11.51 -18.93 15.63
C THR A 237 12.60 -19.99 15.81
N PHE A 238 13.37 -20.25 14.75
CA PHE A 238 14.44 -21.24 14.78
C PHE A 238 15.62 -20.72 15.60
N ALA A 239 15.57 -19.46 15.99
CA ALA A 239 16.63 -18.87 16.80
C ALA A 239 16.30 -19.03 18.29
N THR A 240 15.14 -19.61 18.60
CA THR A 240 14.72 -19.78 19.98
C THR A 240 14.82 -21.24 20.47
N ASP A 241 14.87 -21.41 21.79
CA ASP A 241 14.92 -22.71 22.39
C ASP A 241 13.57 -23.38 22.34
N ASP A 242 12.53 -22.57 22.49
CA ASP A 242 11.15 -23.04 22.49
C ASP A 242 10.74 -23.79 21.25
N ARG A 243 11.24 -23.34 20.09
CA ARG A 243 10.94 -23.99 18.83
C ARG A 243 11.61 -25.35 18.83
N ARG A 244 12.85 -25.38 19.30
CA ARG A 244 13.61 -26.64 19.43
C ARG A 244 12.76 -27.60 20.27
N GLU A 245 12.35 -27.09 21.43
CA GLU A 245 11.53 -27.81 22.38
C GLU A 245 10.19 -28.28 21.84
N GLY A 246 9.48 -27.39 21.16
CA GLY A 246 8.17 -27.78 20.69
C GLY A 246 8.22 -28.82 19.60
N MET A 247 9.26 -28.76 18.78
CA MET A 247 9.40 -29.70 17.67
C MET A 247 9.95 -31.06 18.10
N SER A 248 10.92 -31.03 19.02
CA SER A 248 11.50 -32.25 19.53
C SER A 248 10.39 -33.03 20.25
N ALA A 249 9.59 -32.31 21.03
CA ALA A 249 8.51 -32.92 21.77
C ALA A 249 7.50 -33.67 20.90
N PHE A 250 7.26 -33.19 19.68
CA PHE A 250 6.31 -33.86 18.78
C PHE A 250 6.95 -35.18 18.33
N VAL A 251 8.22 -35.08 17.90
CA VAL A 251 9.02 -36.19 17.44
C VAL A 251 9.19 -37.22 18.57
N GLU A 252 9.60 -36.71 19.74
CA GLU A 252 9.80 -37.50 20.96
C GLU A 252 8.49 -37.91 21.60
N LYS A 253 7.39 -37.55 20.93
CA LYS A 253 6.06 -37.88 21.41
C LYS A 253 5.83 -37.65 22.90
N ARG A 254 6.29 -36.50 23.37
CA ARG A 254 6.11 -36.10 24.76
C ARG A 254 5.51 -34.70 24.80
N LYS A 255 5.43 -34.13 26.00
CA LYS A 255 4.89 -32.77 26.20
C LYS A 255 6.00 -31.71 26.12
N ALA A 256 5.70 -30.62 25.41
CA ALA A 256 6.62 -29.51 25.21
C ALA A 256 6.71 -28.72 26.49
N ASN A 257 7.91 -28.27 26.85
CA ASN A 257 8.13 -27.49 28.07
C ASN A 257 8.69 -26.14 27.67
N PHE A 258 7.79 -25.19 27.41
CA PHE A 258 8.23 -23.85 26.97
C PHE A 258 8.77 -23.01 28.10
N LYS A 259 9.78 -22.22 27.78
CA LYS A 259 10.43 -21.34 28.75
C LYS A 259 10.57 -19.91 28.24
N ASP A 260 9.70 -19.60 27.29
CA ASP A 260 9.62 -18.29 26.71
C ASP A 260 10.89 -17.68 26.15
N HIS A 261 11.72 -18.51 25.54
CA HIS A 261 12.91 -18.05 24.84
C HIS A 261 13.51 -19.12 23.94
N ASN B 3 -36.89 14.13 -18.05
CA ASN B 3 -37.80 13.17 -18.76
C ASN B 3 -37.02 11.92 -19.14
N PHE B 4 -36.83 11.07 -18.16
CA PHE B 4 -36.04 9.84 -18.32
C PHE B 4 -36.62 8.71 -19.16
N GLN B 5 -35.77 8.13 -20.00
CA GLN B 5 -36.17 7.03 -20.84
C GLN B 5 -36.00 5.69 -20.11
N TYR B 6 -34.85 5.49 -19.47
CA TYR B 6 -34.56 4.22 -18.78
C TYR B 6 -34.74 4.10 -17.28
N ILE B 7 -34.98 5.22 -16.57
CA ILE B 7 -35.12 5.17 -15.11
C ILE B 7 -36.26 6.00 -14.59
N ILE B 8 -36.66 5.68 -13.37
CA ILE B 8 -37.73 6.37 -12.66
C ILE B 8 -37.16 6.92 -11.34
N THR B 9 -37.19 8.24 -11.18
CA THR B 9 -36.72 8.83 -9.93
C THR B 9 -37.94 9.28 -9.12
N GLU B 10 -37.81 9.27 -7.80
CA GLU B 10 -38.90 9.65 -6.89
C GLU B 10 -38.24 10.08 -5.60
N LYS B 11 -38.83 11.04 -4.90
CA LYS B 11 -38.29 11.50 -3.62
C LYS B 11 -39.22 10.84 -2.60
N LYS B 12 -38.67 10.03 -1.72
CA LYS B 12 -39.47 9.34 -0.73
C LYS B 12 -38.96 9.54 0.69
N GLY B 13 -39.57 8.81 1.61
CA GLY B 13 -39.17 8.91 3.00
C GLY B 13 -39.74 10.14 3.66
N LYS B 14 -39.59 10.17 4.97
CA LYS B 14 -40.06 11.26 5.79
C LYS B 14 -39.49 12.55 5.23
N ASN B 15 -40.36 13.54 5.06
CA ASN B 15 -39.99 14.85 4.55
C ASN B 15 -39.29 14.76 3.20
N SER B 16 -39.60 13.69 2.45
CA SER B 16 -39.02 13.41 1.13
C SER B 16 -37.52 13.54 1.16
N SER B 17 -36.91 12.92 2.17
CA SER B 17 -35.46 12.98 2.41
C SER B 17 -34.66 11.95 1.62
N VAL B 18 -35.38 10.96 1.11
CA VAL B 18 -34.78 9.89 0.34
C VAL B 18 -35.01 10.02 -1.17
N GLY B 19 -33.94 9.86 -1.93
CA GLY B 19 -34.03 9.97 -3.37
C GLY B 19 -34.01 8.57 -3.93
N LEU B 20 -35.14 8.14 -4.46
CA LEU B 20 -35.32 6.80 -5.03
C LEU B 20 -35.09 6.76 -6.53
N ILE B 21 -34.11 5.97 -6.97
CA ILE B 21 -33.81 5.83 -8.40
C ILE B 21 -34.19 4.41 -8.74
N GLN B 22 -35.01 4.26 -9.76
CA GLN B 22 -35.43 2.94 -10.17
C GLN B 22 -35.04 2.63 -11.62
N LEU B 23 -34.17 1.66 -11.80
CA LEU B 23 -33.75 1.28 -13.16
C LEU B 23 -34.98 0.72 -13.83
N ASN B 24 -35.41 1.37 -14.89
CA ASN B 24 -36.60 0.90 -15.56
C ASN B 24 -36.39 0.51 -17.03
N ARG B 25 -35.88 -0.69 -17.25
CA ARG B 25 -35.64 -1.18 -18.60
C ARG B 25 -35.82 -2.69 -18.46
N PRO B 26 -37.01 -3.09 -18.00
CA PRO B 26 -37.37 -4.48 -17.77
C PRO B 26 -37.22 -5.41 -18.95
N LYS B 27 -37.45 -4.87 -20.15
CA LYS B 27 -37.38 -5.73 -21.32
C LYS B 27 -35.99 -6.27 -21.53
N ALA B 28 -35.01 -5.55 -21.03
CA ALA B 28 -33.65 -5.97 -21.16
C ALA B 28 -33.16 -6.33 -19.78
N LEU B 29 -34.09 -6.62 -18.88
CA LEU B 29 -33.75 -6.93 -17.48
C LEU B 29 -32.79 -5.86 -16.88
N ASN B 30 -32.98 -4.61 -17.26
CA ASN B 30 -32.15 -3.51 -16.78
C ASN B 30 -30.68 -3.61 -17.16
N ALA B 31 -30.37 -4.26 -18.28
CA ALA B 31 -28.97 -4.37 -18.71
C ALA B 31 -28.48 -2.94 -18.87
N LEU B 32 -27.34 -2.66 -18.28
CA LEU B 32 -26.74 -1.35 -18.26
C LEU B 32 -26.22 -0.75 -19.54
N CYS B 33 -27.09 -0.25 -20.40
CA CYS B 33 -26.60 0.36 -21.64
C CYS B 33 -26.11 1.78 -21.38
N ASN B 34 -25.34 2.34 -22.30
CA ASN B 34 -24.81 3.70 -22.13
C ASN B 34 -25.86 4.73 -21.76
N GLY B 35 -27.04 4.61 -22.36
CA GLY B 35 -28.10 5.57 -22.10
C GLY B 35 -28.64 5.46 -20.71
N LEU B 36 -28.81 4.24 -20.23
CA LEU B 36 -29.30 3.96 -18.87
C LEU B 36 -28.26 4.57 -17.91
N ILE B 37 -26.97 4.30 -18.13
CA ILE B 37 -25.91 4.83 -17.28
C ILE B 37 -25.83 6.36 -17.26
N GLU B 38 -26.09 6.98 -18.40
CA GLU B 38 -26.03 8.43 -18.52
C GLU B 38 -27.16 9.05 -17.73
N GLU B 39 -28.30 8.40 -17.72
CA GLU B 39 -29.45 8.89 -16.97
C GLU B 39 -29.24 8.63 -15.47
N LEU B 40 -28.80 7.43 -15.12
CA LEU B 40 -28.53 7.06 -13.74
C LEU B 40 -27.62 8.12 -13.15
N ASN B 41 -26.56 8.45 -13.88
CA ASN B 41 -25.61 9.44 -13.41
C ASN B 41 -26.23 10.81 -13.24
N GLN B 42 -27.22 11.11 -14.09
CA GLN B 42 -27.92 12.40 -14.04
C GLN B 42 -28.75 12.46 -12.78
N ALA B 43 -29.47 11.37 -12.53
CA ALA B 43 -30.33 11.26 -11.35
C ALA B 43 -29.50 11.32 -10.08
N LEU B 44 -28.34 10.69 -10.09
CA LEU B 44 -27.47 10.66 -8.93
C LEU B 44 -26.99 12.04 -8.62
N GLU B 45 -26.53 12.74 -9.65
CA GLU B 45 -26.01 14.07 -9.48
C GLU B 45 -27.10 15.02 -8.99
N THR B 46 -28.32 14.78 -9.43
CA THR B 46 -29.43 15.62 -9.03
C THR B 46 -29.73 15.46 -7.55
N PHE B 47 -29.93 14.22 -7.11
CA PHE B 47 -30.20 13.95 -5.69
C PHE B 47 -29.01 14.42 -4.87
N GLU B 48 -27.84 14.35 -5.47
CA GLU B 48 -26.64 14.77 -4.79
C GLU B 48 -26.73 16.28 -4.51
N GLU B 49 -27.25 17.01 -5.48
CA GLU B 49 -27.35 18.44 -5.36
C GLU B 49 -28.64 18.93 -4.68
N ASP B 50 -29.54 18.01 -4.35
CA ASP B 50 -30.78 18.37 -3.70
C ASP B 50 -30.57 18.35 -2.19
N PRO B 51 -30.62 19.52 -1.55
CA PRO B 51 -30.44 19.76 -0.11
C PRO B 51 -31.49 19.05 0.72
N ALA B 52 -32.58 18.69 0.12
CA ALA B 52 -33.62 17.97 0.83
C ALA B 52 -33.30 16.48 0.96
N VAL B 53 -32.45 15.96 0.08
CA VAL B 53 -32.11 14.54 0.08
C VAL B 53 -30.82 14.27 0.84
N GLY B 54 -30.84 13.25 1.71
CA GLY B 54 -29.65 12.90 2.48
C GLY B 54 -29.10 11.50 2.18
N ALA B 55 -29.89 10.68 1.53
CA ALA B 55 -29.51 9.32 1.17
C ALA B 55 -30.32 8.90 -0.07
N ILE B 56 -29.71 8.06 -0.89
CA ILE B 56 -30.30 7.59 -2.15
C ILE B 56 -30.48 6.09 -2.09
N VAL B 57 -31.58 5.61 -2.66
CA VAL B 57 -31.87 4.20 -2.73
C VAL B 57 -31.96 3.86 -4.21
N LEU B 58 -31.14 2.91 -4.66
CA LEU B 58 -31.09 2.48 -6.06
C LEU B 58 -31.67 1.08 -6.13
N THR B 59 -32.61 0.87 -7.06
CA THR B 59 -33.26 -0.42 -7.20
C THR B 59 -33.61 -0.61 -8.67
N GLY B 60 -34.07 -1.81 -8.99
CA GLY B 60 -34.48 -2.12 -10.34
C GLY B 60 -35.90 -2.65 -10.24
N GLY B 61 -36.16 -3.77 -10.89
CA GLY B 61 -37.49 -4.36 -10.83
C GLY B 61 -37.49 -5.55 -9.89
N GLU B 62 -38.65 -6.18 -9.74
CA GLU B 62 -38.80 -7.35 -8.87
C GLU B 62 -37.99 -8.57 -9.39
N LYS B 63 -37.88 -8.68 -10.71
CA LYS B 63 -37.17 -9.80 -11.30
C LYS B 63 -35.69 -9.53 -11.48
N ALA B 64 -35.32 -8.27 -11.70
CA ALA B 64 -33.92 -7.97 -11.89
C ALA B 64 -33.53 -6.56 -11.46
N PHE B 65 -32.45 -6.48 -10.70
CA PHE B 65 -31.90 -5.20 -10.29
C PHE B 65 -31.24 -4.71 -11.59
N ALA B 66 -30.38 -5.56 -12.15
CA ALA B 66 -29.67 -5.30 -13.40
C ALA B 66 -28.89 -6.56 -13.77
N ALA B 67 -29.17 -7.09 -14.97
CA ALA B 67 -28.52 -8.30 -15.51
C ALA B 67 -27.12 -8.04 -16.11
N GLY B 68 -26.59 -6.85 -15.99
CA GLY B 68 -25.26 -6.67 -16.51
C GLY B 68 -25.15 -5.64 -17.59
N ALA B 69 -23.93 -5.43 -18.10
CA ALA B 69 -23.69 -4.46 -19.16
C ALA B 69 -24.49 -4.91 -20.39
N ASP B 70 -24.70 -4.01 -21.35
CA ASP B 70 -25.45 -4.38 -22.56
C ASP B 70 -24.48 -5.08 -23.49
N ILE B 71 -24.62 -6.40 -23.62
CA ILE B 71 -23.74 -7.20 -24.45
C ILE B 71 -23.75 -6.81 -25.90
N LYS B 72 -24.93 -6.47 -26.41
CA LYS B 72 -25.05 -6.07 -27.79
C LYS B 72 -24.26 -4.79 -28.05
N GLU B 73 -24.14 -3.93 -27.05
CA GLU B 73 -23.37 -2.68 -27.19
C GLU B 73 -21.88 -2.91 -27.08
N MET B 74 -21.48 -4.04 -26.49
CA MET B 74 -20.07 -4.37 -26.31
C MET B 74 -19.55 -5.15 -27.48
N GLN B 75 -20.45 -5.96 -28.04
CA GLN B 75 -20.16 -6.86 -29.13
C GLN B 75 -19.16 -6.53 -30.24
N ASN B 76 -19.19 -5.33 -30.79
CA ASN B 76 -18.28 -5.04 -31.89
C ASN B 76 -17.16 -4.11 -31.49
N ARG B 77 -16.84 -4.11 -30.21
CA ARG B 77 -15.78 -3.28 -29.69
C ARG B 77 -14.43 -3.98 -29.87
N THR B 78 -13.39 -3.22 -30.15
CA THR B 78 -12.06 -3.83 -30.25
C THR B 78 -11.22 -3.34 -29.05
N PHE B 79 -10.01 -3.86 -28.91
CA PHE B 79 -9.18 -3.47 -27.79
C PHE B 79 -8.81 -2.00 -27.91
N GLN B 80 -8.57 -1.53 -29.13
CA GLN B 80 -8.21 -0.13 -29.35
C GLN B 80 -9.39 0.78 -29.03
N ASP B 81 -10.59 0.31 -29.30
CA ASP B 81 -11.80 1.07 -29.01
C ASP B 81 -11.91 1.22 -27.49
N CYS B 82 -11.78 0.11 -26.78
CA CYS B 82 -11.89 0.08 -25.34
C CYS B 82 -10.91 0.98 -24.69
N TYR B 83 -9.69 0.90 -25.15
CA TYR B 83 -8.66 1.69 -24.54
C TYR B 83 -8.81 3.16 -24.89
N SER B 84 -8.73 3.47 -26.17
CA SER B 84 -8.81 4.85 -26.61
C SER B 84 -10.13 5.52 -26.28
N GLY B 85 -11.20 4.73 -26.28
CA GLY B 85 -12.53 5.28 -25.99
C GLY B 85 -12.95 5.32 -24.53
N LYS B 86 -12.03 5.00 -23.62
CA LYS B 86 -12.30 4.97 -22.18
C LYS B 86 -13.62 4.24 -21.91
N PHE B 87 -13.73 3.05 -22.48
CA PHE B 87 -14.91 2.22 -22.35
C PHE B 87 -15.31 1.97 -20.88
N LEU B 88 -16.57 2.24 -20.57
CA LEU B 88 -17.09 2.05 -19.22
C LEU B 88 -16.64 3.05 -18.18
N SER B 89 -16.02 4.16 -18.57
CA SER B 89 -15.54 5.11 -17.57
C SER B 89 -16.62 5.92 -16.86
N HIS B 90 -17.81 5.97 -17.43
CA HIS B 90 -18.87 6.74 -16.81
C HIS B 90 -19.63 5.85 -15.84
N TRP B 91 -19.25 4.59 -15.83
CA TRP B 91 -19.88 3.60 -14.98
C TRP B 91 -19.68 3.79 -13.50
N ASP B 92 -18.49 4.16 -13.08
CA ASP B 92 -18.29 4.29 -11.65
C ASP B 92 -18.46 5.71 -11.13
N HIS B 93 -19.38 6.45 -11.74
CA HIS B 93 -19.63 7.81 -11.31
C HIS B 93 -20.31 7.81 -9.93
N ILE B 94 -21.09 6.77 -9.69
CA ILE B 94 -21.82 6.58 -8.45
C ILE B 94 -20.85 6.63 -7.28
N THR B 95 -19.60 6.21 -7.51
CA THR B 95 -18.60 6.19 -6.46
C THR B 95 -18.12 7.63 -6.10
N ARG B 96 -18.56 8.64 -6.84
CA ARG B 96 -18.16 10.02 -6.53
C ARG B 96 -19.23 10.77 -5.73
N ILE B 97 -20.37 10.14 -5.58
CA ILE B 97 -21.45 10.72 -4.83
C ILE B 97 -21.09 10.64 -3.33
N LYS B 98 -21.19 11.78 -2.65
CA LYS B 98 -20.87 11.89 -1.23
C LYS B 98 -21.94 11.37 -0.27
N LYS B 99 -23.21 11.56 -0.64
CA LYS B 99 -24.34 11.09 0.15
C LYS B 99 -24.40 9.61 -0.02
N PRO B 100 -24.85 8.87 1.00
CA PRO B 100 -24.93 7.41 0.94
C PRO B 100 -25.92 6.90 -0.10
N VAL B 101 -25.58 5.80 -0.75
CA VAL B 101 -26.46 5.17 -1.73
C VAL B 101 -26.65 3.75 -1.20
N ILE B 102 -27.89 3.30 -1.14
CA ILE B 102 -28.22 1.98 -0.65
C ILE B 102 -28.82 1.26 -1.85
N ALA B 103 -28.35 0.04 -2.12
CA ALA B 103 -28.89 -0.75 -3.23
C ALA B 103 -29.89 -1.70 -2.69
N ALA B 104 -31.10 -1.63 -3.24
CA ALA B 104 -32.17 -2.52 -2.83
C ALA B 104 -32.26 -3.51 -3.98
N VAL B 105 -31.51 -4.60 -3.84
CA VAL B 105 -31.45 -5.61 -4.88
C VAL B 105 -32.51 -6.70 -4.81
N ASN B 106 -33.38 -6.66 -5.80
CA ASN B 106 -34.44 -7.65 -5.95
C ASN B 106 -34.09 -8.44 -7.22
N GLY B 107 -34.16 -9.76 -7.15
CA GLY B 107 -33.86 -10.58 -8.31
C GLY B 107 -32.41 -10.63 -8.75
N TYR B 108 -32.21 -10.59 -10.06
CA TYR B 108 -30.89 -10.66 -10.64
C TYR B 108 -30.08 -9.38 -10.47
N ALA B 109 -28.83 -9.56 -10.04
CA ALA B 109 -27.86 -8.50 -9.93
C ALA B 109 -26.63 -9.24 -10.45
N LEU B 110 -26.53 -9.35 -11.76
CA LEU B 110 -25.45 -10.10 -12.42
C LEU B 110 -24.49 -9.25 -13.23
N GLY B 111 -23.21 -9.64 -13.25
CA GLY B 111 -22.23 -8.88 -14.03
C GLY B 111 -22.20 -7.42 -13.65
N GLY B 112 -22.38 -6.53 -14.62
CA GLY B 112 -22.38 -5.09 -14.34
C GLY B 112 -23.44 -4.71 -13.30
N GLY B 113 -24.46 -5.55 -13.13
CA GLY B 113 -25.49 -5.28 -12.15
C GLY B 113 -25.01 -5.56 -10.75
N CYS B 114 -24.21 -6.61 -10.56
CA CYS B 114 -23.66 -6.98 -9.25
C CYS B 114 -22.65 -5.93 -8.84
N GLU B 115 -21.84 -5.51 -9.80
CA GLU B 115 -20.83 -4.49 -9.59
C GLU B 115 -21.46 -3.13 -9.21
N LEU B 116 -22.58 -2.78 -9.83
CA LEU B 116 -23.27 -1.53 -9.56
C LEU B 116 -23.79 -1.56 -8.12
N ALA B 117 -24.32 -2.70 -7.70
CA ALA B 117 -24.83 -2.90 -6.37
C ALA B 117 -23.68 -2.83 -5.38
N MET B 118 -22.54 -3.41 -5.75
CA MET B 118 -21.37 -3.40 -4.87
C MET B 118 -20.76 -2.03 -4.76
N MET B 119 -21.02 -1.18 -5.74
CA MET B 119 -20.49 0.18 -5.75
C MET B 119 -21.20 1.00 -4.69
N CYS B 120 -22.43 0.61 -4.41
CA CYS B 120 -23.25 1.27 -3.41
C CYS B 120 -22.67 0.97 -2.04
N ASP B 121 -22.98 1.84 -1.10
CA ASP B 121 -22.48 1.74 0.25
C ASP B 121 -23.04 0.60 1.03
N ILE B 122 -24.32 0.35 0.83
CA ILE B 122 -25.03 -0.69 1.58
C ILE B 122 -25.90 -1.50 0.61
N ILE B 123 -26.02 -2.79 0.82
CA ILE B 123 -26.85 -3.56 -0.05
C ILE B 123 -27.86 -4.31 0.76
N TYR B 124 -29.12 -4.15 0.39
CA TYR B 124 -30.21 -4.86 1.03
C TYR B 124 -30.68 -5.79 -0.09
N ALA B 125 -30.97 -7.05 0.23
CA ALA B 125 -31.38 -8.00 -0.77
C ALA B 125 -32.76 -8.60 -0.54
N GLY B 126 -33.52 -8.74 -1.61
CA GLY B 126 -34.85 -9.34 -1.53
C GLY B 126 -34.65 -10.83 -1.31
N GLU B 127 -35.66 -11.55 -0.83
CA GLU B 127 -35.50 -12.96 -0.57
C GLU B 127 -35.14 -13.78 -1.79
N LYS B 128 -35.56 -13.33 -2.96
CA LYS B 128 -35.31 -14.05 -4.21
C LYS B 128 -34.13 -13.49 -5.00
N ALA B 129 -33.33 -12.61 -4.40
CA ALA B 129 -32.19 -12.02 -5.10
C ALA B 129 -31.08 -13.01 -5.37
N GLN B 130 -30.37 -12.77 -6.47
CA GLN B 130 -29.25 -13.60 -6.87
C GLN B 130 -28.15 -12.70 -7.36
N PHE B 131 -26.92 -13.01 -6.93
CA PHE B 131 -25.75 -12.24 -7.31
C PHE B 131 -24.82 -13.15 -8.08
N GLY B 132 -24.10 -12.57 -9.04
CA GLY B 132 -23.16 -13.36 -9.81
C GLY B 132 -22.39 -12.55 -10.81
N GLN B 133 -21.27 -13.11 -11.26
CA GLN B 133 -20.40 -12.47 -12.24
C GLN B 133 -20.21 -13.47 -13.40
N PRO B 134 -21.17 -13.51 -14.33
CA PRO B 134 -21.18 -14.39 -15.51
C PRO B 134 -20.30 -13.92 -16.67
N GLU B 135 -19.52 -12.87 -16.47
CA GLU B 135 -18.68 -12.36 -17.54
C GLU B 135 -17.79 -13.43 -18.19
N ILE B 136 -17.33 -14.37 -17.39
CA ILE B 136 -16.44 -15.43 -17.88
C ILE B 136 -17.12 -16.29 -18.97
N LEU B 137 -18.44 -16.42 -18.84
CA LEU B 137 -19.24 -17.20 -19.78
C LEU B 137 -19.32 -16.48 -21.14
N LEU B 138 -18.96 -15.19 -21.15
CA LEU B 138 -19.01 -14.38 -22.35
C LEU B 138 -17.63 -14.17 -22.91
N GLY B 139 -16.66 -14.88 -22.36
CA GLY B 139 -15.30 -14.70 -22.84
C GLY B 139 -14.69 -13.39 -22.39
N THR B 140 -15.18 -12.84 -21.27
CA THR B 140 -14.60 -11.60 -20.75
C THR B 140 -14.57 -11.74 -19.21
N ILE B 141 -14.03 -10.73 -18.52
CA ILE B 141 -13.98 -10.77 -17.05
C ILE B 141 -14.75 -9.56 -16.54
N PRO B 142 -15.04 -9.51 -15.22
CA PRO B 142 -15.76 -8.35 -14.69
C PRO B 142 -14.95 -7.08 -14.97
N GLY B 143 -15.59 -6.03 -15.46
CA GLY B 143 -14.85 -4.81 -15.76
C GLY B 143 -15.17 -3.58 -14.92
N ALA B 144 -15.95 -3.70 -13.86
CA ALA B 144 -16.25 -2.54 -13.02
C ALA B 144 -16.19 -2.87 -11.50
N GLY B 145 -15.18 -3.65 -11.11
CA GLY B 145 -14.99 -3.99 -9.71
C GLY B 145 -15.47 -5.35 -9.28
N GLY B 146 -15.92 -6.17 -10.21
CA GLY B 146 -16.41 -7.50 -9.87
C GLY B 146 -15.37 -8.47 -9.32
N THR B 147 -14.12 -8.23 -9.65
CA THR B 147 -13.03 -9.10 -9.15
C THR B 147 -12.40 -8.44 -7.94
N GLN B 148 -12.82 -7.20 -7.65
CA GLN B 148 -12.26 -6.40 -6.56
C GLN B 148 -13.13 -6.23 -5.34
N ARG B 149 -14.30 -5.63 -5.53
CA ARG B 149 -15.23 -5.42 -4.45
C ARG B 149 -15.81 -6.74 -3.98
N LEU B 150 -16.08 -7.66 -4.92
CA LEU B 150 -16.63 -8.95 -4.58
C LEU B 150 -15.67 -9.70 -3.68
N THR B 151 -14.42 -9.76 -4.10
CA THR B 151 -13.37 -10.49 -3.37
C THR B 151 -13.21 -9.94 -1.97
N ARG B 152 -13.17 -8.62 -1.85
CA ARG B 152 -13.01 -7.95 -0.55
C ARG B 152 -14.19 -8.16 0.39
N ALA B 153 -15.36 -8.45 -0.17
CA ALA B 153 -16.53 -8.67 0.67
C ALA B 153 -16.75 -10.11 1.01
N VAL B 154 -16.50 -10.97 0.04
CA VAL B 154 -16.80 -12.38 0.16
C VAL B 154 -15.65 -13.36 0.39
N GLY B 155 -14.43 -12.90 0.20
CA GLY B 155 -13.29 -13.80 0.38
C GLY B 155 -12.82 -14.39 -0.93
N LYS B 156 -11.57 -14.83 -0.97
CA LYS B 156 -11.00 -15.39 -2.20
C LYS B 156 -11.67 -16.63 -2.76
N SER B 157 -11.98 -17.60 -1.92
CA SER B 157 -12.58 -18.83 -2.42
C SER B 157 -13.90 -18.61 -3.13
N LEU B 158 -14.83 -17.90 -2.51
CA LEU B 158 -16.12 -17.68 -3.16
C LEU B 158 -16.00 -16.72 -4.32
N ALA B 159 -15.17 -15.70 -4.21
CA ALA B 159 -15.00 -14.76 -5.33
C ALA B 159 -14.42 -15.53 -6.53
N MET B 160 -13.33 -16.29 -6.35
CA MET B 160 -12.73 -17.08 -7.44
C MET B 160 -13.78 -18.01 -8.05
N GLU B 161 -14.53 -18.68 -7.20
CA GLU B 161 -15.54 -19.60 -7.66
C GLU B 161 -16.60 -18.90 -8.52
N MET B 162 -17.10 -17.77 -8.04
CA MET B 162 -18.13 -17.02 -8.76
C MET B 162 -17.60 -16.41 -10.06
N VAL B 163 -16.39 -15.89 -10.02
CA VAL B 163 -15.78 -15.24 -11.18
C VAL B 163 -15.33 -16.23 -12.26
N LEU B 164 -14.77 -17.36 -11.83
CA LEU B 164 -14.25 -18.40 -12.71
C LEU B 164 -15.29 -19.34 -13.29
N THR B 165 -16.43 -19.53 -12.62
CA THR B 165 -17.44 -20.42 -13.15
C THR B 165 -18.65 -19.65 -13.66
N GLY B 166 -18.86 -18.45 -13.11
CA GLY B 166 -20.01 -17.62 -13.49
C GLY B 166 -21.26 -18.03 -12.73
N ASP B 167 -21.09 -18.87 -11.71
CA ASP B 167 -22.22 -19.34 -10.91
C ASP B 167 -22.85 -18.23 -10.05
N ARG B 168 -24.16 -18.32 -9.82
CA ARG B 168 -24.86 -17.35 -9.00
C ARG B 168 -24.93 -17.82 -7.56
N ILE B 169 -25.05 -16.86 -6.65
CA ILE B 169 -25.24 -17.15 -5.24
C ILE B 169 -26.56 -16.50 -4.83
N SER B 170 -27.20 -17.08 -3.84
CA SER B 170 -28.49 -16.58 -3.37
C SER B 170 -28.35 -15.39 -2.44
N ALA B 171 -29.49 -14.80 -2.09
CA ALA B 171 -29.52 -13.68 -1.14
C ALA B 171 -28.87 -14.13 0.16
N GLN B 172 -29.23 -15.33 0.59
CA GLN B 172 -28.70 -15.88 1.83
C GLN B 172 -27.19 -16.04 1.82
N ASP B 173 -26.65 -16.57 0.72
CA ASP B 173 -25.21 -16.78 0.63
C ASP B 173 -24.54 -15.42 0.66
N ALA B 174 -25.14 -14.46 -0.03
CA ALA B 174 -24.56 -13.14 -0.13
C ALA B 174 -24.51 -12.50 1.24
N LYS B 175 -25.55 -12.70 2.05
CA LYS B 175 -25.56 -12.09 3.35
C LYS B 175 -24.62 -12.82 4.26
N GLN B 176 -24.67 -14.13 4.25
CA GLN B 176 -23.80 -14.89 5.11
C GLN B 176 -22.34 -14.52 4.84
N ALA B 177 -22.07 -14.15 3.59
CA ALA B 177 -20.72 -13.79 3.14
C ALA B 177 -20.38 -12.34 3.39
N GLY B 178 -21.38 -11.52 3.64
CA GLY B 178 -21.10 -10.13 3.91
C GLY B 178 -21.18 -9.25 2.68
N LEU B 179 -21.74 -9.77 1.59
CA LEU B 179 -21.88 -8.99 0.36
C LEU B 179 -23.04 -8.02 0.56
N VAL B 180 -24.06 -8.49 1.30
CA VAL B 180 -25.24 -7.70 1.61
C VAL B 180 -25.40 -7.77 3.13
N SER B 181 -25.99 -6.73 3.71
CA SER B 181 -26.14 -6.73 5.16
C SER B 181 -27.51 -7.02 5.67
N LYS B 182 -28.49 -7.10 4.79
CA LYS B 182 -29.84 -7.36 5.25
C LYS B 182 -30.63 -8.02 4.14
N ILE B 183 -31.52 -8.95 4.50
CA ILE B 183 -32.39 -9.59 3.52
C ILE B 183 -33.83 -9.26 3.92
N PHE B 184 -34.65 -8.89 2.95
CA PHE B 184 -36.03 -8.55 3.21
C PHE B 184 -36.92 -9.15 2.14
N PRO B 185 -38.21 -9.32 2.45
CA PRO B 185 -39.17 -9.89 1.50
C PRO B 185 -39.14 -9.06 0.24
N VAL B 186 -39.33 -9.71 -0.89
CA VAL B 186 -39.35 -9.04 -2.18
C VAL B 186 -40.26 -7.78 -2.13
N GLU B 187 -41.44 -7.96 -1.54
CA GLU B 187 -42.48 -6.92 -1.43
C GLU B 187 -42.11 -5.68 -0.63
N THR B 188 -41.48 -5.91 0.53
CA THR B 188 -41.12 -4.83 1.43
C THR B 188 -39.68 -4.38 1.32
N LEU B 189 -38.91 -5.00 0.45
CA LEU B 189 -37.52 -4.63 0.30
C LEU B 189 -37.23 -3.13 0.14
N VAL B 190 -37.70 -2.51 -0.94
CA VAL B 190 -37.42 -1.07 -1.18
C VAL B 190 -37.90 -0.18 -0.04
N GLU B 191 -39.04 -0.55 0.56
CA GLU B 191 -39.62 0.19 1.68
C GLU B 191 -38.65 0.17 2.83
N GLU B 192 -38.09 -1.01 3.07
CA GLU B 192 -37.10 -1.25 4.14
C GLU B 192 -35.79 -0.53 3.88
N ALA B 193 -35.43 -0.41 2.60
CA ALA B 193 -34.20 0.27 2.24
C ALA B 193 -34.41 1.78 2.42
N ILE B 194 -35.62 2.25 2.14
CA ILE B 194 -35.96 3.66 2.30
C ILE B 194 -35.96 4.02 3.79
N GLN B 195 -36.37 3.09 4.64
CA GLN B 195 -36.36 3.29 6.08
C GLN B 195 -34.92 3.54 6.51
N CYS B 196 -34.01 2.74 5.99
CA CYS B 196 -32.59 2.87 6.31
C CYS B 196 -32.03 4.20 5.84
N ALA B 197 -32.37 4.58 4.61
CA ALA B 197 -31.90 5.83 4.02
C ALA B 197 -32.47 7.02 4.76
N GLU B 198 -33.64 6.83 5.37
CA GLU B 198 -34.30 7.87 6.13
C GLU B 198 -33.50 8.14 7.37
N LYS B 199 -33.11 7.07 8.05
CA LYS B 199 -32.34 7.21 9.28
C LYS B 199 -31.04 7.95 9.00
N ILE B 200 -30.46 7.70 7.84
CA ILE B 200 -29.20 8.31 7.43
C ILE B 200 -29.41 9.77 7.13
N ALA B 201 -30.49 10.06 6.43
CA ALA B 201 -30.80 11.44 6.06
C ALA B 201 -31.11 12.35 7.26
N ASN B 202 -31.59 11.77 8.36
CA ASN B 202 -31.87 12.53 9.60
C ASN B 202 -30.60 12.95 10.33
N ASN B 203 -29.50 12.28 10.07
CA ASN B 203 -28.24 12.64 10.70
C ASN B 203 -27.61 13.81 9.93
N SER B 204 -26.57 14.41 10.48
CA SER B 204 -25.92 15.54 9.83
C SER B 204 -25.33 15.10 8.49
N LYS B 205 -25.66 15.79 7.40
CA LYS B 205 -25.13 15.44 6.09
C LYS B 205 -23.62 15.51 6.00
N ILE B 206 -23.06 16.53 6.62
CA ILE B 206 -21.63 16.69 6.56
C ILE B 206 -20.88 15.60 7.33
N ILE B 207 -21.45 15.19 8.46
CA ILE B 207 -20.83 14.17 9.28
C ILE B 207 -21.02 12.82 8.59
N VAL B 208 -22.21 12.59 8.04
CA VAL B 208 -22.50 11.36 7.32
C VAL B 208 -21.51 11.21 6.12
N ALA B 209 -21.22 12.30 5.42
CA ALA B 209 -20.30 12.26 4.29
C ALA B 209 -18.90 11.97 4.78
N MET B 210 -18.55 12.51 5.91
CA MET B 210 -17.24 12.23 6.48
C MET B 210 -17.10 10.75 6.88
N ALA B 211 -18.14 10.20 7.51
CA ALA B 211 -18.14 8.81 7.96
C ALA B 211 -18.02 7.83 6.78
N LYS B 212 -18.74 8.12 5.70
CA LYS B 212 -18.75 7.29 4.50
C LYS B 212 -17.38 7.33 3.83
N GLU B 213 -16.78 8.50 3.82
CA GLU B 213 -15.46 8.65 3.27
C GLU B 213 -14.44 7.90 4.12
N SER B 214 -14.66 7.86 5.42
CA SER B 214 -13.74 7.17 6.33
C SER B 214 -13.86 5.67 6.14
N VAL B 215 -15.09 5.15 6.05
CA VAL B 215 -15.32 3.73 5.85
C VAL B 215 -14.71 3.25 4.52
N ASN B 216 -14.92 4.02 3.46
CA ASN B 216 -14.37 3.66 2.15
C ASN B 216 -12.84 3.60 2.19
N ALA B 217 -12.22 4.42 3.03
CA ALA B 217 -10.76 4.42 3.13
C ALA B 217 -10.25 3.08 3.64
N ALA B 218 -11.10 2.25 4.20
CA ALA B 218 -10.63 0.95 4.68
C ALA B 218 -10.09 0.06 3.56
N PHE B 219 -10.37 0.42 2.30
CA PHE B 219 -9.94 -0.37 1.16
C PHE B 219 -8.84 0.30 0.37
N GLU B 220 -8.36 1.44 0.87
CA GLU B 220 -7.36 2.22 0.15
C GLU B 220 -6.08 2.52 0.89
N MET B 221 -5.95 2.02 2.11
CA MET B 221 -4.77 2.27 2.95
C MET B 221 -4.52 1.16 3.90
N THR B 222 -3.37 1.23 4.58
CA THR B 222 -3.05 0.25 5.62
C THR B 222 -3.90 0.69 6.83
N LEU B 223 -4.05 -0.21 7.80
CA LEU B 223 -4.84 0.09 8.97
C LEU B 223 -4.29 1.29 9.72
N THR B 224 -2.98 1.42 9.80
CA THR B 224 -2.34 2.54 10.48
C THR B 224 -2.77 3.87 9.88
N GLU B 225 -2.76 3.95 8.55
CA GLU B 225 -3.11 5.17 7.86
C GLU B 225 -4.58 5.43 7.84
N GLY B 226 -5.36 4.37 7.75
CA GLY B 226 -6.80 4.53 7.77
C GLY B 226 -7.19 5.12 9.12
N ASN B 227 -6.62 4.58 10.20
CA ASN B 227 -6.89 5.08 11.55
C ASN B 227 -6.48 6.54 11.70
N LYS B 228 -5.33 6.92 11.14
CA LYS B 228 -4.88 8.32 11.16
C LYS B 228 -5.81 9.24 10.35
N LEU B 229 -6.26 8.80 9.18
CA LEU B 229 -7.19 9.59 8.38
C LEU B 229 -8.49 9.72 9.18
N GLU B 230 -8.99 8.62 9.69
CA GLU B 230 -10.20 8.62 10.48
C GLU B 230 -10.14 9.61 11.63
N LYS B 231 -9.01 9.61 12.35
CA LYS B 231 -8.79 10.48 13.47
C LYS B 231 -8.87 11.93 13.04
N LYS B 232 -8.29 12.25 11.88
CA LYS B 232 -8.33 13.60 11.33
C LYS B 232 -9.75 14.06 10.93
N LEU B 233 -10.57 13.14 10.42
CA LEU B 233 -11.95 13.44 10.07
C LEU B 233 -12.72 13.62 11.38
N PHE B 234 -12.37 12.79 12.37
CA PHE B 234 -12.95 12.82 13.70
C PHE B 234 -12.71 14.20 14.28
N TYR B 235 -11.49 14.68 14.19
CA TYR B 235 -11.17 15.99 14.73
C TYR B 235 -11.96 17.06 13.97
N SER B 236 -12.14 16.87 12.66
CA SER B 236 -12.85 17.81 11.81
C SER B 236 -14.31 17.96 12.23
N THR B 237 -14.92 16.89 12.75
CA THR B 237 -16.31 16.97 13.16
C THR B 237 -16.50 18.04 14.24
N PHE B 238 -15.44 18.30 15.00
CA PHE B 238 -15.47 19.32 16.04
C PHE B 238 -15.51 20.72 15.46
N ALA B 239 -15.30 20.85 14.15
CA ALA B 239 -15.34 22.14 13.48
C ALA B 239 -16.78 22.42 13.04
N THR B 240 -17.71 21.50 13.29
CA THR B 240 -19.08 21.69 12.85
C THR B 240 -20.05 22.01 14.01
N ASP B 241 -21.20 22.58 13.67
CA ASP B 241 -22.18 22.90 14.68
C ASP B 241 -22.91 21.67 15.13
N ASP B 242 -23.03 20.70 14.23
CA ASP B 242 -23.74 19.47 14.53
C ASP B 242 -23.11 18.56 15.59
N ARG B 243 -21.79 18.54 15.65
CA ARG B 243 -21.12 17.72 16.61
C ARG B 243 -21.34 18.37 17.97
N ARG B 244 -21.34 19.71 18.00
CA ARG B 244 -21.58 20.47 19.23
C ARG B 244 -22.97 20.13 19.69
N GLU B 245 -23.91 20.23 18.77
CA GLU B 245 -25.31 19.94 19.03
C GLU B 245 -25.52 18.50 19.46
N GLY B 246 -24.91 17.57 18.72
CA GLY B 246 -25.10 16.19 19.02
C GLY B 246 -24.68 15.82 20.43
N MET B 247 -23.50 16.26 20.83
CA MET B 247 -23.00 15.92 22.14
C MET B 247 -23.66 16.64 23.30
N SER B 248 -24.06 17.91 23.09
CA SER B 248 -24.76 18.69 24.09
C SER B 248 -26.13 18.07 24.32
N ALA B 249 -26.78 17.64 23.25
CA ALA B 249 -28.07 17.00 23.35
C ALA B 249 -27.97 15.77 24.24
N PHE B 250 -26.87 15.02 24.15
CA PHE B 250 -26.71 13.80 24.95
C PHE B 250 -26.64 14.23 26.39
N VAL B 251 -25.71 15.14 26.64
CA VAL B 251 -25.47 15.68 27.97
C VAL B 251 -26.70 16.40 28.58
N GLU B 252 -27.41 17.17 27.76
CA GLU B 252 -28.57 17.88 28.23
C GLU B 252 -29.81 17.04 28.19
N LYS B 253 -29.69 15.76 27.91
CA LYS B 253 -30.85 14.89 27.87
C LYS B 253 -31.96 15.38 26.93
N ARG B 254 -31.63 15.79 25.72
CA ARG B 254 -32.62 16.26 24.76
C ARG B 254 -32.34 15.73 23.35
N LYS B 255 -33.30 15.88 22.44
CA LYS B 255 -33.13 15.41 21.07
C LYS B 255 -32.25 16.45 20.39
N ALA B 256 -31.29 15.98 19.59
CA ALA B 256 -30.40 16.88 18.87
C ALA B 256 -31.11 17.33 17.61
N ASN B 257 -30.81 18.55 17.19
CA ASN B 257 -31.38 19.12 15.98
C ASN B 257 -30.21 19.42 15.08
N PHE B 258 -30.01 18.55 14.11
CA PHE B 258 -28.89 18.74 13.22
C PHE B 258 -29.28 19.76 12.17
N LYS B 259 -28.30 20.46 11.63
CA LYS B 259 -28.52 21.46 10.61
C LYS B 259 -27.58 21.30 9.44
N ASP B 260 -26.94 20.13 9.35
CA ASP B 260 -25.99 19.83 8.29
C ASP B 260 -24.96 20.94 8.21
N HIS B 261 -24.39 21.30 9.35
CA HIS B 261 -23.41 22.36 9.40
C HIS B 261 -22.62 22.21 10.70
N ASN C 3 7.48 -40.80 -12.23
CA ASN C 3 7.61 -41.87 -11.17
C ASN C 3 7.55 -41.17 -9.81
N PHE C 4 6.31 -40.78 -9.47
CA PHE C 4 6.03 -40.06 -8.22
C PHE C 4 5.93 -40.96 -6.99
N GLN C 5 6.78 -40.67 -6.03
CA GLN C 5 6.79 -41.41 -4.79
C GLN C 5 5.63 -40.99 -3.87
N TYR C 6 5.44 -39.67 -3.74
CA TYR C 6 4.43 -39.13 -2.84
C TYR C 6 3.06 -38.69 -3.35
N ILE C 7 2.87 -38.63 -4.67
CA ILE C 7 1.58 -38.17 -5.19
C ILE C 7 1.05 -39.00 -6.33
N ILE C 8 -0.25 -38.88 -6.59
CA ILE C 8 -0.93 -39.59 -7.65
C ILE C 8 -1.57 -38.51 -8.55
N THR C 9 -1.22 -38.48 -9.82
CA THR C 9 -1.84 -37.51 -10.72
C THR C 9 -2.78 -38.28 -11.65
N GLU C 10 -3.86 -37.63 -12.08
CA GLU C 10 -4.84 -38.28 -12.92
C GLU C 10 -5.49 -37.19 -13.74
N LYS C 11 -5.97 -37.54 -14.92
CA LYS C 11 -6.63 -36.57 -15.78
C LYS C 11 -8.08 -36.94 -15.74
N LYS C 12 -8.86 -36.13 -15.05
CA LYS C 12 -10.26 -36.40 -14.97
C LYS C 12 -11.11 -35.36 -15.67
N GLY C 13 -12.39 -35.47 -15.46
CA GLY C 13 -13.33 -34.53 -16.02
C GLY C 13 -13.55 -34.74 -17.47
N LYS C 14 -14.69 -34.24 -17.94
CA LYS C 14 -15.07 -34.35 -19.32
C LYS C 14 -13.87 -33.95 -20.17
N ASN C 15 -13.59 -34.74 -21.19
CA ASN C 15 -12.50 -34.41 -22.08
C ASN C 15 -11.15 -34.42 -21.39
N SER C 16 -11.11 -34.98 -20.20
CA SER C 16 -9.85 -35.01 -19.46
C SER C 16 -9.25 -33.62 -19.37
N SER C 17 -10.12 -32.67 -19.03
CA SER C 17 -9.72 -31.27 -18.88
C SER C 17 -9.31 -30.89 -17.46
N VAL C 18 -9.60 -31.76 -16.49
CA VAL C 18 -9.26 -31.51 -15.09
C VAL C 18 -8.07 -32.38 -14.71
N GLY C 19 -7.08 -31.74 -14.12
CA GLY C 19 -5.88 -32.44 -13.72
C GLY C 19 -5.93 -32.62 -12.23
N LEU C 20 -6.14 -33.86 -11.79
CA LEU C 20 -6.21 -34.17 -10.37
C LEU C 20 -4.85 -34.60 -9.79
N ILE C 21 -4.42 -33.98 -8.70
CA ILE C 21 -3.16 -34.32 -8.04
C ILE C 21 -3.58 -34.78 -6.65
N GLN C 22 -3.07 -35.92 -6.23
CA GLN C 22 -3.46 -36.46 -4.94
C GLN C 22 -2.23 -36.66 -4.13
N LEU C 23 -2.17 -36.01 -2.99
CA LEU C 23 -1.04 -36.16 -2.11
C LEU C 23 -1.31 -37.58 -1.64
N ASN C 24 -0.24 -38.38 -1.60
CA ASN C 24 -0.39 -39.79 -1.25
C ASN C 24 0.76 -40.22 -0.33
N ARG C 25 0.70 -39.72 0.89
CA ARG C 25 1.70 -40.03 1.92
C ARG C 25 0.96 -40.23 3.25
N PRO C 26 -0.15 -41.02 3.24
CA PRO C 26 -0.97 -41.29 4.42
C PRO C 26 -0.20 -41.75 5.69
N LYS C 27 1.00 -42.30 5.53
CA LYS C 27 1.78 -42.79 6.66
C LYS C 27 2.11 -41.66 7.59
N ALA C 28 2.24 -40.48 7.00
CA ALA C 28 2.56 -39.29 7.77
C ALA C 28 1.47 -38.26 7.52
N LEU C 29 0.24 -38.77 7.33
CA LEU C 29 -0.92 -37.91 7.07
C LEU C 29 -0.54 -36.77 6.08
N ASN C 30 0.05 -37.16 4.96
CA ASN C 30 0.48 -36.24 3.89
C ASN C 30 1.36 -35.10 4.38
N ALA C 31 2.09 -35.29 5.47
CA ALA C 31 2.96 -34.21 5.94
C ALA C 31 3.81 -33.78 4.73
N LEU C 32 3.91 -32.48 4.53
CA LEU C 32 4.62 -31.92 3.42
C LEU C 32 6.12 -31.99 3.52
N CYS C 33 6.70 -33.10 3.09
CA CYS C 33 8.17 -33.17 3.12
C CYS C 33 8.70 -32.56 1.84
N ASN C 34 9.96 -32.19 1.82
CA ASN C 34 10.58 -31.63 0.62
C ASN C 34 10.28 -32.44 -0.64
N GLY C 35 10.38 -33.77 -0.53
CA GLY C 35 10.15 -34.64 -1.67
C GLY C 35 8.75 -34.51 -2.19
N LEU C 36 7.80 -34.51 -1.26
CA LEU C 36 6.37 -34.41 -1.58
C LEU C 36 6.19 -33.11 -2.36
N ILE C 37 6.78 -32.03 -1.83
CA ILE C 37 6.65 -30.69 -2.45
C ILE C 37 7.26 -30.62 -3.84
N GLU C 38 8.41 -31.25 -4.00
CA GLU C 38 9.11 -31.27 -5.28
C GLU C 38 8.24 -31.95 -6.35
N GLU C 39 7.56 -33.00 -5.95
CA GLU C 39 6.72 -33.73 -6.87
C GLU C 39 5.46 -32.94 -7.17
N LEU C 40 4.89 -32.34 -6.11
CA LEU C 40 3.67 -31.53 -6.22
C LEU C 40 3.93 -30.45 -7.23
N ASN C 41 5.05 -29.77 -7.06
CA ASN C 41 5.42 -28.75 -8.00
C ASN C 41 5.58 -29.24 -9.44
N GLN C 42 6.16 -30.45 -9.61
CA GLN C 42 6.34 -31.05 -10.96
C GLN C 42 4.98 -31.31 -11.59
N ALA C 43 4.09 -31.92 -10.81
CA ALA C 43 2.76 -32.24 -11.31
C ALA C 43 2.01 -30.97 -11.73
N LEU C 44 2.14 -29.92 -10.91
CA LEU C 44 1.48 -28.63 -11.16
C LEU C 44 1.98 -28.05 -12.48
N GLU C 45 3.30 -28.01 -12.61
CA GLU C 45 3.93 -27.52 -13.82
C GLU C 45 3.50 -28.32 -15.04
N THR C 46 3.32 -29.62 -14.87
CA THR C 46 2.91 -30.48 -15.97
C THR C 46 1.51 -30.13 -16.42
N PHE C 47 0.56 -30.15 -15.48
CA PHE C 47 -0.82 -29.81 -15.82
C PHE C 47 -0.90 -28.37 -16.36
N GLU C 48 0.00 -27.52 -15.88
CA GLU C 48 0.05 -26.15 -16.33
C GLU C 48 0.41 -26.13 -17.82
N GLU C 49 1.40 -26.96 -18.21
CA GLU C 49 1.83 -27.00 -19.59
C GLU C 49 0.98 -27.90 -20.48
N ASP C 50 0.00 -28.56 -19.90
CA ASP C 50 -0.87 -29.46 -20.62
C ASP C 50 -2.07 -28.66 -21.15
N PRO C 51 -2.12 -28.41 -22.48
CA PRO C 51 -3.18 -27.64 -23.16
C PRO C 51 -4.56 -28.16 -23.02
N ALA C 52 -4.71 -29.41 -22.65
CA ALA C 52 -6.05 -29.97 -22.50
C ALA C 52 -6.57 -29.69 -21.11
N VAL C 53 -5.65 -29.43 -20.17
CA VAL C 53 -6.02 -29.15 -18.80
C VAL C 53 -6.30 -27.65 -18.63
N GLY C 54 -7.48 -27.35 -18.09
CA GLY C 54 -7.87 -25.97 -17.86
C GLY C 54 -8.02 -25.61 -16.37
N ALA C 55 -8.09 -26.64 -15.52
CA ALA C 55 -8.21 -26.46 -14.08
C ALA C 55 -7.64 -27.68 -13.39
N ILE C 56 -7.01 -27.45 -12.24
CA ILE C 56 -6.40 -28.50 -11.43
C ILE C 56 -7.16 -28.65 -10.10
N VAL C 57 -7.31 -29.90 -9.63
CA VAL C 57 -7.97 -30.19 -8.38
C VAL C 57 -6.91 -30.86 -7.53
N LEU C 58 -6.61 -30.28 -6.38
CA LEU C 58 -5.60 -30.81 -5.46
C LEU C 58 -6.36 -31.44 -4.29
N THR C 59 -5.99 -32.67 -3.91
CA THR C 59 -6.66 -33.33 -2.79
C THR C 59 -5.68 -34.27 -2.09
N GLY C 60 -6.09 -34.82 -0.95
CA GLY C 60 -5.23 -35.73 -0.23
C GLY C 60 -6.07 -36.96 0.00
N GLY C 61 -6.03 -37.47 1.22
CA GLY C 61 -6.83 -38.64 1.55
C GLY C 61 -8.09 -38.24 2.27
N GLU C 62 -8.94 -39.24 2.55
CA GLU C 62 -10.20 -39.07 3.24
C GLU C 62 -9.97 -38.56 4.67
N LYS C 63 -8.88 -39.04 5.29
CA LYS C 63 -8.57 -38.67 6.66
C LYS C 63 -7.76 -37.38 6.74
N ALA C 64 -7.01 -37.07 5.70
CA ALA C 64 -6.23 -35.85 5.76
C ALA C 64 -5.83 -35.35 4.40
N PHE C 65 -5.97 -34.04 4.23
CA PHE C 65 -5.55 -33.34 3.02
C PHE C 65 -3.99 -33.25 3.22
N ALA C 66 -3.54 -32.69 4.35
CA ALA C 66 -2.12 -32.56 4.68
C ALA C 66 -2.08 -32.06 6.09
N ALA C 67 -1.30 -32.75 6.93
CA ALA C 67 -1.14 -32.48 8.35
C ALA C 67 -0.10 -31.44 8.73
N GLY C 68 0.57 -30.83 7.76
CA GLY C 68 1.55 -29.82 8.12
C GLY C 68 2.86 -30.03 7.42
N ALA C 69 3.89 -29.28 7.81
CA ALA C 69 5.21 -29.45 7.22
C ALA C 69 5.78 -30.65 7.97
N ASP C 70 6.84 -31.26 7.46
CA ASP C 70 7.39 -32.41 8.16
C ASP C 70 8.27 -31.88 9.30
N ILE C 71 7.79 -32.10 10.53
CA ILE C 71 8.47 -31.65 11.76
C ILE C 71 9.86 -32.23 11.95
N LYS C 72 10.00 -33.50 11.58
CA LYS C 72 11.29 -34.19 11.67
C LYS C 72 12.34 -33.54 10.79
N GLU C 73 11.92 -33.11 9.61
CA GLU C 73 12.81 -32.45 8.69
C GLU C 73 13.17 -31.03 9.17
N MET C 74 12.28 -30.39 9.91
CA MET C 74 12.58 -29.02 10.36
C MET C 74 13.33 -29.01 11.66
N GLN C 75 13.11 -30.07 12.43
CA GLN C 75 13.69 -30.23 13.77
C GLN C 75 15.13 -29.81 14.05
N ASN C 76 16.05 -30.03 13.11
CA ASN C 76 17.44 -29.65 13.39
C ASN C 76 17.93 -28.40 12.69
N ARG C 77 17.00 -27.61 12.14
CA ARG C 77 17.36 -26.38 11.43
C ARG C 77 17.73 -25.30 12.41
N THR C 78 18.62 -24.43 11.98
CA THR C 78 19.01 -23.28 12.78
C THR C 78 18.47 -22.04 12.10
N PHE C 79 18.70 -20.89 12.72
CA PHE C 79 18.26 -19.65 12.14
C PHE C 79 19.06 -19.40 10.86
N GLN C 80 20.37 -19.61 10.94
CA GLN C 80 21.21 -19.39 9.76
C GLN C 80 20.86 -20.40 8.66
N ASP C 81 20.36 -21.55 9.05
CA ASP C 81 20.00 -22.53 8.07
C ASP C 81 18.86 -22.01 7.26
N CYS C 82 17.81 -21.64 7.97
CA CYS C 82 16.58 -21.13 7.39
C CYS C 82 16.84 -19.97 6.47
N TYR C 83 17.62 -19.02 6.95
CA TYR C 83 17.87 -17.84 6.17
C TYR C 83 18.66 -18.12 4.92
N SER C 84 19.92 -18.52 5.11
CA SER C 84 20.84 -18.81 4.03
C SER C 84 20.31 -19.90 3.09
N GLY C 85 19.56 -20.84 3.65
CA GLY C 85 19.02 -21.92 2.86
C GLY C 85 17.66 -21.66 2.25
N LYS C 86 17.14 -20.45 2.44
CA LYS C 86 15.83 -20.04 1.91
C LYS C 86 14.74 -21.06 2.22
N PHE C 87 14.74 -21.55 3.46
CA PHE C 87 13.79 -22.58 3.93
C PHE C 87 12.34 -22.35 3.48
N LEU C 88 11.71 -23.41 2.96
CA LEU C 88 10.32 -23.37 2.46
C LEU C 88 10.07 -22.52 1.22
N SER C 89 11.13 -22.14 0.51
CA SER C 89 11.01 -21.33 -0.69
C SER C 89 10.23 -21.92 -1.89
N HIS C 90 10.23 -23.25 -2.03
CA HIS C 90 9.52 -23.85 -3.16
C HIS C 90 8.08 -24.17 -2.81
N TRP C 91 7.74 -23.89 -1.56
CA TRP C 91 6.41 -24.15 -1.01
C TRP C 91 5.27 -23.43 -1.70
N ASP C 92 5.50 -22.16 -2.04
CA ASP C 92 4.45 -21.38 -2.68
C ASP C 92 4.58 -21.28 -4.21
N HIS C 93 5.12 -22.34 -4.82
CA HIS C 93 5.24 -22.36 -6.27
C HIS C 93 3.85 -22.49 -6.87
N ILE C 94 2.93 -23.11 -6.11
CA ILE C 94 1.56 -23.28 -6.56
C ILE C 94 0.95 -21.92 -6.89
N THR C 95 1.45 -20.90 -6.23
CA THR C 95 0.94 -19.55 -6.46
C THR C 95 1.41 -18.95 -7.78
N ARG C 96 2.21 -19.72 -8.51
CA ARG C 96 2.76 -19.26 -9.79
C ARG C 96 1.96 -19.84 -10.97
N ILE C 97 1.17 -20.85 -10.66
CA ILE C 97 0.32 -21.50 -11.66
C ILE C 97 -0.80 -20.54 -12.04
N LYS C 98 -0.97 -20.40 -13.33
CA LYS C 98 -1.94 -19.46 -13.90
C LYS C 98 -3.30 -20.12 -14.14
N LYS C 99 -3.33 -21.43 -14.18
CA LYS C 99 -4.60 -22.16 -14.32
C LYS C 99 -5.22 -22.29 -12.93
N PRO C 100 -6.54 -22.14 -12.77
CA PRO C 100 -7.15 -22.25 -11.45
C PRO C 100 -6.86 -23.61 -10.82
N VAL C 101 -6.64 -23.58 -9.51
CA VAL C 101 -6.44 -24.80 -8.67
C VAL C 101 -7.53 -24.78 -7.59
N ILE C 102 -8.27 -25.87 -7.47
CA ILE C 102 -9.35 -26.02 -6.49
C ILE C 102 -8.91 -27.09 -5.52
N ALA C 103 -8.91 -26.77 -4.23
CA ALA C 103 -8.51 -27.72 -3.20
C ALA C 103 -9.70 -28.43 -2.70
N ALA C 104 -9.65 -29.75 -2.72
CA ALA C 104 -10.76 -30.57 -2.25
C ALA C 104 -10.25 -31.12 -0.93
N VAL C 105 -10.52 -30.38 0.14
CA VAL C 105 -10.06 -30.76 1.47
C VAL C 105 -10.99 -31.68 2.24
N ASN C 106 -10.47 -32.89 2.47
CA ASN C 106 -11.15 -33.94 3.23
C ASN C 106 -10.25 -34.13 4.44
N GLY C 107 -10.87 -34.25 5.61
CA GLY C 107 -10.12 -34.47 6.85
C GLY C 107 -9.26 -33.30 7.28
N TYR C 108 -8.11 -33.61 7.86
CA TYR C 108 -7.19 -32.59 8.36
C TYR C 108 -6.52 -31.76 7.29
N ALA C 109 -6.47 -30.46 7.55
CA ALA C 109 -5.78 -29.49 6.69
C ALA C 109 -5.20 -28.58 7.76
N LEU C 110 -4.09 -29.01 8.36
CA LEU C 110 -3.43 -28.30 9.44
C LEU C 110 -2.04 -27.82 9.11
N GLY C 111 -1.64 -26.71 9.72
CA GLY C 111 -0.32 -26.16 9.46
C GLY C 111 -0.09 -25.94 7.97
N GLY C 112 1.03 -26.45 7.46
CA GLY C 112 1.37 -26.32 6.07
C GLY C 112 0.24 -26.82 5.19
N GLY C 113 -0.56 -27.72 5.73
CA GLY C 113 -1.68 -28.25 4.97
C GLY C 113 -2.76 -27.24 4.73
N CYS C 114 -3.09 -26.46 5.76
CA CYS C 114 -4.11 -25.42 5.68
C CYS C 114 -3.61 -24.35 4.70
N GLU C 115 -2.34 -23.99 4.87
CA GLU C 115 -1.70 -23.00 4.03
C GLU C 115 -1.74 -23.38 2.55
N LEU C 116 -1.50 -24.67 2.28
CA LEU C 116 -1.50 -25.19 0.91
C LEU C 116 -2.89 -25.04 0.33
N ALA C 117 -3.89 -25.40 1.11
CA ALA C 117 -5.27 -25.30 0.66
C ALA C 117 -5.62 -23.84 0.41
N MET C 118 -5.12 -22.96 1.28
CA MET C 118 -5.39 -21.53 1.15
C MET C 118 -4.67 -20.93 -0.02
N MET C 119 -3.56 -21.52 -0.45
CA MET C 119 -2.83 -21.01 -1.62
C MET C 119 -3.61 -21.31 -2.87
N CYS C 120 -4.54 -22.27 -2.80
CA CYS C 120 -5.37 -22.62 -3.94
C CYS C 120 -6.42 -21.53 -4.12
N ASP C 121 -6.98 -21.44 -5.32
CA ASP C 121 -7.96 -20.43 -5.65
C ASP C 121 -9.31 -20.62 -5.00
N ILE C 122 -9.75 -21.88 -4.94
CA ILE C 122 -11.06 -22.21 -4.38
C ILE C 122 -10.88 -23.37 -3.42
N ILE C 123 -11.63 -23.41 -2.32
CA ILE C 123 -11.52 -24.55 -1.44
C ILE C 123 -12.89 -25.17 -1.24
N TYR C 124 -12.99 -26.47 -1.48
CA TYR C 124 -14.22 -27.19 -1.26
C TYR C 124 -13.86 -28.07 -0.08
N ALA C 125 -14.77 -28.25 0.87
CA ALA C 125 -14.43 -29.06 2.04
C ALA C 125 -15.40 -30.20 2.31
N GLY C 126 -14.85 -31.33 2.73
CA GLY C 126 -15.64 -32.52 3.04
C GLY C 126 -16.34 -32.25 4.36
N GLU C 127 -17.44 -32.94 4.63
CA GLU C 127 -18.18 -32.69 5.87
C GLU C 127 -17.38 -32.86 7.14
N LYS C 128 -16.38 -33.72 7.08
CA LYS C 128 -15.56 -34.00 8.25
C LYS C 128 -14.25 -33.24 8.22
N ALA C 129 -14.11 -32.27 7.33
CA ALA C 129 -12.85 -31.52 7.22
C ALA C 129 -12.59 -30.68 8.43
N GLN C 130 -11.31 -30.46 8.70
CA GLN C 130 -10.88 -29.65 9.84
C GLN C 130 -9.68 -28.80 9.42
N PHE C 131 -9.73 -27.51 9.77
CA PHE C 131 -8.67 -26.59 9.43
C PHE C 131 -8.07 -26.01 10.70
N GLY C 132 -6.76 -25.76 10.65
CA GLY C 132 -6.10 -25.22 11.81
C GLY C 132 -4.66 -24.87 11.55
N GLN C 133 -4.09 -24.10 12.45
CA GLN C 133 -2.71 -23.69 12.37
C GLN C 133 -2.06 -24.00 13.72
N PRO C 134 -1.69 -25.27 13.95
CA PRO C 134 -1.06 -25.74 15.21
C PRO C 134 0.41 -25.43 15.37
N GLU C 135 0.97 -24.61 14.50
CA GLU C 135 2.38 -24.31 14.58
C GLU C 135 2.80 -23.77 15.96
N ILE C 136 1.89 -23.05 16.61
CA ILE C 136 2.20 -22.41 17.91
C ILE C 136 2.49 -23.47 18.98
N LEU C 137 1.85 -24.63 18.83
CA LEU C 137 2.03 -25.76 19.74
C LEU C 137 3.41 -26.40 19.60
N LEU C 138 4.10 -26.08 18.50
CA LEU C 138 5.43 -26.62 18.21
C LEU C 138 6.51 -25.58 18.48
N GLY C 139 6.11 -24.43 19.00
CA GLY C 139 7.10 -23.38 19.24
C GLY C 139 7.47 -22.61 18.00
N THR C 140 6.60 -22.64 16.99
CA THR C 140 6.87 -21.85 15.80
C THR C 140 5.54 -21.20 15.34
N ILE C 141 5.58 -20.43 14.23
CA ILE C 141 4.38 -19.79 13.69
C ILE C 141 4.16 -20.26 12.23
N PRO C 142 2.95 -20.03 11.67
CA PRO C 142 2.76 -20.47 10.29
C PRO C 142 3.81 -19.79 9.42
N GLY C 143 4.42 -20.55 8.51
CA GLY C 143 5.45 -19.97 7.68
C GLY C 143 5.16 -19.95 6.19
N ALA C 144 3.92 -20.21 5.77
CA ALA C 144 3.58 -20.17 4.36
C ALA C 144 2.20 -19.52 4.15
N GLY C 145 1.97 -18.40 4.83
CA GLY C 145 0.73 -17.65 4.70
C GLY C 145 -0.40 -17.96 5.65
N GLY C 146 -0.13 -18.73 6.69
CA GLY C 146 -1.19 -19.09 7.61
C GLY C 146 -1.61 -17.91 8.47
N THR C 147 -0.71 -16.95 8.67
CA THR C 147 -1.07 -15.77 9.43
C THR C 147 -1.59 -14.70 8.46
N GLN C 148 -1.47 -14.95 7.16
CA GLN C 148 -1.89 -13.96 6.15
C GLN C 148 -3.17 -14.24 5.41
N ARG C 149 -3.23 -15.38 4.75
CA ARG C 149 -4.38 -15.76 3.98
C ARG C 149 -5.51 -16.11 4.87
N LEU C 150 -5.18 -16.65 6.05
CA LEU C 150 -6.23 -17.05 7.01
C LEU C 150 -6.94 -15.80 7.49
N THR C 151 -6.15 -14.87 7.99
CA THR C 151 -6.64 -13.59 8.50
C THR C 151 -7.50 -12.89 7.46
N ARG C 152 -7.04 -12.86 6.22
CA ARG C 152 -7.77 -12.21 5.13
C ARG C 152 -9.09 -12.91 4.77
N ALA C 153 -9.22 -14.19 5.07
CA ALA C 153 -10.46 -14.86 4.72
C ALA C 153 -11.42 -14.95 5.88
N VAL C 154 -10.87 -15.12 7.06
CA VAL C 154 -11.66 -15.37 8.25
C VAL C 154 -11.87 -14.22 9.24
N GLY C 155 -10.99 -13.23 9.18
CA GLY C 155 -11.09 -12.10 10.09
C GLY C 155 -10.05 -12.20 11.19
N LYS C 156 -9.71 -11.08 11.79
CA LYS C 156 -8.71 -11.04 12.85
C LYS C 156 -9.02 -11.87 14.09
N SER C 157 -10.26 -11.82 14.58
CA SER C 157 -10.60 -12.54 15.80
C SER C 157 -10.41 -14.05 15.66
N LEU C 158 -11.02 -14.66 14.64
CA LEU C 158 -10.87 -16.10 14.42
C LEU C 158 -9.43 -16.45 14.04
N ALA C 159 -8.80 -15.70 13.14
CA ALA C 159 -7.41 -15.95 12.76
C ALA C 159 -6.54 -15.94 14.01
N MET C 160 -6.64 -14.88 14.82
CA MET C 160 -5.84 -14.77 16.05
C MET C 160 -6.10 -15.94 16.98
N GLU C 161 -7.35 -16.31 17.10
CA GLU C 161 -7.69 -17.41 17.94
C GLU C 161 -7.06 -18.73 17.45
N MET C 162 -7.14 -18.97 16.16
CA MET C 162 -6.62 -20.18 15.54
C MET C 162 -5.12 -20.26 15.58
N VAL C 163 -4.45 -19.15 15.25
CA VAL C 163 -3.00 -19.10 15.24
C VAL C 163 -2.38 -19.12 16.63
N LEU C 164 -3.02 -18.45 17.60
CA LEU C 164 -2.49 -18.31 18.97
C LEU C 164 -2.78 -19.51 19.87
N THR C 165 -3.91 -20.18 19.63
CA THR C 165 -4.25 -21.35 20.43
C THR C 165 -3.90 -22.68 19.74
N GLY C 166 -3.92 -22.70 18.41
CA GLY C 166 -3.63 -23.92 17.67
C GLY C 166 -4.91 -24.70 17.47
N ASP C 167 -6.04 -24.17 17.92
CA ASP C 167 -7.32 -24.86 17.78
C ASP C 167 -7.78 -25.07 16.32
N ARG C 168 -8.59 -26.09 16.11
CA ARG C 168 -9.10 -26.40 14.79
C ARG C 168 -10.52 -25.93 14.65
N ILE C 169 -10.91 -25.64 13.41
CA ILE C 169 -12.29 -25.26 13.13
C ILE C 169 -12.81 -26.30 12.17
N SER C 170 -14.12 -26.47 12.19
CA SER C 170 -14.80 -27.44 11.36
C SER C 170 -15.01 -26.93 9.95
N ALA C 171 -15.53 -27.80 9.11
CA ALA C 171 -15.83 -27.47 7.73
C ALA C 171 -16.86 -26.34 7.73
N GLN C 172 -17.86 -26.47 8.59
CA GLN C 172 -18.92 -25.46 8.70
C GLN C 172 -18.38 -24.13 9.17
N ASP C 173 -17.50 -24.13 10.17
CA ASP C 173 -16.96 -22.87 10.64
C ASP C 173 -16.18 -22.22 9.52
N ALA C 174 -15.45 -23.05 8.79
CA ALA C 174 -14.64 -22.58 7.70
C ALA C 174 -15.49 -21.96 6.60
N LYS C 175 -16.61 -22.59 6.27
CA LYS C 175 -17.46 -22.06 5.23
C LYS C 175 -18.16 -20.79 5.70
N GLN C 176 -18.71 -20.82 6.90
CA GLN C 176 -19.38 -19.67 7.50
C GLN C 176 -18.46 -18.45 7.45
N ALA C 177 -17.19 -18.68 7.77
CA ALA C 177 -16.17 -17.66 7.78
C ALA C 177 -15.61 -17.32 6.40
N GLY C 178 -15.95 -18.07 5.36
CA GLY C 178 -15.44 -17.75 4.02
C GLY C 178 -14.08 -18.33 3.67
N LEU C 179 -13.57 -19.24 4.50
CA LEU C 179 -12.28 -19.85 4.20
C LEU C 179 -12.52 -20.82 3.03
N VAL C 180 -13.67 -21.48 3.03
CA VAL C 180 -14.05 -22.44 1.98
C VAL C 180 -15.40 -22.01 1.43
N SER C 181 -15.68 -22.30 0.17
CA SER C 181 -16.93 -21.86 -0.41
C SER C 181 -18.00 -22.89 -0.56
N LYS C 182 -17.67 -24.14 -0.33
CA LYS C 182 -18.69 -25.18 -0.48
C LYS C 182 -18.32 -26.36 0.40
N ILE C 183 -19.33 -27.02 0.95
CA ILE C 183 -19.07 -28.22 1.76
C ILE C 183 -19.79 -29.36 1.06
N PHE C 184 -19.09 -30.49 0.94
CA PHE C 184 -19.67 -31.66 0.27
C PHE C 184 -19.38 -32.92 1.07
N PRO C 185 -20.22 -33.97 0.91
CA PRO C 185 -20.03 -35.23 1.63
C PRO C 185 -18.64 -35.75 1.34
N VAL C 186 -18.04 -36.35 2.34
CA VAL C 186 -16.69 -36.89 2.22
C VAL C 186 -16.52 -37.69 0.93
N GLU C 187 -17.51 -38.50 0.61
CA GLU C 187 -17.43 -39.36 -0.56
C GLU C 187 -17.54 -38.67 -1.91
N THR C 188 -18.43 -37.68 -2.01
CA THR C 188 -18.65 -36.95 -3.27
C THR C 188 -17.81 -35.69 -3.45
N LEU C 189 -17.05 -35.34 -2.43
CA LEU C 189 -16.23 -34.14 -2.47
C LEU C 189 -15.36 -33.96 -3.73
N VAL C 190 -14.40 -34.86 -3.97
CA VAL C 190 -13.50 -34.72 -5.12
C VAL C 190 -14.23 -34.68 -6.46
N GLU C 191 -15.27 -35.48 -6.56
CA GLU C 191 -16.11 -35.56 -7.75
C GLU C 191 -16.72 -34.17 -7.97
N GLU C 192 -17.26 -33.58 -6.91
CA GLU C 192 -17.89 -32.25 -6.92
C GLU C 192 -16.89 -31.16 -7.25
N ALA C 193 -15.66 -31.31 -6.77
CA ALA C 193 -14.63 -30.33 -7.06
C ALA C 193 -14.28 -30.43 -8.56
N ILE C 194 -14.23 -31.66 -9.08
CA ILE C 194 -13.90 -31.90 -10.49
C ILE C 194 -14.98 -31.28 -11.38
N GLN C 195 -16.23 -31.35 -10.92
CA GLN C 195 -17.33 -30.75 -11.69
C GLN C 195 -17.10 -29.24 -11.78
N CYS C 196 -16.62 -28.63 -10.69
CA CYS C 196 -16.33 -27.20 -10.64
C CYS C 196 -15.16 -26.93 -11.59
N ALA C 197 -14.08 -27.71 -11.45
CA ALA C 197 -12.87 -27.58 -12.26
C ALA C 197 -13.22 -27.73 -13.75
N GLU C 198 -14.22 -28.55 -14.01
CA GLU C 198 -14.70 -28.81 -15.35
C GLU C 198 -15.34 -27.54 -15.88
N LYS C 199 -16.27 -26.97 -15.11
CA LYS C 199 -16.93 -25.72 -15.50
C LYS C 199 -15.87 -24.67 -15.87
N ILE C 200 -14.84 -24.58 -15.04
CA ILE C 200 -13.79 -23.60 -15.27
C ILE C 200 -13.06 -23.94 -16.56
N ALA C 201 -12.73 -25.23 -16.72
CA ALA C 201 -12.04 -25.76 -17.88
C ALA C 201 -12.82 -25.49 -19.18
N ASN C 202 -14.14 -25.44 -19.06
CA ASN C 202 -15.00 -25.18 -20.21
C ASN C 202 -14.77 -23.82 -20.84
N ASN C 203 -14.48 -22.83 -20.00
CA ASN C 203 -14.28 -21.46 -20.47
C ASN C 203 -12.90 -21.26 -21.08
N SER C 204 -12.71 -20.12 -21.71
CA SER C 204 -11.44 -19.78 -22.32
C SER C 204 -10.35 -19.80 -21.27
N LYS C 205 -9.24 -20.44 -21.59
CA LYS C 205 -8.18 -20.51 -20.63
C LYS C 205 -7.52 -19.19 -20.45
N ILE C 206 -7.42 -18.39 -21.54
CA ILE C 206 -6.72 -17.11 -21.45
C ILE C 206 -7.52 -16.11 -20.59
N ILE C 207 -8.82 -16.07 -20.81
CA ILE C 207 -9.69 -15.20 -20.07
C ILE C 207 -9.71 -15.66 -18.62
N VAL C 208 -9.82 -16.96 -18.37
CA VAL C 208 -9.86 -17.48 -17.01
C VAL C 208 -8.60 -17.11 -16.26
N ALA C 209 -7.46 -17.13 -16.94
CA ALA C 209 -6.19 -16.80 -16.31
C ALA C 209 -6.16 -15.30 -15.97
N MET C 210 -6.76 -14.48 -16.82
CA MET C 210 -6.84 -13.05 -16.59
C MET C 210 -7.76 -12.78 -15.38
N ALA C 211 -8.92 -13.46 -15.31
CA ALA C 211 -9.87 -13.31 -14.22
C ALA C 211 -9.24 -13.68 -12.89
N LYS C 212 -8.53 -14.78 -12.85
CA LYS C 212 -7.89 -15.28 -11.65
C LYS C 212 -6.81 -14.30 -11.20
N GLU C 213 -6.07 -13.74 -12.15
CA GLU C 213 -5.04 -12.79 -11.83
C GLU C 213 -5.68 -11.50 -11.29
N SER C 214 -6.86 -11.18 -11.76
CA SER C 214 -7.53 -9.98 -11.33
C SER C 214 -8.03 -10.16 -9.89
N VAL C 215 -8.66 -11.30 -9.61
CA VAL C 215 -9.17 -11.58 -8.29
C VAL C 215 -8.01 -11.57 -7.29
N ASN C 216 -6.92 -12.23 -7.63
CA ASN C 216 -5.76 -12.26 -6.76
C ASN C 216 -5.25 -10.86 -6.42
N ALA C 217 -5.43 -9.90 -7.34
CA ALA C 217 -4.95 -8.52 -7.17
C ALA C 217 -5.69 -7.82 -6.05
N ALA C 218 -6.81 -8.37 -5.64
CA ALA C 218 -7.58 -7.77 -4.56
C ALA C 218 -6.78 -7.81 -3.27
N PHE C 219 -5.69 -8.59 -3.22
CA PHE C 219 -4.90 -8.67 -1.98
C PHE C 219 -3.57 -7.99 -2.11
N GLU C 220 -3.35 -7.32 -3.23
CA GLU C 220 -2.06 -6.66 -3.46
C GLU C 220 -2.07 -5.17 -3.76
N MET C 221 -3.25 -4.56 -3.77
CA MET C 221 -3.37 -3.15 -4.07
C MET C 221 -4.55 -2.56 -3.37
N THR C 222 -4.65 -1.24 -3.48
CA THR C 222 -5.79 -0.49 -2.97
C THR C 222 -6.91 -0.77 -3.98
N LEU C 223 -8.16 -0.56 -3.57
CA LEU C 223 -9.29 -0.78 -4.46
C LEU C 223 -9.20 0.07 -5.72
N THR C 224 -8.71 1.29 -5.60
CA THR C 224 -8.58 2.16 -6.75
C THR C 224 -7.71 1.51 -7.82
N GLU C 225 -6.55 1.03 -7.42
CA GLU C 225 -5.61 0.41 -8.31
C GLU C 225 -6.07 -0.96 -8.78
N GLY C 226 -6.75 -1.70 -7.91
CA GLY C 226 -7.27 -3.00 -8.28
C GLY C 226 -8.26 -2.81 -9.42
N ASN C 227 -9.17 -1.86 -9.23
CA ASN C 227 -10.17 -1.54 -10.23
C ASN C 227 -9.51 -1.12 -11.55
N LYS C 228 -8.44 -0.33 -11.47
CA LYS C 228 -7.75 0.10 -12.68
C LYS C 228 -7.06 -1.07 -13.39
N LEU C 229 -6.47 -1.96 -12.63
CA LEU C 229 -5.80 -3.13 -13.19
C LEU C 229 -6.89 -3.99 -13.84
N GLU C 230 -7.95 -4.22 -13.10
CA GLU C 230 -9.05 -5.01 -13.60
C GLU C 230 -9.56 -4.48 -14.93
N LYS C 231 -9.69 -3.16 -15.04
CA LYS C 231 -10.18 -2.50 -16.25
C LYS C 231 -9.24 -2.77 -17.40
N LYS C 232 -7.95 -2.74 -17.13
CA LYS C 232 -6.96 -2.99 -18.17
C LYS C 232 -7.01 -4.43 -18.67
N LEU C 233 -7.22 -5.39 -17.78
CA LEU C 233 -7.35 -6.78 -18.20
C LEU C 233 -8.64 -6.91 -18.98
N PHE C 234 -9.68 -6.25 -18.51
CA PHE C 234 -10.98 -6.24 -19.15
C PHE C 234 -10.81 -5.75 -20.59
N TYR C 235 -10.08 -4.67 -20.80
CA TYR C 235 -9.90 -4.17 -22.16
C TYR C 235 -9.11 -5.22 -22.98
N SER C 236 -8.16 -5.90 -22.33
CA SER C 236 -7.32 -6.89 -22.97
C SER C 236 -8.14 -8.03 -23.51
N THR C 237 -9.24 -8.37 -22.84
CA THR C 237 -10.05 -9.49 -23.31
C THR C 237 -10.57 -9.20 -24.71
N PHE C 238 -10.66 -7.93 -25.06
CA PHE C 238 -11.16 -7.55 -26.38
C PHE C 238 -10.14 -7.83 -27.45
N ALA C 239 -8.92 -8.15 -27.04
CA ALA C 239 -7.87 -8.45 -28.00
C ALA C 239 -7.89 -9.96 -28.28
N THR C 240 -8.81 -10.70 -27.65
CA THR C 240 -8.85 -12.13 -27.87
C THR C 240 -10.03 -12.54 -28.77
N ASP C 241 -9.96 -13.72 -29.37
CA ASP C 241 -11.02 -14.21 -30.23
C ASP C 241 -12.14 -14.73 -29.38
N ASP C 242 -11.77 -15.29 -28.23
CA ASP C 242 -12.73 -15.86 -27.30
C ASP C 242 -13.84 -14.92 -26.82
N ARG C 243 -13.44 -13.67 -26.55
CA ARG C 243 -14.36 -12.64 -26.10
C ARG C 243 -15.40 -12.41 -27.19
N ARG C 244 -14.92 -12.18 -28.41
CA ARG C 244 -15.79 -11.94 -29.57
C ARG C 244 -16.80 -13.10 -29.67
N GLU C 245 -16.29 -14.31 -29.52
CA GLU C 245 -17.08 -15.52 -29.58
C GLU C 245 -18.10 -15.59 -28.48
N GLY C 246 -17.65 -15.35 -27.26
CA GLY C 246 -18.54 -15.42 -26.13
C GLY C 246 -19.65 -14.40 -26.27
N MET C 247 -19.34 -13.20 -26.76
CA MET C 247 -20.38 -12.20 -26.87
C MET C 247 -21.29 -12.43 -28.04
N SER C 248 -20.75 -12.97 -29.14
CA SER C 248 -21.56 -13.29 -30.31
C SER C 248 -22.55 -14.39 -29.92
N ALA C 249 -22.06 -15.42 -29.23
CA ALA C 249 -22.91 -16.52 -28.78
C ALA C 249 -24.16 -16.08 -28.03
N PHE C 250 -24.03 -15.04 -27.22
CA PHE C 250 -25.16 -14.54 -26.45
C PHE C 250 -26.13 -13.88 -27.41
N VAL C 251 -25.61 -12.95 -28.18
CA VAL C 251 -26.41 -12.23 -29.13
C VAL C 251 -27.06 -13.25 -30.05
N GLU C 252 -26.23 -14.09 -30.66
CA GLU C 252 -26.67 -15.14 -31.58
C GLU C 252 -27.38 -16.31 -30.94
N LYS C 253 -27.67 -16.18 -29.66
CA LYS C 253 -28.39 -17.20 -28.92
C LYS C 253 -27.95 -18.58 -29.27
N ARG C 254 -26.65 -18.80 -29.20
CA ARG C 254 -26.07 -20.10 -29.47
C ARG C 254 -24.99 -20.35 -28.42
N LYS C 255 -24.44 -21.56 -28.42
CA LYS C 255 -23.38 -21.95 -27.49
C LYS C 255 -22.04 -21.40 -27.96
N ALA C 256 -21.28 -20.88 -27.00
CA ALA C 256 -19.98 -20.29 -27.28
C ALA C 256 -19.02 -21.42 -27.41
N ASN C 257 -18.07 -21.28 -28.33
CA ASN C 257 -17.08 -22.32 -28.53
C ASN C 257 -15.74 -21.65 -28.39
N PHE C 258 -15.18 -21.80 -27.20
CA PHE C 258 -13.93 -21.14 -26.91
C PHE C 258 -12.75 -21.95 -27.40
N LYS C 259 -11.71 -21.23 -27.81
CA LYS C 259 -10.50 -21.82 -28.34
C LYS C 259 -9.26 -21.39 -27.59
N ASP C 260 -9.47 -20.77 -26.45
CA ASP C 260 -8.36 -20.32 -25.60
C ASP C 260 -7.40 -19.31 -26.20
N HIS C 261 -7.97 -18.39 -26.95
CA HIS C 261 -7.18 -17.33 -27.50
C HIS C 261 -8.09 -16.23 -28.09
N ALA D 2 29.38 -22.96 -16.79
CA ALA D 2 28.94 -23.86 -17.90
C ALA D 2 29.56 -23.31 -19.18
N ASN D 3 29.41 -24.02 -20.30
CA ASN D 3 29.97 -23.55 -21.58
C ASN D 3 29.02 -22.59 -22.25
N PHE D 4 29.36 -21.30 -22.11
CA PHE D 4 28.56 -20.18 -22.56
C PHE D 4 28.77 -19.57 -23.93
N GLN D 5 27.67 -19.43 -24.66
CA GLN D 5 27.67 -18.84 -25.99
C GLN D 5 27.71 -17.31 -25.93
N TYR D 6 26.87 -16.75 -25.05
CA TYR D 6 26.71 -15.31 -24.94
C TYR D 6 27.35 -14.52 -23.82
N ILE D 7 27.90 -15.20 -22.81
CA ILE D 7 28.52 -14.49 -21.69
C ILE D 7 29.83 -15.08 -21.25
N ILE D 8 30.60 -14.28 -20.53
CA ILE D 8 31.89 -14.69 -19.99
C ILE D 8 31.84 -14.51 -18.47
N THR D 9 32.06 -15.59 -17.72
CA THR D 9 32.06 -15.45 -16.27
C THR D 9 33.49 -15.59 -15.78
N GLU D 10 33.80 -14.93 -14.65
CA GLU D 10 35.15 -14.92 -14.08
C GLU D 10 35.01 -14.69 -12.59
N LYS D 11 35.92 -15.21 -11.79
CA LYS D 11 35.87 -14.98 -10.36
C LYS D 11 36.99 -14.05 -10.13
N LYS D 12 36.68 -12.85 -9.72
CA LYS D 12 37.69 -11.86 -9.50
C LYS D 12 37.79 -11.43 -8.05
N GLY D 13 38.61 -10.43 -7.83
CA GLY D 13 38.77 -9.86 -6.51
C GLY D 13 39.51 -10.72 -5.53
N LYS D 14 39.85 -10.12 -4.39
CA LYS D 14 40.55 -10.79 -3.31
C LYS D 14 39.85 -12.08 -2.97
N ASN D 15 40.63 -13.15 -2.84
CA ASN D 15 40.09 -14.47 -2.54
C ASN D 15 39.05 -14.93 -3.55
N SER D 16 39.06 -14.34 -4.75
CA SER D 16 38.10 -14.71 -5.81
C SER D 16 36.69 -14.62 -5.27
N SER D 17 36.45 -13.54 -4.53
CA SER D 17 35.16 -13.30 -3.87
C SER D 17 34.12 -12.62 -4.74
N VAL D 18 34.56 -11.99 -5.83
CA VAL D 18 33.63 -11.31 -6.74
C VAL D 18 33.40 -12.18 -7.97
N GLY D 19 32.14 -12.38 -8.30
CA GLY D 19 31.80 -13.17 -9.46
C GLY D 19 31.52 -12.19 -10.58
N LEU D 20 32.38 -12.16 -11.59
CA LEU D 20 32.22 -11.27 -12.74
C LEU D 20 31.45 -11.93 -13.88
N ILE D 21 30.36 -11.32 -14.33
CA ILE D 21 29.58 -11.83 -15.46
C ILE D 21 29.64 -10.78 -16.53
N GLN D 22 29.99 -11.18 -17.74
CA GLN D 22 30.14 -10.22 -18.81
C GLN D 22 29.32 -10.59 -20.02
N LEU D 23 28.41 -9.69 -20.40
CA LEU D 23 27.60 -9.91 -21.59
C LEU D 23 28.62 -9.90 -22.74
N ASN D 24 28.54 -10.91 -23.59
CA ASN D 24 29.50 -11.01 -24.67
C ASN D 24 28.79 -11.38 -25.96
N ARG D 25 28.16 -10.39 -26.58
CA ARG D 25 27.42 -10.60 -27.80
C ARG D 25 27.57 -9.22 -28.42
N PRO D 26 28.81 -8.73 -28.54
CA PRO D 26 29.11 -7.40 -29.10
C PRO D 26 28.55 -7.05 -30.49
N LYS D 27 28.36 -8.04 -31.35
CA LYS D 27 27.82 -7.73 -32.68
C LYS D 27 26.41 -7.18 -32.57
N ALA D 28 25.67 -7.62 -31.55
CA ALA D 28 24.31 -7.13 -31.34
C ALA D 28 24.35 -6.16 -30.17
N LEU D 29 25.53 -5.59 -29.93
CA LEU D 29 25.74 -4.65 -28.85
C LEU D 29 25.08 -5.13 -27.56
N ASN D 30 25.25 -6.42 -27.30
CA ASN D 30 24.71 -7.08 -26.12
C ASN D 30 23.19 -7.11 -26.01
N ALA D 31 22.50 -7.05 -27.14
CA ALA D 31 21.06 -7.13 -27.16
C ALA D 31 20.66 -8.41 -26.43
N LEU D 32 19.68 -8.32 -25.53
CA LEU D 32 19.24 -9.43 -24.70
C LEU D 32 18.32 -10.44 -25.36
N CYS D 33 18.85 -11.53 -25.86
CA CYS D 33 17.97 -12.54 -26.44
C CYS D 33 17.72 -13.62 -25.42
N ASN D 34 16.73 -14.48 -25.65
CA ASN D 34 16.38 -15.56 -24.74
C ASN D 34 17.57 -16.37 -24.30
N GLY D 35 18.46 -16.69 -25.23
CA GLY D 35 19.64 -17.47 -24.94
C GLY D 35 20.59 -16.75 -24.01
N LEU D 36 20.80 -15.47 -24.27
CA LEU D 36 21.68 -14.66 -23.41
C LEU D 36 21.11 -14.70 -21.98
N ILE D 37 19.79 -14.46 -21.85
CA ILE D 37 19.12 -14.44 -20.54
C ILE D 37 19.20 -15.75 -19.78
N GLU D 38 19.06 -16.86 -20.51
CA GLU D 38 19.09 -18.19 -19.94
C GLU D 38 20.49 -18.44 -19.40
N GLU D 39 21.50 -17.92 -20.08
CA GLU D 39 22.86 -18.13 -19.62
C GLU D 39 23.16 -17.22 -18.46
N LEU D 40 22.67 -15.98 -18.54
CA LEU D 40 22.87 -14.96 -17.50
C LEU D 40 22.31 -15.52 -16.21
N ASN D 41 21.11 -16.07 -16.28
CA ASN D 41 20.49 -16.64 -15.11
C ASN D 41 21.26 -17.85 -14.56
N GLN D 42 21.86 -18.64 -15.44
CA GLN D 42 22.64 -19.81 -15.02
C GLN D 42 23.85 -19.33 -14.25
N ALA D 43 24.55 -18.36 -14.82
CA ALA D 43 25.73 -17.80 -14.22
C ALA D 43 25.40 -17.19 -12.85
N LEU D 44 24.23 -16.53 -12.77
CA LEU D 44 23.80 -15.85 -11.54
C LEU D 44 23.56 -16.86 -10.46
N GLU D 45 22.82 -17.89 -10.81
CA GLU D 45 22.53 -18.95 -9.87
C GLU D 45 23.81 -19.66 -9.39
N THR D 46 24.79 -19.83 -10.27
CA THR D 46 26.03 -20.48 -9.92
C THR D 46 26.79 -19.67 -8.90
N PHE D 47 26.99 -18.39 -9.18
CA PHE D 47 27.69 -17.47 -8.27
C PHE D 47 26.91 -17.37 -6.97
N GLU D 48 25.61 -17.55 -7.08
CA GLU D 48 24.74 -17.50 -5.93
C GLU D 48 25.02 -18.70 -5.05
N GLU D 49 25.21 -19.85 -5.67
CA GLU D 49 25.49 -21.06 -4.91
C GLU D 49 26.98 -21.23 -4.58
N ASP D 50 27.80 -20.29 -5.03
CA ASP D 50 29.23 -20.37 -4.77
C ASP D 50 29.57 -19.64 -3.50
N PRO D 51 29.87 -20.39 -2.43
CA PRO D 51 30.23 -19.91 -1.10
C PRO D 51 31.37 -18.96 -1.09
N ALA D 52 32.22 -19.02 -2.09
CA ALA D 52 33.36 -18.11 -2.13
C ALA D 52 32.98 -16.73 -2.60
N VAL D 53 31.89 -16.68 -3.33
CA VAL D 53 31.37 -15.47 -3.92
C VAL D 53 30.39 -14.75 -2.97
N GLY D 54 30.72 -13.51 -2.64
CA GLY D 54 29.88 -12.69 -1.79
C GLY D 54 29.14 -11.59 -2.55
N ALA D 55 29.64 -11.20 -3.72
CA ALA D 55 29.03 -10.15 -4.52
C ALA D 55 29.28 -10.44 -5.98
N ILE D 56 28.35 -10.05 -6.83
CA ILE D 56 28.47 -10.24 -8.28
C ILE D 56 28.55 -8.90 -9.02
N VAL D 57 29.36 -8.84 -10.06
CA VAL D 57 29.50 -7.63 -10.89
C VAL D 57 29.03 -8.00 -12.29
N LEU D 58 28.02 -7.30 -12.81
CA LEU D 58 27.49 -7.57 -14.14
C LEU D 58 27.95 -6.43 -15.02
N THR D 59 28.47 -6.74 -16.20
CA THR D 59 28.95 -5.72 -17.13
C THR D 59 28.84 -6.24 -18.57
N GLY D 60 29.08 -5.37 -19.54
CA GLY D 60 28.98 -5.79 -20.92
C GLY D 60 30.28 -5.36 -21.52
N GLY D 61 30.21 -4.77 -22.69
CA GLY D 61 31.42 -4.30 -23.36
C GLY D 61 31.61 -2.81 -23.12
N GLU D 62 32.73 -2.28 -23.60
CA GLU D 62 33.05 -0.87 -23.46
C GLU D 62 32.04 0.04 -24.19
N LYS D 63 31.51 -0.45 -25.32
CA LYS D 63 30.58 0.32 -26.12
C LYS D 63 29.12 0.14 -25.67
N ALA D 64 28.82 -0.99 -25.05
CA ALA D 64 27.48 -1.22 -24.63
C ALA D 64 27.38 -2.25 -23.52
N PHE D 65 26.59 -1.92 -22.52
CA PHE D 65 26.29 -2.82 -21.41
C PHE D 65 25.26 -3.78 -22.04
N ALA D 66 24.21 -3.23 -22.65
CA ALA D 66 23.17 -4.00 -23.31
C ALA D 66 22.27 -2.98 -23.95
N ALA D 67 22.28 -3.00 -25.27
CA ALA D 67 21.47 -2.09 -26.06
C ALA D 67 20.01 -2.52 -26.29
N GLY D 68 19.40 -3.30 -25.42
CA GLY D 68 18.01 -3.60 -25.65
C GLY D 68 17.73 -5.04 -25.81
N ALA D 69 16.44 -5.37 -25.84
CA ALA D 69 16.01 -6.74 -26.02
C ALA D 69 16.28 -7.02 -27.48
N ASP D 70 16.05 -8.24 -27.92
CA ASP D 70 16.27 -8.56 -29.31
C ASP D 70 14.96 -8.39 -30.05
N ILE D 71 14.84 -7.30 -30.82
CA ILE D 71 13.58 -6.99 -31.52
C ILE D 71 13.14 -8.05 -32.49
N LYS D 72 14.08 -8.64 -33.20
CA LYS D 72 13.68 -9.70 -34.14
C LYS D 72 12.88 -10.77 -33.39
N GLU D 73 13.29 -11.07 -32.17
CA GLU D 73 12.63 -12.10 -31.36
C GLU D 73 11.22 -11.72 -30.91
N MET D 74 10.97 -10.43 -30.75
CA MET D 74 9.64 -10.01 -30.33
C MET D 74 8.79 -9.73 -31.55
N GLN D 75 9.40 -9.31 -32.65
CA GLN D 75 8.68 -8.91 -33.88
C GLN D 75 7.43 -9.64 -34.36
N ASN D 76 7.32 -10.93 -34.13
CA ASN D 76 6.14 -11.63 -34.63
C ASN D 76 5.17 -12.15 -33.57
N ARG D 77 5.25 -11.62 -32.35
CA ARG D 77 4.35 -12.05 -31.30
C ARG D 77 3.03 -11.31 -31.35
N THR D 78 2.00 -11.96 -30.82
CA THR D 78 0.70 -11.34 -30.70
C THR D 78 0.41 -11.16 -29.20
N PHE D 79 -0.69 -10.52 -28.88
CA PHE D 79 -1.03 -10.28 -27.51
C PHE D 79 -1.20 -11.58 -26.77
N GLN D 80 -1.98 -12.49 -27.35
CA GLN D 80 -2.22 -13.79 -26.73
C GLN D 80 -0.93 -14.60 -26.58
N ASP D 81 0.03 -14.45 -27.49
CA ASP D 81 1.28 -15.18 -27.37
C ASP D 81 1.96 -14.65 -26.13
N CYS D 82 2.02 -13.32 -26.03
CA CYS D 82 2.66 -12.66 -24.92
C CYS D 82 2.08 -13.11 -23.61
N TYR D 83 0.77 -13.05 -23.55
CA TYR D 83 0.11 -13.39 -22.33
C TYR D 83 0.29 -14.84 -21.97
N SER D 84 -0.22 -15.75 -22.81
CA SER D 84 -0.15 -17.17 -22.54
C SER D 84 1.24 -17.75 -22.42
N GLY D 85 2.21 -17.14 -23.10
CA GLY D 85 3.58 -17.62 -23.07
C GLY D 85 4.47 -16.96 -22.03
N LYS D 86 3.87 -16.15 -21.17
CA LYS D 86 4.58 -15.43 -20.10
C LYS D 86 5.85 -14.78 -20.65
N PHE D 87 5.69 -14.06 -21.76
CA PHE D 87 6.79 -13.37 -22.45
C PHE D 87 7.63 -12.51 -21.48
N LEU D 88 8.95 -12.69 -21.53
CA LEU D 88 9.92 -11.98 -20.68
C LEU D 88 9.94 -12.36 -19.19
N SER D 89 9.29 -13.45 -18.82
CA SER D 89 9.25 -13.84 -17.40
C SER D 89 10.58 -14.27 -16.76
N HIS D 90 11.55 -14.69 -17.56
CA HIS D 90 12.82 -15.09 -16.95
C HIS D 90 13.76 -13.91 -16.91
N TRP D 91 13.25 -12.78 -17.37
CA TRP D 91 14.02 -11.56 -17.43
C TRP D 91 14.40 -10.97 -16.09
N ASP D 92 13.49 -11.04 -15.11
CA ASP D 92 13.77 -10.49 -13.79
C ASP D 92 14.26 -11.52 -12.76
N HIS D 93 14.90 -12.59 -13.21
CA HIS D 93 15.38 -13.60 -12.26
C HIS D 93 16.45 -13.02 -11.34
N ILE D 94 17.23 -12.10 -11.88
CA ILE D 94 18.31 -11.47 -11.16
C ILE D 94 17.81 -10.89 -9.84
N THR D 95 16.54 -10.57 -9.81
CA THR D 95 15.93 -9.99 -8.64
C THR D 95 15.71 -11.01 -7.53
N ARG D 96 15.94 -12.29 -7.83
CA ARG D 96 15.77 -13.33 -6.83
C ARG D 96 17.09 -13.70 -6.15
N ILE D 97 18.19 -13.15 -6.66
CA ILE D 97 19.50 -13.41 -6.13
C ILE D 97 19.65 -12.64 -4.81
N LYS D 98 20.00 -13.35 -3.73
CA LYS D 98 20.20 -12.73 -2.41
C LYS D 98 21.51 -11.96 -2.29
N LYS D 99 22.57 -12.43 -2.96
CA LYS D 99 23.88 -11.77 -2.92
C LYS D 99 23.78 -10.47 -3.71
N PRO D 100 24.53 -9.43 -3.29
CA PRO D 100 24.46 -8.17 -4.04
C PRO D 100 25.00 -8.29 -5.45
N VAL D 101 24.38 -7.55 -6.39
CA VAL D 101 24.82 -7.46 -7.77
C VAL D 101 25.05 -5.99 -8.08
N ILE D 102 26.22 -5.68 -8.61
CA ILE D 102 26.60 -4.33 -8.95
C ILE D 102 26.70 -4.32 -10.46
N ALA D 103 26.07 -3.36 -11.12
CA ALA D 103 26.13 -3.28 -12.58
C ALA D 103 27.19 -2.29 -12.92
N ALA D 104 28.14 -2.70 -13.76
CA ALA D 104 29.18 -1.78 -14.18
C ALA D 104 28.81 -1.42 -15.63
N VAL D 105 28.08 -0.32 -15.78
CA VAL D 105 27.59 0.11 -17.08
C VAL D 105 28.51 1.01 -17.88
N ASN D 106 29.04 0.47 -18.98
CA ASN D 106 29.91 1.19 -19.90
C ASN D 106 29.12 1.25 -21.19
N GLY D 107 29.10 2.43 -21.82
CA GLY D 107 28.37 2.59 -23.06
C GLY D 107 26.85 2.57 -22.94
N TYR D 108 26.19 2.03 -23.94
CA TYR D 108 24.75 1.97 -23.94
C TYR D 108 24.16 0.99 -22.93
N ALA D 109 23.07 1.40 -22.28
CA ALA D 109 22.29 0.57 -21.37
C ALA D 109 20.92 1.11 -21.74
N LEU D 110 20.36 0.57 -22.82
CA LEU D 110 19.09 1.02 -23.34
C LEU D 110 18.06 -0.05 -23.29
N GLY D 111 16.81 0.34 -23.17
CA GLY D 111 15.72 -0.61 -23.14
C GLY D 111 15.93 -1.69 -22.09
N GLY D 112 15.84 -2.94 -22.52
CA GLY D 112 16.03 -4.08 -21.63
C GLY D 112 17.36 -4.04 -20.92
N GLY D 113 18.30 -3.30 -21.48
CA GLY D 113 19.64 -3.14 -20.89
C GLY D 113 19.64 -2.19 -19.72
N CYS D 114 18.84 -1.14 -19.79
CA CYS D 114 18.71 -0.14 -18.73
C CYS D 114 18.00 -0.80 -17.55
N GLU D 115 16.97 -1.57 -17.88
CA GLU D 115 16.15 -2.27 -16.93
C GLU D 115 16.95 -3.31 -16.16
N LEU D 116 17.81 -4.01 -16.86
CA LEU D 116 18.67 -5.03 -16.26
C LEU D 116 19.65 -4.36 -15.29
N ALA D 117 20.20 -3.22 -15.70
CA ALA D 117 21.11 -2.48 -14.85
C ALA D 117 20.35 -1.99 -13.63
N MET D 118 19.12 -1.56 -13.81
CA MET D 118 18.32 -1.03 -12.70
C MET D 118 17.90 -2.13 -11.77
N MET D 119 17.86 -3.36 -12.28
CA MET D 119 17.47 -4.51 -11.44
C MET D 119 18.60 -4.82 -10.49
N CYS D 120 19.81 -4.37 -10.84
CA CYS D 120 20.97 -4.57 -10.00
C CYS D 120 20.85 -3.68 -8.76
N ASP D 121 21.55 -4.04 -7.70
CA ASP D 121 21.47 -3.27 -6.47
C ASP D 121 22.22 -1.96 -6.54
N ILE D 122 23.36 -1.96 -7.21
CA ILE D 122 24.14 -0.74 -7.31
C ILE D 122 24.51 -0.59 -8.77
N ILE D 123 24.61 0.66 -9.23
CA ILE D 123 25.02 0.89 -10.60
C ILE D 123 26.20 1.84 -10.62
N TYR D 124 27.27 1.42 -11.29
CA TYR D 124 28.44 2.26 -11.46
C TYR D 124 28.42 2.51 -12.94
N ALA D 125 28.74 3.72 -13.35
CA ALA D 125 28.74 4.05 -14.76
C ALA D 125 30.07 4.55 -15.30
N GLY D 126 30.38 4.15 -16.53
CA GLY D 126 31.59 4.64 -17.15
C GLY D 126 31.33 6.08 -17.60
N GLU D 127 32.38 6.85 -17.85
CA GLU D 127 32.18 8.24 -18.26
C GLU D 127 31.34 8.43 -19.52
N LYS D 128 31.39 7.44 -20.42
CA LYS D 128 30.67 7.55 -21.67
C LYS D 128 29.36 6.76 -21.64
N ALA D 129 28.92 6.36 -20.46
CA ALA D 129 27.67 5.60 -20.35
C ALA D 129 26.45 6.42 -20.70
N GLN D 130 25.43 5.76 -21.25
CA GLN D 130 24.19 6.38 -21.66
C GLN D 130 23.03 5.50 -21.27
N PHE D 131 22.02 6.07 -20.62
CA PHE D 131 20.85 5.28 -20.22
C PHE D 131 19.65 5.77 -20.99
N GLY D 132 18.71 4.88 -21.25
CA GLY D 132 17.53 5.28 -21.98
C GLY D 132 16.52 4.17 -22.13
N GLN D 133 15.28 4.55 -22.37
CA GLN D 133 14.19 3.61 -22.58
C GLN D 133 13.54 3.94 -23.94
N PRO D 134 14.17 3.50 -25.05
CA PRO D 134 13.66 3.76 -26.42
C PRO D 134 12.52 2.89 -26.91
N GLU D 135 11.89 2.16 -26.01
CA GLU D 135 10.80 1.27 -26.38
C GLU D 135 9.65 1.94 -27.14
N ILE D 136 9.35 3.18 -26.74
CA ILE D 136 8.28 3.96 -27.32
C ILE D 136 8.52 4.16 -28.84
N LEU D 137 9.78 4.26 -29.23
CA LEU D 137 10.18 4.41 -30.62
C LEU D 137 9.85 3.14 -31.43
N LEU D 138 9.62 2.04 -30.73
CA LEU D 138 9.32 0.78 -31.40
C LEU D 138 7.87 0.45 -31.27
N GLY D 139 7.07 1.38 -30.79
CA GLY D 139 5.66 1.09 -30.66
C GLY D 139 5.31 0.22 -29.46
N THR D 140 6.21 0.18 -28.48
CA THR D 140 5.90 -0.57 -27.28
C THR D 140 6.38 0.26 -26.07
N ILE D 141 6.23 -0.27 -24.86
CA ILE D 141 6.68 0.43 -23.63
C ILE D 141 7.70 -0.47 -22.90
N PRO D 142 8.41 0.07 -21.88
CA PRO D 142 9.37 -0.77 -21.18
C PRO D 142 8.61 -1.91 -20.55
N GLY D 143 9.16 -3.13 -20.64
CA GLY D 143 8.45 -4.29 -20.10
C GLY D 143 9.16 -5.05 -19.01
N ALA D 144 10.21 -4.48 -18.42
CA ALA D 144 10.90 -5.15 -17.32
C ALA D 144 11.28 -4.15 -16.23
N GLY D 145 10.35 -3.26 -15.90
CA GLY D 145 10.59 -2.26 -14.87
C GLY D 145 11.14 -0.93 -15.31
N GLY D 146 11.13 -0.65 -16.61
CA GLY D 146 11.66 0.63 -17.09
C GLY D 146 10.78 1.81 -16.71
N THR D 147 9.50 1.56 -16.53
CA THR D 147 8.57 2.60 -16.15
C THR D 147 8.46 2.68 -14.62
N GLN D 148 9.04 1.68 -13.93
CA GLN D 148 8.94 1.60 -12.48
C GLN D 148 10.17 1.96 -11.69
N ARG D 149 11.27 1.28 -11.97
CA ARG D 149 12.52 1.52 -11.25
C ARG D 149 13.12 2.83 -11.69
N LEU D 150 12.91 3.19 -12.94
CA LEU D 150 13.46 4.45 -13.46
C LEU D 150 12.79 5.62 -12.73
N THR D 151 11.46 5.58 -12.70
CA THR D 151 10.66 6.60 -12.08
C THR D 151 11.04 6.75 -10.61
N ARG D 152 11.18 5.61 -9.91
CA ARG D 152 11.53 5.61 -8.51
C ARG D 152 12.93 6.12 -8.23
N ALA D 153 13.81 6.12 -9.21
CA ALA D 153 15.15 6.61 -8.98
C ALA D 153 15.35 8.02 -9.46
N VAL D 154 14.67 8.33 -10.54
CA VAL D 154 14.90 9.58 -11.21
C VAL D 154 13.80 10.66 -11.07
N GLY D 155 12.63 10.24 -10.65
CA GLY D 155 11.55 11.20 -10.50
C GLY D 155 10.62 11.17 -11.68
N LYS D 156 9.41 11.66 -11.49
CA LYS D 156 8.43 11.66 -12.57
C LYS D 156 8.76 12.43 -13.82
N SER D 157 9.23 13.67 -13.70
CA SER D 157 9.51 14.47 -14.88
C SER D 157 10.58 13.83 -15.80
N LEU D 158 11.73 13.45 -15.26
CA LEU D 158 12.74 12.82 -16.11
C LEU D 158 12.29 11.46 -16.62
N ALA D 159 11.62 10.65 -15.79
CA ALA D 159 11.18 9.34 -16.21
C ALA D 159 10.17 9.45 -17.34
N MET D 160 9.19 10.33 -17.21
CA MET D 160 8.17 10.55 -18.25
C MET D 160 8.86 10.99 -19.54
N GLU D 161 9.78 11.93 -19.39
CA GLU D 161 10.50 12.46 -20.55
C GLU D 161 11.31 11.37 -21.25
N MET D 162 11.96 10.51 -20.49
CA MET D 162 12.78 9.44 -21.04
C MET D 162 11.93 8.36 -21.70
N VAL D 163 10.86 7.96 -21.04
CA VAL D 163 9.95 6.93 -21.52
C VAL D 163 9.05 7.36 -22.66
N LEU D 164 8.64 8.62 -22.67
CA LEU D 164 7.74 9.14 -23.69
C LEU D 164 8.47 9.59 -24.97
N THR D 165 9.73 10.01 -24.86
CA THR D 165 10.48 10.44 -26.04
C THR D 165 11.54 9.41 -26.51
N GLY D 166 12.01 8.58 -25.60
CA GLY D 166 13.02 7.59 -25.94
C GLY D 166 14.41 8.21 -25.84
N ASP D 167 14.49 9.45 -25.39
CA ASP D 167 15.78 10.13 -25.26
C ASP D 167 16.74 9.49 -24.23
N ARG D 168 18.03 9.64 -24.46
CA ARG D 168 19.04 9.09 -23.58
C ARG D 168 19.56 10.14 -22.68
N ILE D 169 20.08 9.70 -21.55
CA ILE D 169 20.70 10.60 -20.60
C ILE D 169 22.10 10.08 -20.42
N SER D 170 22.99 10.98 -20.08
CA SER D 170 24.38 10.67 -19.87
C SER D 170 24.64 10.06 -18.50
N ALA D 171 25.88 9.65 -18.27
CA ALA D 171 26.30 9.08 -17.00
C ALA D 171 26.12 10.16 -15.92
N GLN D 172 26.46 11.39 -16.25
CA GLN D 172 26.35 12.50 -15.31
C GLN D 172 24.92 12.78 -14.91
N ASP D 173 24.01 12.79 -15.88
CA ASP D 173 22.59 13.02 -15.60
C ASP D 173 22.08 11.88 -14.74
N ALA D 174 22.51 10.67 -15.07
CA ALA D 174 22.07 9.49 -14.32
C ALA D 174 22.55 9.57 -12.87
N LYS D 175 23.77 10.08 -12.64
CA LYS D 175 24.29 10.16 -11.28
C LYS D 175 23.61 11.29 -10.54
N GLN D 176 23.46 12.43 -11.22
CA GLN D 176 22.81 13.61 -10.65
C GLN D 176 21.43 13.22 -10.15
N ALA D 177 20.74 12.43 -10.96
CA ALA D 177 19.40 11.97 -10.63
C ALA D 177 19.32 10.79 -9.67
N GLY D 178 20.43 10.11 -9.43
CA GLY D 178 20.40 8.97 -8.50
C GLY D 178 20.18 7.61 -9.11
N LEU D 179 20.22 7.53 -10.43
CA LEU D 179 20.04 6.25 -11.13
C LEU D 179 21.30 5.41 -10.87
N VAL D 180 22.45 6.08 -10.88
CA VAL D 180 23.75 5.46 -10.63
C VAL D 180 24.43 6.19 -9.47
N SER D 181 25.25 5.48 -8.70
CA SER D 181 25.86 6.13 -7.56
C SER D 181 27.28 6.56 -7.74
N LYS D 182 27.92 6.08 -8.79
CA LYS D 182 29.31 6.45 -8.99
C LYS D 182 29.61 6.47 -10.48
N ILE D 183 30.51 7.34 -10.90
CA ILE D 183 30.93 7.35 -12.30
C ILE D 183 32.44 7.15 -12.28
N PHE D 184 32.94 6.29 -13.16
CA PHE D 184 34.36 6.00 -13.24
C PHE D 184 34.78 5.97 -14.70
N PRO D 185 36.08 6.18 -14.98
CA PRO D 185 36.62 6.17 -16.33
C PRO D 185 36.28 4.87 -17.01
N VAL D 186 36.08 4.92 -18.33
CA VAL D 186 35.72 3.73 -19.06
C VAL D 186 36.64 2.53 -18.77
N GLU D 187 37.93 2.82 -18.72
CA GLU D 187 38.97 1.82 -18.49
C GLU D 187 38.99 1.16 -17.10
N THR D 188 38.82 1.97 -16.05
CA THR D 188 38.86 1.48 -14.68
C THR D 188 37.49 1.12 -14.07
N LEU D 189 36.42 1.31 -14.81
CA LEU D 189 35.09 1.04 -14.32
C LEU D 189 34.86 -0.32 -13.69
N VAL D 190 35.04 -1.40 -14.44
CA VAL D 190 34.84 -2.78 -13.94
C VAL D 190 35.74 -3.07 -12.74
N GLU D 191 36.97 -2.57 -12.79
CA GLU D 191 37.93 -2.75 -11.73
C GLU D 191 37.37 -2.09 -10.45
N GLU D 192 36.84 -0.87 -10.59
CA GLU D 192 36.27 -0.11 -9.49
C GLU D 192 35.02 -0.76 -8.93
N ALA D 193 34.21 -1.33 -9.82
CA ALA D 193 33.02 -2.02 -9.39
C ALA D 193 33.45 -3.28 -8.61
N ILE D 194 34.50 -3.96 -9.06
CA ILE D 194 34.98 -5.17 -8.37
C ILE D 194 35.50 -4.82 -6.96
N GLN D 195 36.09 -3.63 -6.82
CA GLN D 195 36.57 -3.23 -5.51
C GLN D 195 35.38 -3.11 -4.59
N CYS D 196 34.31 -2.51 -5.11
CA CYS D 196 33.09 -2.32 -4.34
C CYS D 196 32.51 -3.65 -3.92
N ALA D 197 32.39 -4.59 -4.85
CA ALA D 197 31.85 -5.92 -4.55
C ALA D 197 32.74 -6.66 -3.57
N GLU D 198 34.05 -6.41 -3.67
CA GLU D 198 35.04 -7.04 -2.82
C GLU D 198 34.79 -6.57 -1.40
N LYS D 199 34.61 -5.25 -1.25
CA LYS D 199 34.32 -4.65 0.04
C LYS D 199 33.09 -5.32 0.63
N ILE D 200 32.09 -5.53 -0.20
CA ILE D 200 30.85 -6.14 0.24
C ILE D 200 31.02 -7.61 0.58
N ALA D 201 31.84 -8.32 -0.19
CA ALA D 201 32.04 -9.75 0.06
C ALA D 201 32.82 -9.94 1.36
N ASN D 202 33.64 -8.96 1.72
CA ASN D 202 34.40 -9.00 2.95
C ASN D 202 33.50 -9.10 4.17
N ASN D 203 32.28 -8.59 4.04
CA ASN D 203 31.32 -8.63 5.16
C ASN D 203 30.62 -9.97 5.20
N SER D 204 29.89 -10.20 6.28
CA SER D 204 29.15 -11.43 6.44
C SER D 204 28.03 -11.54 5.41
N LYS D 205 28.00 -12.65 4.69
CA LYS D 205 27.00 -12.86 3.67
C LYS D 205 25.60 -12.82 4.19
N ILE D 206 25.36 -13.49 5.32
CA ILE D 206 24.00 -13.54 5.86
C ILE D 206 23.49 -12.15 6.24
N ILE D 207 24.35 -11.35 6.83
CA ILE D 207 23.98 -10.02 7.23
C ILE D 207 23.76 -9.17 5.97
N VAL D 208 24.71 -9.24 5.04
CA VAL D 208 24.61 -8.50 3.79
C VAL D 208 23.29 -8.85 3.06
N ALA D 209 22.89 -10.11 3.12
CA ALA D 209 21.68 -10.52 2.45
C ALA D 209 20.46 -9.94 3.15
N MET D 210 20.57 -9.74 4.46
CA MET D 210 19.49 -9.18 5.26
C MET D 210 19.38 -7.70 4.93
N ALA D 211 20.52 -7.03 4.87
CA ALA D 211 20.58 -5.61 4.58
C ALA D 211 19.96 -5.30 3.23
N LYS D 212 20.36 -6.06 2.22
CA LYS D 212 19.87 -5.87 0.87
C LYS D 212 18.37 -6.11 0.81
N GLU D 213 17.89 -7.05 1.60
CA GLU D 213 16.47 -7.37 1.61
C GLU D 213 15.72 -6.23 2.27
N SER D 214 16.37 -5.61 3.23
CA SER D 214 15.78 -4.50 3.96
C SER D 214 15.68 -3.28 3.04
N VAL D 215 16.76 -2.92 2.37
CA VAL D 215 16.76 -1.80 1.44
C VAL D 215 15.70 -2.00 0.36
N ASN D 216 15.63 -3.20 -0.22
CA ASN D 216 14.66 -3.44 -1.27
C ASN D 216 13.26 -3.21 -0.78
N ALA D 217 12.99 -3.55 0.48
CA ALA D 217 11.64 -3.36 1.06
C ALA D 217 11.17 -1.91 1.02
N ALA D 218 12.08 -0.96 0.84
CA ALA D 218 11.70 0.43 0.76
C ALA D 218 10.80 0.68 -0.41
N PHE D 219 10.70 -0.27 -1.33
CA PHE D 219 9.85 -0.05 -2.51
C PHE D 219 8.64 -0.94 -2.51
N GLU D 220 8.46 -1.68 -1.40
CA GLU D 220 7.35 -2.58 -1.28
C GLU D 220 6.40 -2.32 -0.14
N MET D 221 6.70 -1.30 0.69
CA MET D 221 5.86 -1.03 1.85
C MET D 221 5.82 0.42 2.25
N THR D 222 4.93 0.72 3.19
CA THR D 222 4.84 2.08 3.74
C THR D 222 6.08 2.20 4.63
N LEU D 223 6.52 3.40 4.93
CA LEU D 223 7.69 3.59 5.78
C LEU D 223 7.51 2.90 7.15
N THR D 224 6.29 2.91 7.69
CA THR D 224 6.01 2.32 8.97
C THR D 224 6.35 0.85 8.97
N GLU D 225 5.87 0.17 7.94
CA GLU D 225 6.08 -1.25 7.80
C GLU D 225 7.50 -1.58 7.38
N GLY D 226 8.11 -0.68 6.62
CA GLY D 226 9.47 -0.90 6.20
C GLY D 226 10.35 -0.88 7.44
N ASN D 227 10.13 0.10 8.30
CA ASN D 227 10.87 0.28 9.53
C ASN D 227 10.65 -0.91 10.49
N LYS D 228 9.44 -1.48 10.51
CA LYS D 228 9.16 -2.61 11.38
C LYS D 228 9.84 -3.89 10.87
N LEU D 229 9.82 -4.09 9.55
CA LEU D 229 10.46 -5.25 8.97
C LEU D 229 11.97 -5.11 9.25
N GLU D 230 12.51 -3.94 8.98
CA GLU D 230 13.91 -3.66 9.21
C GLU D 230 14.30 -3.99 10.65
N LYS D 231 13.47 -3.60 11.60
CA LYS D 231 13.73 -3.83 13.00
C LYS D 231 13.76 -5.34 13.28
N LYS D 232 12.87 -6.08 12.64
CA LYS D 232 12.83 -7.51 12.84
C LYS D 232 14.06 -8.18 12.24
N LEU D 233 14.59 -7.67 11.14
CA LEU D 233 15.80 -8.24 10.54
C LEU D 233 16.98 -7.88 11.43
N PHE D 234 16.95 -6.65 11.94
CA PHE D 234 17.98 -6.13 12.84
C PHE D 234 18.04 -7.02 14.07
N TYR D 235 16.89 -7.38 14.61
CA TYR D 235 16.88 -8.28 15.79
C TYR D 235 17.51 -9.64 15.39
N SER D 236 17.18 -10.12 14.20
CA SER D 236 17.64 -11.38 13.67
C SER D 236 19.14 -11.47 13.57
N THR D 237 19.79 -10.34 13.30
CA THR D 237 21.24 -10.33 13.19
C THR D 237 21.86 -10.80 14.53
N PHE D 238 21.14 -10.59 15.64
CA PHE D 238 21.63 -10.97 16.97
C PHE D 238 21.60 -12.48 17.12
N ALA D 239 20.97 -13.17 16.17
CA ALA D 239 20.92 -14.63 16.23
C ALA D 239 22.13 -15.21 15.50
N THR D 240 23.00 -14.37 14.93
CA THR D 240 24.15 -14.84 14.19
C THR D 240 25.45 -14.63 14.96
N ASP D 241 26.48 -15.38 14.56
CA ASP D 241 27.79 -15.28 15.20
C ASP D 241 28.53 -14.06 14.72
N ASP D 242 28.31 -13.67 13.47
CA ASP D 242 28.98 -12.50 12.88
C ASP D 242 28.67 -11.18 13.53
N ARG D 243 27.44 -11.05 14.00
CA ARG D 243 27.03 -9.83 14.65
C ARG D 243 27.90 -9.73 15.92
N ARG D 244 27.97 -10.83 16.68
CA ARG D 244 28.78 -10.81 17.89
C ARG D 244 30.20 -10.44 17.56
N GLU D 245 30.78 -11.14 16.59
CA GLU D 245 32.15 -10.87 16.17
C GLU D 245 32.39 -9.43 15.73
N GLY D 246 31.50 -8.90 14.91
CA GLY D 246 31.72 -7.54 14.45
C GLY D 246 31.66 -6.54 15.59
N MET D 247 30.73 -6.74 16.55
CA MET D 247 30.63 -5.80 17.69
C MET D 247 31.78 -5.93 18.69
N SER D 248 32.17 -7.18 18.99
CA SER D 248 33.29 -7.41 19.88
C SER D 248 34.54 -6.75 19.28
N ALA D 249 34.75 -6.98 17.99
CA ALA D 249 35.90 -6.43 17.29
C ALA D 249 36.03 -4.94 17.42
N PHE D 250 34.90 -4.23 17.47
CA PHE D 250 34.95 -2.77 17.61
C PHE D 250 35.41 -2.47 19.04
N VAL D 251 34.75 -3.14 19.99
CA VAL D 251 35.03 -2.99 21.42
C VAL D 251 36.47 -3.36 21.70
N GLU D 252 36.87 -4.51 21.21
CA GLU D 252 38.22 -5.05 21.38
C GLU D 252 39.22 -4.37 20.45
N LYS D 253 38.79 -3.36 19.72
CA LYS D 253 39.70 -2.63 18.83
C LYS D 253 40.55 -3.50 17.88
N ARG D 254 39.93 -4.48 17.27
CA ARG D 254 40.62 -5.37 16.35
C ARG D 254 39.74 -5.52 15.12
N LYS D 255 40.24 -6.29 14.15
CA LYS D 255 39.53 -6.54 12.89
C LYS D 255 38.56 -7.69 13.06
N ALA D 256 37.38 -7.57 12.46
CA ALA D 256 36.39 -8.63 12.58
C ALA D 256 36.73 -9.75 11.63
N ASN D 257 36.38 -10.96 12.04
CA ASN D 257 36.64 -12.15 11.26
C ASN D 257 35.30 -12.80 11.00
N PHE D 258 34.68 -12.38 9.91
CA PHE D 258 33.37 -12.93 9.60
C PHE D 258 33.45 -14.35 9.07
N LYS D 259 32.40 -15.12 9.28
CA LYS D 259 32.37 -16.48 8.85
C LYS D 259 31.09 -16.82 8.14
N ASP D 260 30.30 -15.78 7.86
CA ASP D 260 29.02 -15.92 7.17
C ASP D 260 28.05 -16.80 7.95
N HIS D 261 28.05 -16.62 9.26
CA HIS D 261 27.18 -17.43 10.11
C HIS D 261 26.88 -16.68 11.41
N ALA E 2 -14.89 26.90 -26.96
CA ALA E 2 -15.71 28.13 -26.68
C ALA E 2 -14.78 29.33 -26.56
N ASN E 3 -15.33 30.53 -26.44
CA ASN E 3 -14.49 31.72 -26.32
C ASN E 3 -13.98 31.87 -24.88
N PHE E 4 -12.66 31.96 -24.75
CA PHE E 4 -12.00 32.04 -23.44
C PHE E 4 -11.67 33.40 -22.86
N GLN E 5 -12.01 33.55 -21.59
CA GLN E 5 -11.75 34.75 -20.84
C GLN E 5 -10.35 34.74 -20.22
N TYR E 6 -10.01 33.61 -19.58
CA TYR E 6 -8.73 33.46 -18.88
C TYR E 6 -7.56 32.73 -19.55
N ILE E 7 -7.81 32.04 -20.65
CA ILE E 7 -6.73 31.31 -21.31
C ILE E 7 -6.70 31.45 -22.84
N ILE E 8 -5.53 31.20 -23.40
CA ILE E 8 -5.30 31.24 -24.85
C ILE E 8 -4.87 29.84 -25.29
N THR E 9 -5.62 29.21 -26.18
CA THR E 9 -5.22 27.90 -26.68
C THR E 9 -4.73 28.06 -28.10
N GLU E 10 -3.82 27.19 -28.53
CA GLU E 10 -3.23 27.28 -29.87
C GLU E 10 -2.78 25.87 -30.24
N LYS E 11 -2.74 25.56 -31.54
CA LYS E 11 -2.24 24.25 -31.96
C LYS E 11 -0.90 24.55 -32.61
N LYS E 12 0.17 24.00 -32.04
CA LYS E 12 1.48 24.25 -32.58
C LYS E 12 2.22 23.01 -33.01
N GLY E 13 3.47 23.22 -33.35
CA GLY E 13 4.34 22.14 -33.76
C GLY E 13 3.99 21.55 -35.10
N LYS E 14 4.89 20.71 -35.59
CA LYS E 14 4.75 20.04 -36.88
C LYS E 14 3.45 19.32 -36.95
N ASN E 15 2.75 19.51 -38.07
CA ASN E 15 1.44 18.90 -38.22
C ASN E 15 0.41 19.40 -37.17
N SER E 16 0.75 20.48 -36.44
CA SER E 16 -0.13 20.99 -35.38
C SER E 16 -0.63 19.86 -34.45
N SER E 17 0.35 19.08 -34.02
CA SER E 17 0.18 17.92 -33.14
C SER E 17 0.32 18.30 -31.66
N VAL E 18 0.84 19.50 -31.41
CA VAL E 18 1.00 19.99 -30.06
C VAL E 18 -0.11 21.01 -29.72
N GLY E 19 -0.87 20.72 -28.66
CA GLY E 19 -1.91 21.63 -28.20
C GLY E 19 -1.35 22.54 -27.12
N LEU E 20 -1.11 23.80 -27.44
CA LEU E 20 -0.57 24.76 -26.46
C LEU E 20 -1.72 25.43 -25.69
N ILE E 21 -1.60 25.48 -24.36
CA ILE E 21 -2.61 26.14 -23.52
C ILE E 21 -1.86 27.18 -22.71
N GLN E 22 -2.28 28.42 -22.83
CA GLN E 22 -1.60 29.46 -22.13
C GLN E 22 -2.55 30.12 -21.17
N LEU E 23 -2.16 30.14 -19.90
CA LEU E 23 -2.94 30.78 -18.86
C LEU E 23 -2.72 32.27 -19.12
N ASN E 24 -3.83 32.95 -19.34
CA ASN E 24 -3.78 34.36 -19.64
C ASN E 24 -4.62 35.20 -18.67
N ARG E 25 -4.08 35.44 -17.47
CA ARG E 25 -4.75 36.22 -16.46
C ARG E 25 -3.61 36.87 -15.71
N PRO E 26 -2.75 37.58 -16.44
CA PRO E 26 -1.57 38.28 -15.91
C PRO E 26 -1.82 39.27 -14.79
N LYS E 27 -2.99 39.85 -14.73
CA LYS E 27 -3.27 40.82 -13.68
C LYS E 27 -3.24 40.17 -12.28
N ALA E 28 -3.70 38.92 -12.19
CA ALA E 28 -3.69 38.18 -10.95
C ALA E 28 -2.57 37.14 -10.95
N LEU E 29 -1.54 37.39 -11.77
CA LEU E 29 -0.40 36.48 -11.88
C LEU E 29 -0.89 35.05 -12.10
N ASN E 30 -1.92 34.94 -12.93
CA ASN E 30 -2.54 33.65 -13.26
C ASN E 30 -3.10 32.92 -12.08
N ALA E 31 -3.52 33.63 -11.03
CA ALA E 31 -4.08 32.94 -9.88
C ALA E 31 -5.23 32.09 -10.40
N LEU E 32 -5.31 30.86 -9.94
CA LEU E 32 -6.29 29.92 -10.42
C LEU E 32 -7.72 30.03 -9.90
N CYS E 33 -8.44 31.03 -10.38
CA CYS E 33 -9.82 31.18 -9.95
C CYS E 33 -10.66 30.09 -10.57
N ASN E 34 -11.85 29.88 -10.05
CA ASN E 34 -12.74 28.84 -10.56
C ASN E 34 -12.97 28.92 -12.06
N GLY E 35 -13.12 30.14 -12.57
CA GLY E 35 -13.34 30.34 -13.98
C GLY E 35 -12.15 29.99 -14.85
N LEU E 36 -10.95 30.28 -14.37
CA LEU E 36 -9.73 29.96 -15.10
C LEU E 36 -9.70 28.41 -15.14
N ILE E 37 -9.89 27.75 -14.00
CA ILE E 37 -9.88 26.29 -13.96
C ILE E 37 -10.91 25.65 -14.88
N GLU E 38 -12.11 26.21 -14.93
CA GLU E 38 -13.19 25.68 -15.76
C GLU E 38 -12.79 25.76 -17.23
N GLU E 39 -12.11 26.81 -17.62
CA GLU E 39 -11.69 26.94 -19.00
C GLU E 39 -10.51 26.04 -19.31
N LEU E 40 -9.53 26.00 -18.41
CA LEU E 40 -8.36 25.16 -18.58
C LEU E 40 -8.86 23.73 -18.78
N ASN E 41 -9.81 23.29 -17.97
CA ASN E 41 -10.32 21.93 -18.12
C ASN E 41 -11.04 21.73 -19.45
N GLN E 42 -11.68 22.76 -19.96
CA GLN E 42 -12.40 22.65 -21.22
C GLN E 42 -11.34 22.49 -22.29
N ALA E 43 -10.31 23.33 -22.27
CA ALA E 43 -9.26 23.28 -23.27
C ALA E 43 -8.54 21.92 -23.26
N LEU E 44 -8.31 21.36 -22.07
CA LEU E 44 -7.65 20.08 -21.93
C LEU E 44 -8.51 18.99 -22.56
N GLU E 45 -9.78 18.97 -22.22
CA GLU E 45 -10.67 17.97 -22.76
C GLU E 45 -10.74 18.09 -24.29
N THR E 46 -10.64 19.31 -24.79
CA THR E 46 -10.72 19.54 -26.22
C THR E 46 -9.52 18.92 -26.88
N PHE E 47 -8.33 19.34 -26.47
CA PHE E 47 -7.09 18.78 -27.01
C PHE E 47 -7.05 17.27 -26.82
N GLU E 48 -7.65 16.80 -25.75
CA GLU E 48 -7.72 15.38 -25.46
C GLU E 48 -8.58 14.70 -26.55
N GLU E 49 -9.68 15.36 -26.92
CA GLU E 49 -10.55 14.80 -27.94
C GLU E 49 -10.11 15.10 -29.37
N ASP E 50 -9.03 15.88 -29.53
CA ASP E 50 -8.52 16.21 -30.86
C ASP E 50 -7.55 15.12 -31.33
N PRO E 51 -7.90 14.40 -32.42
CA PRO E 51 -7.08 13.32 -32.99
C PRO E 51 -5.75 13.74 -33.55
N ALA E 52 -5.56 15.01 -33.81
CA ALA E 52 -4.31 15.51 -34.34
C ALA E 52 -3.31 15.81 -33.22
N VAL E 53 -3.83 16.02 -32.02
CA VAL E 53 -2.97 16.36 -30.91
C VAL E 53 -2.57 15.12 -30.14
N GLY E 54 -1.26 15.02 -29.98
CA GLY E 54 -0.68 13.90 -29.26
C GLY E 54 -0.09 14.29 -27.93
N ALA E 55 0.20 15.57 -27.74
CA ALA E 55 0.74 16.08 -26.49
C ALA E 55 0.29 17.53 -26.28
N ILE E 56 0.18 17.92 -25.03
CA ILE E 56 -0.24 19.27 -24.68
C ILE E 56 0.86 19.98 -23.91
N VAL E 57 1.02 21.28 -24.16
CA VAL E 57 2.00 22.10 -23.44
C VAL E 57 1.20 23.17 -22.70
N LEU E 58 1.38 23.21 -21.37
CA LEU E 58 0.70 24.16 -20.48
C LEU E 58 1.72 25.18 -20.02
N THR E 59 1.39 26.46 -20.17
CA THR E 59 2.28 27.53 -19.76
C THR E 59 1.47 28.76 -19.29
N GLY E 60 2.17 29.74 -18.76
CA GLY E 60 1.50 30.95 -18.32
C GLY E 60 2.20 32.09 -19.03
N GLY E 61 2.63 33.08 -18.27
CA GLY E 61 3.35 34.19 -18.84
C GLY E 61 4.80 34.13 -18.46
N GLU E 62 5.57 35.11 -18.90
CA GLU E 62 6.98 35.19 -18.62
C GLU E 62 7.25 35.39 -17.13
N LYS E 63 6.35 36.14 -16.49
CA LYS E 63 6.49 36.47 -15.07
C LYS E 63 5.93 35.43 -14.12
N ALA E 64 4.86 34.79 -14.55
CA ALA E 64 4.25 33.77 -13.71
C ALA E 64 3.51 32.69 -14.47
N PHE E 65 3.79 31.46 -14.09
CA PHE E 65 3.11 30.30 -14.64
C PHE E 65 1.72 30.36 -13.95
N ALA E 66 1.72 30.51 -12.63
CA ALA E 66 0.51 30.60 -11.83
C ALA E 66 0.94 30.84 -10.39
N ALA E 67 0.44 31.94 -9.80
CA ALA E 67 0.77 32.34 -8.43
C ALA E 67 0.00 31.58 -7.33
N GLY E 68 -0.88 30.67 -7.71
CA GLY E 68 -1.58 29.88 -6.74
C GLY E 68 -3.05 29.84 -6.98
N ALA E 69 -3.80 29.35 -6.01
CA ALA E 69 -5.25 29.35 -6.08
C ALA E 69 -5.64 30.82 -5.80
N ASP E 70 -6.89 31.16 -6.11
CA ASP E 70 -7.34 32.52 -5.90
C ASP E 70 -7.69 32.75 -4.42
N ILE E 71 -6.86 33.54 -3.73
CA ILE E 71 -7.06 33.80 -2.32
C ILE E 71 -8.35 34.56 -2.03
N LYS E 72 -8.66 35.46 -2.94
CA LYS E 72 -9.85 36.26 -2.84
C LYS E 72 -11.10 35.39 -2.89
N GLU E 73 -11.03 34.34 -3.68
CA GLU E 73 -12.17 33.44 -3.80
C GLU E 73 -12.30 32.45 -2.67
N MET E 74 -11.19 32.21 -1.96
CA MET E 74 -11.20 31.27 -0.86
C MET E 74 -11.43 31.94 0.48
N GLN E 75 -11.07 33.21 0.57
CA GLN E 75 -11.18 33.98 1.81
C GLN E 75 -12.41 33.78 2.67
N ASN E 76 -13.60 33.77 2.08
CA ASN E 76 -14.83 33.64 2.86
C ASN E 76 -15.41 32.28 3.03
N ARG E 77 -14.65 31.26 2.63
CA ARG E 77 -15.10 29.88 2.73
C ARG E 77 -15.01 29.42 4.14
N THR E 78 -15.91 28.52 4.51
CA THR E 78 -15.88 27.94 5.83
C THR E 78 -15.56 26.44 5.68
N PHE E 79 -15.25 25.79 6.79
CA PHE E 79 -14.97 24.39 6.78
C PHE E 79 -16.19 23.68 6.16
N GLN E 80 -17.36 24.05 6.60
CA GLN E 80 -18.55 23.42 6.08
C GLN E 80 -18.67 23.67 4.59
N ASP E 81 -18.18 24.79 4.09
CA ASP E 81 -18.33 25.05 2.65
C ASP E 81 -17.45 24.08 1.89
N CYS E 82 -16.23 23.97 2.38
CA CYS E 82 -15.22 23.13 1.80
C CYS E 82 -15.76 21.75 1.66
N TYR E 83 -16.21 21.23 2.78
CA TYR E 83 -16.68 19.90 2.77
C TYR E 83 -17.81 19.71 1.82
N SER E 84 -19.00 20.24 2.16
CA SER E 84 -20.17 20.03 1.31
C SER E 84 -20.09 20.52 -0.13
N GLY E 85 -19.33 21.59 -0.35
CA GLY E 85 -19.17 22.14 -1.69
C GLY E 85 -18.02 21.54 -2.48
N LYS E 86 -17.45 20.43 -1.95
CA LYS E 86 -16.33 19.71 -2.58
C LYS E 86 -15.31 20.68 -3.17
N PHE E 87 -14.94 21.67 -2.36
CA PHE E 87 -14.00 22.72 -2.77
C PHE E 87 -12.71 22.20 -3.47
N LEU E 88 -12.43 22.78 -4.63
CA LEU E 88 -11.24 22.43 -5.41
C LEU E 88 -11.31 21.08 -6.12
N SER E 89 -12.50 20.51 -6.25
CA SER E 89 -12.63 19.19 -6.88
C SER E 89 -12.42 19.14 -8.39
N HIS E 90 -12.46 20.28 -9.08
CA HIS E 90 -12.26 20.28 -10.53
C HIS E 90 -10.80 20.63 -10.84
N TRP E 91 -10.03 20.81 -9.78
CA TRP E 91 -8.62 21.16 -9.89
C TRP E 91 -7.74 20.09 -10.48
N ASP E 92 -7.99 18.85 -10.11
CA ASP E 92 -7.17 17.74 -10.60
C ASP E 92 -7.70 17.02 -11.85
N HIS E 93 -8.46 17.71 -12.67
CA HIS E 93 -8.99 17.08 -13.87
C HIS E 93 -7.86 16.79 -14.85
N ILE E 94 -6.82 17.62 -14.78
CA ILE E 94 -5.69 17.48 -15.66
C ILE E 94 -5.13 16.07 -15.51
N THR E 95 -5.26 15.52 -14.32
CA THR E 95 -4.77 14.17 -14.05
C THR E 95 -5.61 13.07 -14.72
N ARG E 96 -6.71 13.42 -15.38
CA ARG E 96 -7.57 12.44 -16.04
C ARG E 96 -7.24 12.38 -17.51
N ILE E 97 -6.44 13.33 -18.00
CA ILE E 97 -6.07 13.41 -19.41
C ILE E 97 -5.05 12.31 -19.71
N LYS E 98 -5.33 11.52 -20.76
CA LYS E 98 -4.45 10.42 -21.15
C LYS E 98 -3.21 10.87 -21.92
N LYS E 99 -3.37 11.86 -22.80
CA LYS E 99 -2.25 12.37 -23.56
C LYS E 99 -1.29 13.08 -22.62
N PRO E 100 0.00 13.09 -22.94
CA PRO E 100 1.00 13.74 -22.09
C PRO E 100 0.83 15.25 -22.06
N VAL E 101 1.09 15.85 -20.89
CA VAL E 101 1.00 17.28 -20.71
C VAL E 101 2.36 17.67 -20.19
N ILE E 102 2.95 18.68 -20.80
CA ILE E 102 4.25 19.18 -20.39
C ILE E 102 4.01 20.61 -19.88
N ALA E 103 4.52 20.91 -18.70
CA ALA E 103 4.36 22.25 -18.15
C ALA E 103 5.59 23.02 -18.49
N ALA E 104 5.42 24.18 -19.12
CA ALA E 104 6.55 25.03 -19.47
C ALA E 104 6.42 26.15 -18.45
N VAL E 105 7.14 26.01 -17.34
CA VAL E 105 7.09 26.98 -16.25
C VAL E 105 8.08 28.12 -16.31
N ASN E 106 7.54 29.31 -16.56
CA ASN E 106 8.33 30.52 -16.62
C ASN E 106 7.88 31.32 -15.38
N GLY E 107 8.84 31.92 -14.67
CA GLY E 107 8.53 32.71 -13.52
C GLY E 107 7.98 31.96 -12.33
N TYR E 108 7.03 32.57 -11.64
CA TYR E 108 6.43 31.99 -10.46
C TYR E 108 5.54 30.80 -10.72
N ALA E 109 5.73 29.75 -9.94
CA ALA E 109 4.83 28.62 -9.99
C ALA E 109 4.74 28.35 -8.50
N LEU E 110 3.83 29.07 -7.83
CA LEU E 110 3.65 28.97 -6.38
C LEU E 110 2.30 28.45 -5.99
N GLY E 111 2.26 27.74 -4.88
CA GLY E 111 1.00 27.21 -4.38
C GLY E 111 0.29 26.34 -5.38
N GLY E 112 -0.97 26.64 -5.65
CA GLY E 112 -1.74 25.88 -6.62
C GLY E 112 -1.07 25.89 -7.98
N GLY E 113 -0.20 26.86 -8.24
CA GLY E 113 0.51 26.92 -9.51
C GLY E 113 1.59 25.85 -9.56
N CYS E 114 2.33 25.67 -8.48
CA CYS E 114 3.37 24.67 -8.42
C CYS E 114 2.70 23.31 -8.55
N GLU E 115 1.57 23.15 -7.87
CA GLU E 115 0.82 21.91 -7.87
C GLU E 115 0.29 21.56 -9.24
N LEU E 116 -0.12 22.57 -10.01
CA LEU E 116 -0.65 22.36 -11.37
C LEU E 116 0.51 21.86 -12.26
N ALA E 117 1.68 22.47 -12.10
CA ALA E 117 2.88 22.10 -12.83
C ALA E 117 3.27 20.66 -12.48
N MET E 118 3.22 20.33 -11.18
CA MET E 118 3.59 18.98 -10.77
C MET E 118 2.56 17.94 -11.20
N MET E 119 1.36 18.38 -11.52
CA MET E 119 0.30 17.48 -11.95
C MET E 119 0.59 17.07 -13.39
N CYS E 120 1.35 17.92 -14.06
CA CYS E 120 1.77 17.67 -15.42
C CYS E 120 2.81 16.54 -15.41
N ASP E 121 2.90 15.83 -16.54
CA ASP E 121 3.82 14.73 -16.71
C ASP E 121 5.28 15.10 -16.71
N ILE E 122 5.61 16.18 -17.38
CA ILE E 122 6.99 16.65 -17.49
C ILE E 122 7.02 18.14 -17.17
N ILE E 123 8.07 18.61 -16.50
CA ILE E 123 8.13 20.04 -16.24
C ILE E 123 9.42 20.61 -16.80
N TYR E 124 9.30 21.64 -17.64
CA TYR E 124 10.48 22.32 -18.18
C TYR E 124 10.40 23.69 -17.51
N ALA E 125 11.52 24.23 -17.06
CA ALA E 125 11.51 25.51 -16.37
C ALA E 125 12.36 26.55 -17.05
N GLY E 126 11.90 27.80 -16.99
CA GLY E 126 12.65 28.92 -17.57
C GLY E 126 13.79 29.24 -16.64
N GLU E 127 14.82 29.92 -17.12
CA GLU E 127 15.96 30.25 -16.26
C GLU E 127 15.62 31.07 -15.03
N LYS E 128 14.51 31.79 -15.09
CA LYS E 128 14.07 32.64 -13.99
C LYS E 128 12.89 32.05 -13.23
N ALA E 129 12.55 30.80 -13.46
CA ALA E 129 11.41 30.21 -12.78
C ALA E 129 11.66 30.04 -11.27
N GLN E 130 10.57 30.02 -10.51
CA GLN E 130 10.61 29.85 -9.07
C GLN E 130 9.45 29.01 -8.64
N PHE E 131 9.75 28.00 -7.81
CA PHE E 131 8.74 27.07 -7.30
C PHE E 131 8.63 27.25 -5.81
N GLY E 132 7.44 27.05 -5.28
CA GLY E 132 7.23 27.19 -3.86
C GLY E 132 5.82 26.85 -3.42
N GLN E 133 5.66 26.59 -2.13
CA GLN E 133 4.36 26.26 -1.57
C GLN E 133 4.17 27.25 -0.41
N PRO E 134 3.75 28.48 -0.73
CA PRO E 134 3.55 29.52 0.29
C PRO E 134 2.23 29.49 1.06
N GLU E 135 1.53 28.37 0.95
CA GLU E 135 0.26 28.17 1.61
C GLU E 135 0.35 28.40 3.13
N ILE E 136 1.43 27.94 3.76
CA ILE E 136 1.59 28.07 5.21
C ILE E 136 1.57 29.54 5.67
N LEU E 137 2.01 30.43 4.79
CA LEU E 137 2.06 31.85 5.08
C LEU E 137 0.66 32.49 5.12
N LEU E 138 -0.33 31.75 4.60
CA LEU E 138 -1.71 32.18 4.57
C LEU E 138 -2.50 31.41 5.59
N GLY E 139 -1.81 30.72 6.49
CA GLY E 139 -2.51 29.93 7.50
C GLY E 139 -3.21 28.69 6.94
N THR E 140 -2.75 28.17 5.80
CA THR E 140 -3.31 26.94 5.20
C THR E 140 -2.17 26.04 4.72
N ILE E 141 -2.52 24.90 4.14
CA ILE E 141 -1.50 23.99 3.62
C ILE E 141 -1.80 23.70 2.14
N PRO E 142 -0.85 23.09 1.40
CA PRO E 142 -1.13 22.80 -0.02
C PRO E 142 -2.33 21.89 -0.09
N GLY E 143 -3.23 22.13 -1.03
CA GLY E 143 -4.44 21.32 -1.11
C GLY E 143 -4.69 20.58 -2.39
N ALA E 144 -3.72 20.58 -3.32
CA ALA E 144 -3.86 19.84 -4.58
C ALA E 144 -2.57 19.06 -4.92
N GLY E 145 -1.99 18.43 -3.89
CA GLY E 145 -0.79 17.66 -4.10
C GLY E 145 0.54 18.28 -3.77
N GLY E 146 0.56 19.51 -3.27
CA GLY E 146 1.84 20.14 -2.94
C GLY E 146 2.59 19.46 -1.79
N THR E 147 1.91 18.70 -0.93
CA THR E 147 2.65 18.02 0.15
C THR E 147 2.97 16.58 -0.31
N GLN E 148 2.39 16.17 -1.43
CA GLN E 148 2.55 14.82 -1.97
C GLN E 148 3.49 14.68 -3.16
N ARG E 149 3.20 15.36 -4.25
CA ARG E 149 4.01 15.28 -5.44
C ARG E 149 5.34 15.94 -5.20
N LEU E 150 5.34 17.02 -4.43
CA LEU E 150 6.58 17.74 -4.15
C LEU E 150 7.52 16.82 -3.41
N THR E 151 7.04 16.22 -2.33
CA THR E 151 7.81 15.32 -1.47
C THR E 151 8.35 14.14 -2.28
N ARG E 152 7.51 13.57 -3.12
CA ARG E 152 7.92 12.45 -3.94
C ARG E 152 8.99 12.80 -4.97
N ALA E 153 9.08 14.05 -5.37
CA ALA E 153 10.07 14.42 -6.36
C ALA E 153 11.34 14.93 -5.79
N VAL E 154 11.19 15.68 -4.72
CA VAL E 154 12.30 16.39 -4.12
C VAL E 154 12.90 15.85 -2.83
N GLY E 155 12.18 14.96 -2.14
CA GLY E 155 12.71 14.43 -0.90
C GLY E 155 12.06 15.10 0.29
N LYS E 156 12.06 14.42 1.42
CA LYS E 156 11.43 14.93 2.64
C LYS E 156 12.01 16.22 3.14
N SER E 157 13.34 16.28 3.21
CA SER E 157 13.96 17.49 3.73
C SER E 157 13.59 18.75 2.96
N LEU E 158 13.73 18.77 1.64
CA LEU E 158 13.39 19.98 0.89
C LEU E 158 11.89 20.22 0.89
N ALA E 159 11.10 19.17 0.71
CA ALA E 159 9.66 19.33 0.73
C ALA E 159 9.23 19.98 2.08
N MET E 160 9.72 19.44 3.20
CA MET E 160 9.38 19.94 4.53
C MET E 160 9.78 21.39 4.64
N GLU E 161 11.00 21.65 4.21
CA GLU E 161 11.49 23.00 4.29
C GLU E 161 10.64 23.99 3.47
N MET E 162 10.23 23.60 2.28
CA MET E 162 9.44 24.45 1.42
C MET E 162 8.02 24.64 1.92
N VAL E 163 7.40 23.56 2.37
CA VAL E 163 6.03 23.57 2.85
C VAL E 163 5.86 24.25 4.21
N LEU E 164 6.85 24.09 5.09
CA LEU E 164 6.80 24.66 6.42
C LEU E 164 7.22 26.11 6.51
N THR E 165 8.08 26.55 5.60
CA THR E 165 8.54 27.95 5.61
C THR E 165 7.91 28.78 4.51
N GLY E 166 7.58 28.12 3.40
CA GLY E 166 6.96 28.80 2.30
C GLY E 166 8.02 29.37 1.40
N ASP E 167 9.27 29.03 1.66
CA ASP E 167 10.38 29.53 0.83
C ASP E 167 10.34 29.02 -0.61
N ARG E 168 10.86 29.84 -1.52
CA ARG E 168 10.92 29.48 -2.92
C ARG E 168 12.27 28.88 -3.27
N ILE E 169 12.28 28.05 -4.30
CA ILE E 169 13.50 27.47 -4.81
C ILE E 169 13.59 27.90 -6.27
N SER E 170 14.81 27.98 -6.76
CA SER E 170 15.05 28.40 -8.11
C SER E 170 14.82 27.27 -9.11
N ALA E 171 14.99 27.60 -10.39
CA ALA E 171 14.83 26.65 -11.48
C ALA E 171 15.86 25.56 -11.29
N GLN E 172 17.05 26.00 -10.91
CA GLN E 172 18.20 25.16 -10.67
C GLN E 172 18.00 24.15 -9.56
N ASP E 173 17.57 24.64 -8.40
CA ASP E 173 17.33 23.75 -7.28
C ASP E 173 16.26 22.78 -7.67
N ALA E 174 15.28 23.23 -8.43
CA ALA E 174 14.19 22.38 -8.86
C ALA E 174 14.70 21.25 -9.76
N LYS E 175 15.60 21.57 -10.69
CA LYS E 175 16.14 20.56 -11.59
C LYS E 175 17.06 19.63 -10.82
N GLN E 176 17.96 20.19 -10.03
CA GLN E 176 18.88 19.38 -9.24
C GLN E 176 18.10 18.35 -8.41
N ALA E 177 16.97 18.81 -7.86
CA ALA E 177 16.13 17.97 -7.04
C ALA E 177 15.17 17.03 -7.80
N GLY E 178 15.07 17.20 -9.13
CA GLY E 178 14.22 16.35 -9.94
C GLY E 178 12.78 16.79 -10.05
N LEU E 179 12.49 18.00 -9.62
CA LEU E 179 11.13 18.49 -9.73
C LEU E 179 10.86 18.76 -11.20
N VAL E 180 11.88 19.26 -11.87
CA VAL E 180 11.81 19.59 -13.30
C VAL E 180 12.97 18.87 -14.00
N SER E 181 12.77 18.46 -15.25
CA SER E 181 13.84 17.73 -15.92
C SER E 181 14.70 18.55 -16.85
N LYS E 182 14.28 19.76 -17.16
CA LYS E 182 15.06 20.54 -18.10
C LYS E 182 14.91 22.01 -17.81
N ILE E 183 15.96 22.79 -17.99
CA ILE E 183 15.90 24.25 -17.80
C ILE E 183 16.25 24.95 -19.10
N PHE E 184 15.42 25.88 -19.55
CA PHE E 184 15.67 26.57 -20.80
C PHE E 184 15.54 28.07 -20.63
N PRO E 185 16.16 28.84 -21.52
CA PRO E 185 16.08 30.29 -21.45
C PRO E 185 14.63 30.71 -21.47
N VAL E 186 14.31 31.77 -20.73
CA VAL E 186 12.94 32.27 -20.67
C VAL E 186 12.29 32.39 -22.05
N GLU E 187 13.04 32.92 -23.02
CA GLU E 187 12.52 33.16 -24.35
C GLU E 187 12.26 31.94 -25.22
N THR E 188 13.10 30.91 -25.08
CA THR E 188 12.96 29.71 -25.88
C THR E 188 12.26 28.59 -25.17
N LEU E 189 11.93 28.78 -23.90
CA LEU E 189 11.28 27.77 -23.10
C LEU E 189 10.05 27.10 -23.71
N VAL E 190 9.03 27.87 -24.09
CA VAL E 190 7.81 27.28 -24.65
C VAL E 190 8.05 26.55 -25.97
N GLU E 191 8.96 27.10 -26.76
CA GLU E 191 9.35 26.54 -28.05
C GLU E 191 9.97 25.16 -27.80
N GLU E 192 10.86 25.13 -26.82
CA GLU E 192 11.56 23.92 -26.43
C GLU E 192 10.62 22.85 -25.89
N ALA E 193 9.61 23.27 -25.14
CA ALA E 193 8.65 22.35 -24.58
C ALA E 193 7.80 21.83 -25.73
N ILE E 194 7.53 22.67 -26.74
CA ILE E 194 6.73 22.23 -27.90
C ILE E 194 7.52 21.20 -28.70
N GLN E 195 8.83 21.39 -28.77
CA GLN E 195 9.69 20.45 -29.45
C GLN E 195 9.56 19.08 -28.79
N CYS E 196 9.62 19.05 -27.46
CA CYS E 196 9.50 17.82 -26.73
C CYS E 196 8.12 17.18 -26.91
N ALA E 197 7.07 18.00 -26.97
CA ALA E 197 5.71 17.49 -27.15
C ALA E 197 5.56 16.88 -28.55
N GLU E 198 6.31 17.44 -29.49
CA GLU E 198 6.30 17.02 -30.89
C GLU E 198 6.86 15.61 -30.99
N LYS E 199 8.05 15.40 -30.44
CA LYS E 199 8.65 14.07 -30.43
C LYS E 199 7.63 13.07 -29.87
N ILE E 200 7.03 13.40 -28.74
CA ILE E 200 6.05 12.51 -28.12
C ILE E 200 4.87 12.30 -29.03
N ALA E 201 4.37 13.38 -29.64
CA ALA E 201 3.22 13.29 -30.53
C ALA E 201 3.50 12.39 -31.74
N ASN E 202 4.75 12.36 -32.20
CA ASN E 202 5.17 11.53 -33.35
C ASN E 202 4.96 10.06 -33.07
N ASN E 203 5.08 9.70 -31.80
CA ASN E 203 4.94 8.33 -31.38
C ASN E 203 3.48 7.93 -31.36
N SER E 204 3.21 6.64 -31.23
CA SER E 204 1.85 6.21 -31.22
C SER E 204 1.13 6.76 -30.01
N LYS E 205 -0.09 7.24 -30.24
CA LYS E 205 -0.90 7.79 -29.19
C LYS E 205 -1.35 6.73 -28.18
N ILE E 206 -1.77 5.58 -28.66
CA ILE E 206 -2.22 4.54 -27.76
C ILE E 206 -1.08 4.00 -26.91
N ILE E 207 0.10 3.85 -27.51
CA ILE E 207 1.23 3.33 -26.79
C ILE E 207 1.70 4.38 -25.80
N VAL E 208 1.76 5.64 -26.23
CA VAL E 208 2.18 6.73 -25.35
C VAL E 208 1.25 6.82 -24.10
N ALA E 209 -0.03 6.64 -24.32
CA ALA E 209 -0.99 6.69 -23.25
C ALA E 209 -0.72 5.56 -22.27
N MET E 210 -0.36 4.38 -22.78
CA MET E 210 -0.07 3.21 -21.95
C MET E 210 1.21 3.41 -21.19
N ALA E 211 2.20 4.03 -21.80
CA ALA E 211 3.47 4.29 -21.15
C ALA E 211 3.28 5.28 -20.01
N LYS E 212 2.50 6.34 -20.26
CA LYS E 212 2.24 7.36 -19.25
C LYS E 212 1.48 6.77 -18.06
N GLU E 213 0.54 5.89 -18.37
CA GLU E 213 -0.25 5.22 -17.34
C GLU E 213 0.65 4.27 -16.51
N SER E 214 1.68 3.73 -17.13
CA SER E 214 2.59 2.82 -16.48
C SER E 214 3.48 3.59 -15.53
N VAL E 215 4.11 4.67 -16.02
CA VAL E 215 4.95 5.51 -15.19
C VAL E 215 4.18 6.06 -13.98
N ASN E 216 2.98 6.58 -14.21
CA ASN E 216 2.18 7.11 -13.12
C ASN E 216 1.98 6.09 -12.02
N ALA E 217 1.88 4.81 -12.39
CA ALA E 217 1.62 3.74 -11.44
C ALA E 217 2.76 3.56 -10.47
N ALA E 218 3.90 4.18 -10.74
CA ALA E 218 5.04 4.06 -9.83
C ALA E 218 4.71 4.75 -8.52
N PHE E 219 3.63 5.54 -8.48
CA PHE E 219 3.28 6.23 -7.24
C PHE E 219 2.03 5.67 -6.57
N GLU E 220 1.47 4.61 -7.14
CA GLU E 220 0.24 4.00 -6.62
C GLU E 220 0.34 2.53 -6.17
N MET E 221 1.51 1.92 -6.26
CA MET E 221 1.64 0.49 -5.92
C MET E 221 3.02 0.18 -5.43
N THR E 222 3.18 -1.06 -4.99
CA THR E 222 4.50 -1.52 -4.59
C THR E 222 5.27 -1.77 -5.89
N LEU E 223 6.59 -1.88 -5.84
CA LEU E 223 7.37 -2.16 -7.05
C LEU E 223 6.92 -3.47 -7.73
N THR E 224 6.62 -4.49 -6.93
CA THR E 224 6.16 -5.77 -7.44
C THR E 224 4.95 -5.61 -8.31
N GLU E 225 3.95 -4.91 -7.80
CA GLU E 225 2.72 -4.75 -8.56
C GLU E 225 2.84 -3.78 -9.71
N GLY E 226 3.71 -2.80 -9.58
CA GLY E 226 3.91 -1.86 -10.66
C GLY E 226 4.51 -2.62 -11.83
N ASN E 227 5.51 -3.44 -11.53
CA ASN E 227 6.17 -4.23 -12.56
C ASN E 227 5.17 -5.17 -13.21
N LYS E 228 4.25 -5.75 -12.45
CA LYS E 228 3.25 -6.64 -13.03
C LYS E 228 2.27 -5.88 -13.93
N LEU E 229 1.85 -4.71 -13.49
CA LEU E 229 0.92 -3.93 -14.27
C LEU E 229 1.63 -3.52 -15.56
N GLU E 230 2.88 -3.08 -15.43
CA GLU E 230 3.69 -2.66 -16.57
C GLU E 230 3.79 -3.79 -17.58
N LYS E 231 4.00 -5.02 -17.11
CA LYS E 231 4.14 -6.18 -17.97
C LYS E 231 2.83 -6.40 -18.70
N LYS E 232 1.71 -6.23 -18.01
CA LYS E 232 0.40 -6.42 -18.63
C LYS E 232 0.12 -5.39 -19.71
N LEU E 233 0.59 -4.17 -19.52
CA LEU E 233 0.42 -3.12 -20.54
C LEU E 233 1.37 -3.44 -21.70
N PHE E 234 2.57 -3.90 -21.37
CA PHE E 234 3.57 -4.26 -22.34
C PHE E 234 2.97 -5.34 -23.23
N TYR E 235 2.35 -6.34 -22.62
CA TYR E 235 1.75 -7.41 -23.40
C TYR E 235 0.66 -6.81 -24.31
N SER E 236 -0.10 -5.85 -23.79
CA SER E 236 -1.18 -5.19 -24.54
C SER E 236 -0.71 -4.48 -25.78
N THR E 237 0.50 -3.96 -25.75
CA THR E 237 0.97 -3.22 -26.90
C THR E 237 0.99 -4.18 -28.10
N PHE E 238 1.16 -5.47 -27.84
CA PHE E 238 1.24 -6.48 -28.91
C PHE E 238 -0.11 -6.64 -29.58
N ALA E 239 -1.12 -6.02 -28.99
CA ALA E 239 -2.46 -6.11 -29.52
C ALA E 239 -2.73 -4.94 -30.46
N THR E 240 -1.75 -4.07 -30.65
CA THR E 240 -1.90 -2.94 -31.56
C THR E 240 -1.09 -3.09 -32.85
N ASP E 241 -1.45 -2.29 -33.83
CA ASP E 241 -0.76 -2.31 -35.09
C ASP E 241 0.56 -1.56 -35.01
N ASP E 242 0.56 -0.53 -34.20
CA ASP E 242 1.72 0.32 -34.04
C ASP E 242 2.92 -0.38 -33.49
N ARG E 243 2.68 -1.36 -32.64
CA ARG E 243 3.75 -2.13 -32.06
C ARG E 243 4.35 -2.93 -33.22
N ARG E 244 3.48 -3.55 -34.00
CA ARG E 244 3.87 -4.35 -35.16
C ARG E 244 4.74 -3.47 -36.06
N GLU E 245 4.21 -2.30 -36.36
CA GLU E 245 4.85 -1.31 -37.20
C GLU E 245 6.19 -0.78 -36.69
N GLY E 246 6.27 -0.51 -35.40
CA GLY E 246 7.49 0.01 -34.84
C GLY E 246 8.58 -1.03 -34.77
N MET E 247 8.18 -2.27 -34.51
CA MET E 247 9.15 -3.35 -34.41
C MET E 247 9.70 -3.76 -35.76
N SER E 248 8.79 -3.87 -36.73
CA SER E 248 9.11 -4.23 -38.10
C SER E 248 9.99 -3.15 -38.74
N ALA E 249 9.70 -1.89 -38.47
CA ALA E 249 10.50 -0.77 -39.01
C ALA E 249 11.91 -0.77 -38.45
N PHE E 250 12.09 -1.24 -37.23
CA PHE E 250 13.42 -1.31 -36.59
C PHE E 250 14.20 -2.42 -37.29
N VAL E 251 13.57 -3.56 -37.43
CA VAL E 251 14.17 -4.72 -38.08
C VAL E 251 14.45 -4.32 -39.54
N GLU E 252 13.42 -3.77 -40.21
CA GLU E 252 13.51 -3.36 -41.61
C GLU E 252 14.29 -2.10 -41.79
N LYS E 253 14.90 -1.64 -40.71
CA LYS E 253 15.71 -0.44 -40.74
C LYS E 253 15.15 0.74 -41.53
N ARG E 254 13.87 1.00 -41.32
CA ARG E 254 13.16 2.12 -41.97
C ARG E 254 12.45 2.94 -40.90
N LYS E 255 11.80 4.02 -41.32
CA LYS E 255 11.04 4.86 -40.40
C LYS E 255 9.65 4.29 -40.18
N ALA E 256 9.23 4.27 -38.92
CA ALA E 256 7.92 3.75 -38.54
C ALA E 256 6.85 4.78 -38.81
N ASN E 257 5.71 4.31 -39.32
CA ASN E 257 4.55 5.14 -39.64
C ASN E 257 3.42 4.72 -38.68
N PHE E 258 3.42 5.34 -37.52
CA PHE E 258 2.43 5.01 -36.52
C PHE E 258 1.09 5.59 -36.90
N LYS E 259 0.06 4.84 -36.60
CA LYS E 259 -1.32 5.23 -36.90
C LYS E 259 -2.25 5.29 -35.68
N ASP E 260 -1.66 5.36 -34.47
CA ASP E 260 -2.39 5.41 -33.20
C ASP E 260 -3.46 4.35 -33.10
N HIS E 261 -3.09 3.14 -33.49
CA HIS E 261 -3.99 2.01 -33.47
C HIS E 261 -3.14 0.76 -33.32
N ASN F 3 17.97 18.86 34.85
CA ASN F 3 19.47 18.95 34.68
C ASN F 3 19.87 17.66 33.95
N PHE F 4 20.50 17.82 32.78
CA PHE F 4 20.88 16.70 31.94
C PHE F 4 22.35 16.36 31.96
N GLN F 5 22.61 15.05 31.82
CA GLN F 5 23.96 14.53 31.80
C GLN F 5 24.54 14.51 30.38
N TYR F 6 23.73 14.05 29.43
CA TYR F 6 24.19 13.91 28.04
C TYR F 6 23.85 14.96 27.00
N ILE F 7 22.95 15.89 27.34
CA ILE F 7 22.56 16.91 26.37
C ILE F 7 22.45 18.28 26.97
N ILE F 8 22.47 19.28 26.10
CA ILE F 8 22.32 20.67 26.48
C ILE F 8 21.12 21.24 25.73
N THR F 9 20.14 21.75 26.46
CA THR F 9 18.97 22.35 25.81
C THR F 9 19.04 23.87 26.00
N GLU F 10 18.52 24.63 25.04
CA GLU F 10 18.54 26.08 25.08
C GLU F 10 17.36 26.55 24.26
N LYS F 11 16.80 27.71 24.58
CA LYS F 11 15.69 28.23 23.79
C LYS F 11 16.31 29.39 23.03
N LYS F 12 16.27 29.35 21.71
CA LYS F 12 16.85 30.43 20.92
C LYS F 12 15.84 30.99 19.95
N GLY F 13 16.33 31.81 19.03
CA GLY F 13 15.47 32.41 18.04
C GLY F 13 14.73 33.59 18.58
N LYS F 14 14.15 34.37 17.68
CA LYS F 14 13.38 35.55 18.02
C LYS F 14 12.25 35.17 19.00
N ASN F 15 12.22 35.89 20.13
CA ASN F 15 11.23 35.68 21.18
C ASN F 15 11.34 34.28 21.76
N SER F 16 12.53 33.69 21.68
CA SER F 16 12.81 32.33 22.18
C SER F 16 11.86 31.26 21.63
N SER F 17 11.56 31.36 20.35
CA SER F 17 10.64 30.46 19.67
C SER F 17 11.23 29.12 19.21
N VAL F 18 12.54 29.05 19.22
CA VAL F 18 13.26 27.85 18.78
C VAL F 18 13.87 27.12 19.98
N GLY F 19 13.58 25.84 20.08
CA GLY F 19 14.12 25.02 21.16
C GLY F 19 15.31 24.25 20.63
N LEU F 20 16.50 24.60 21.08
CA LEU F 20 17.73 23.92 20.65
C LEU F 20 18.13 22.77 21.56
N ILE F 21 18.35 21.59 20.98
CA ILE F 21 18.80 20.45 21.76
C ILE F 21 20.15 20.13 21.19
N GLN F 22 21.14 20.03 22.04
CA GLN F 22 22.47 19.74 21.60
C GLN F 22 22.97 18.49 22.31
N LEU F 23 23.33 17.47 21.53
CA LEU F 23 23.84 16.23 22.07
C LEU F 23 25.22 16.57 22.58
N ASN F 24 25.49 16.24 23.84
CA ASN F 24 26.76 16.60 24.42
C ASN F 24 27.40 15.43 25.10
N ARG F 25 28.07 14.60 24.31
CA ARG F 25 28.74 13.42 24.82
C ARG F 25 29.85 13.24 23.83
N PRO F 26 30.71 14.27 23.73
CA PRO F 26 31.86 14.32 22.81
C PRO F 26 32.91 13.21 22.95
N LYS F 27 33.09 12.68 24.15
CA LYS F 27 34.09 11.63 24.34
C LYS F 27 33.68 10.34 23.65
N ALA F 28 32.38 10.18 23.42
CA ALA F 28 31.90 9.00 22.74
C ALA F 28 31.38 9.41 21.37
N LEU F 29 31.79 10.58 20.90
CA LEU F 29 31.33 11.09 19.61
C LEU F 29 29.79 11.04 19.54
N ASN F 30 29.13 11.45 20.64
CA ASN F 30 27.67 11.47 20.77
C ASN F 30 27.00 10.14 20.47
N ALA F 31 27.66 9.03 20.74
CA ALA F 31 27.03 7.74 20.48
C ALA F 31 25.76 7.71 21.27
N LEU F 32 24.73 7.19 20.66
CA LEU F 32 23.43 7.18 21.26
C LEU F 32 23.12 6.13 22.32
N CYS F 33 23.65 6.32 23.54
CA CYS F 33 23.35 5.34 24.60
C CYS F 33 21.94 5.53 25.14
N ASN F 34 21.43 4.53 25.87
CA ASN F 34 20.07 4.57 26.42
C ASN F 34 19.81 5.84 27.20
N GLY F 35 20.80 6.23 28.00
CA GLY F 35 20.68 7.42 28.81
C GLY F 35 20.52 8.66 27.97
N LEU F 36 21.31 8.77 26.91
CA LEU F 36 21.29 9.92 25.99
C LEU F 36 19.89 9.95 25.37
N ILE F 37 19.41 8.82 24.92
CA ILE F 37 18.10 8.79 24.28
C ILE F 37 16.98 9.17 25.21
N GLU F 38 17.09 8.75 26.46
CA GLU F 38 16.07 9.02 27.44
C GLU F 38 15.98 10.51 27.71
N GLU F 39 17.13 11.18 27.72
CA GLU F 39 17.18 12.60 27.94
C GLU F 39 16.70 13.36 26.70
N LEU F 40 17.11 12.91 25.53
CA LEU F 40 16.75 13.51 24.28
C LEU F 40 15.25 13.50 24.22
N ASN F 41 14.65 12.37 24.51
CA ASN F 41 13.20 12.29 24.48
C ASN F 41 12.49 13.19 25.50
N GLN F 42 13.13 13.41 26.65
CA GLN F 42 12.59 14.29 27.69
C GLN F 42 12.60 15.70 27.16
N ALA F 43 13.75 16.12 26.63
CA ALA F 43 13.93 17.44 26.07
C ALA F 43 12.98 17.70 24.93
N LEU F 44 12.74 16.70 24.09
CA LEU F 44 11.84 16.82 22.96
C LEU F 44 10.43 17.04 23.45
N GLU F 45 10.02 16.25 24.43
CA GLU F 45 8.66 16.33 24.98
C GLU F 45 8.42 17.67 25.64
N THR F 46 9.46 18.20 26.26
CA THR F 46 9.40 19.49 26.93
C THR F 46 9.15 20.65 25.95
N PHE F 47 9.99 20.75 24.91
CA PHE F 47 9.84 21.79 23.90
C PHE F 47 8.51 21.56 23.21
N GLU F 48 8.08 20.31 23.11
CA GLU F 48 6.82 19.97 22.46
C GLU F 48 5.70 20.61 23.29
N GLU F 49 5.83 20.51 24.62
CA GLU F 49 4.82 21.06 25.51
C GLU F 49 4.96 22.54 25.85
N ASP F 50 6.02 23.18 25.39
CA ASP F 50 6.26 24.58 25.62
C ASP F 50 5.63 25.41 24.49
N PRO F 51 4.63 26.25 24.82
CA PRO F 51 3.89 27.09 23.88
C PRO F 51 4.69 28.19 23.23
N ALA F 52 5.87 28.47 23.73
CA ALA F 52 6.67 29.52 23.11
C ALA F 52 7.52 28.94 22.00
N VAL F 53 7.64 27.62 21.97
CA VAL F 53 8.47 26.93 20.99
C VAL F 53 7.63 26.45 19.82
N GLY F 54 8.03 26.85 18.62
CA GLY F 54 7.32 26.43 17.42
C GLY F 54 8.09 25.42 16.58
N ALA F 55 9.41 25.36 16.77
CA ALA F 55 10.28 24.41 16.06
C ALA F 55 11.48 24.10 16.93
N ILE F 56 12.01 22.89 16.75
CA ILE F 56 13.18 22.42 17.48
C ILE F 56 14.34 22.19 16.52
N VAL F 57 15.56 22.50 16.97
CA VAL F 57 16.78 22.28 16.20
C VAL F 57 17.61 21.28 17.01
N LEU F 58 17.98 20.15 16.41
CA LEU F 58 18.76 19.10 17.07
C LEU F 58 20.14 19.11 16.47
N THR F 59 21.17 19.17 17.30
CA THR F 59 22.55 19.19 16.82
C THR F 59 23.46 18.45 17.77
N GLY F 60 24.72 18.29 17.39
CA GLY F 60 25.67 17.61 18.25
C GLY F 60 26.88 18.50 18.35
N GLY F 61 28.06 17.93 18.20
CA GLY F 61 29.27 18.74 18.25
C GLY F 61 29.74 19.06 16.84
N GLU F 62 30.84 19.81 16.75
CA GLU F 62 31.43 20.21 15.48
C GLU F 62 32.04 19.00 14.77
N LYS F 63 32.52 18.05 15.56
CA LYS F 63 33.13 16.87 15.01
C LYS F 63 32.13 15.75 14.73
N ALA F 64 31.05 15.71 15.52
CA ALA F 64 30.07 14.65 15.33
C ALA F 64 28.68 15.00 15.80
N PHE F 65 27.71 14.73 14.96
CA PHE F 65 26.32 14.95 15.28
C PHE F 65 26.03 13.76 16.20
N ALA F 66 26.29 12.55 15.71
CA ALA F 66 26.12 11.30 16.48
C ALA F 66 26.82 10.18 15.70
N ALA F 67 27.79 9.52 16.33
CA ALA F 67 28.56 8.45 15.68
C ALA F 67 27.87 7.09 15.72
N GLY F 68 26.62 7.04 16.11
CA GLY F 68 25.95 5.76 16.08
C GLY F 68 25.45 5.30 17.39
N ALA F 69 24.80 4.14 17.41
CA ALA F 69 24.30 3.54 18.63
C ALA F 69 25.56 3.27 19.48
N ASP F 70 25.37 2.95 20.76
CA ASP F 70 26.51 2.66 21.64
C ASP F 70 26.78 1.17 21.47
N ILE F 71 27.88 0.84 20.78
CA ILE F 71 28.24 -0.55 20.48
C ILE F 71 28.43 -1.39 21.71
N LYS F 72 29.07 -0.79 22.70
CA LYS F 72 29.31 -1.47 23.98
C LYS F 72 27.99 -1.89 24.68
N GLU F 73 26.95 -1.07 24.55
CA GLU F 73 25.67 -1.44 25.17
C GLU F 73 24.89 -2.49 24.38
N MET F 74 25.29 -2.74 23.14
CA MET F 74 24.58 -3.73 22.32
C MET F 74 25.34 -5.03 22.37
N GLN F 75 26.64 -4.89 22.56
CA GLN F 75 27.60 -5.99 22.60
C GLN F 75 27.19 -7.35 23.17
N ASN F 76 26.53 -7.38 24.32
CA ASN F 76 26.15 -8.68 24.90
C ASN F 76 24.68 -9.04 24.79
N ARG F 77 24.00 -8.35 23.90
CA ARG F 77 22.59 -8.57 23.68
C ARG F 77 22.40 -9.83 22.86
N THR F 78 21.29 -10.51 23.08
CA THR F 78 20.98 -11.69 22.31
C THR F 78 19.73 -11.39 21.46
N PHE F 79 19.37 -12.28 20.53
CA PHE F 79 18.19 -12.04 19.72
C PHE F 79 16.96 -12.04 20.62
N GLN F 80 16.84 -12.97 21.57
CA GLN F 80 15.66 -12.97 22.45
C GLN F 80 15.68 -11.71 23.32
N ASP F 81 16.85 -11.17 23.64
CA ASP F 81 16.89 -9.95 24.42
C ASP F 81 16.29 -8.83 23.57
N CYS F 82 16.72 -8.79 22.32
CA CYS F 82 16.27 -7.76 21.41
C CYS F 82 14.80 -7.81 21.23
N TYR F 83 14.32 -8.99 20.91
CA TYR F 83 12.92 -9.12 20.67
C TYR F 83 12.08 -8.79 21.89
N SER F 84 12.28 -9.53 22.98
CA SER F 84 11.51 -9.35 24.20
C SER F 84 11.69 -8.00 24.90
N GLY F 85 12.91 -7.47 24.87
CA GLY F 85 13.18 -6.20 25.50
C GLY F 85 12.86 -5.02 24.59
N LYS F 86 12.24 -5.30 23.44
CA LYS F 86 11.85 -4.28 22.44
C LYS F 86 13.00 -3.31 22.23
N PHE F 87 14.19 -3.86 22.01
CA PHE F 87 15.40 -3.07 21.82
C PHE F 87 15.26 -1.91 20.84
N LEU F 88 15.73 -0.74 21.26
CA LEU F 88 15.69 0.50 20.46
C LEU F 88 14.30 1.12 20.25
N SER F 89 13.32 0.69 21.03
CA SER F 89 11.95 1.19 20.89
C SER F 89 11.80 2.67 21.25
N HIS F 90 12.66 3.19 22.13
CA HIS F 90 12.53 4.60 22.50
C HIS F 90 13.26 5.51 21.56
N TRP F 91 13.95 4.90 20.62
CA TRP F 91 14.73 5.63 19.65
C TRP F 91 13.93 6.48 18.70
N ASP F 92 12.74 6.03 18.33
CA ASP F 92 12.02 6.84 17.40
C ASP F 92 10.89 7.63 18.02
N HIS F 93 11.10 8.12 19.24
CA HIS F 93 10.09 8.94 19.90
C HIS F 93 9.99 10.30 19.20
N ILE F 94 11.12 10.73 18.65
CA ILE F 94 11.25 11.99 17.95
C ILE F 94 10.22 12.04 16.82
N THR F 95 9.85 10.88 16.29
CA THR F 95 8.88 10.84 15.20
C THR F 95 7.44 11.10 15.68
N ARG F 96 7.25 11.20 17.00
CA ARG F 96 5.93 11.44 17.57
C ARG F 96 5.71 12.90 17.88
N ILE F 97 6.76 13.68 17.72
CA ILE F 97 6.75 15.11 17.98
C ILE F 97 6.04 15.79 16.80
N LYS F 98 4.99 16.58 17.11
CA LYS F 98 4.21 17.30 16.09
C LYS F 98 4.91 18.54 15.52
N LYS F 99 5.61 19.26 16.36
CA LYS F 99 6.37 20.45 15.97
C LYS F 99 7.54 20.02 15.10
N PRO F 100 7.94 20.84 14.13
CA PRO F 100 9.05 20.48 13.27
C PRO F 100 10.34 20.39 13.98
N VAL F 101 11.19 19.43 13.58
CA VAL F 101 12.53 19.26 14.11
C VAL F 101 13.45 19.34 12.92
N ILE F 102 14.51 20.12 13.06
CA ILE F 102 15.46 20.32 12.01
C ILE F 102 16.75 19.80 12.59
N ALA F 103 17.47 19.00 11.83
CA ALA F 103 18.74 18.47 12.29
C ALA F 103 19.86 19.28 11.71
N ALA F 104 20.67 19.88 12.57
CA ALA F 104 21.81 20.64 12.08
C ALA F 104 23.01 19.68 12.26
N VAL F 105 23.29 18.92 11.20
CA VAL F 105 24.38 17.94 11.20
C VAL F 105 25.77 18.46 10.83
N ASN F 106 26.65 18.49 11.84
CA ASN F 106 28.04 18.89 11.68
C ASN F 106 28.84 17.62 11.95
N GLY F 107 29.86 17.38 11.15
CA GLY F 107 30.68 16.20 11.33
C GLY F 107 30.02 14.86 11.02
N TYR F 108 30.36 13.86 11.81
CA TYR F 108 29.83 12.51 11.62
C TYR F 108 28.39 12.35 12.00
N ALA F 109 27.61 11.71 11.14
CA ALA F 109 26.22 11.37 11.41
C ALA F 109 26.19 9.96 10.84
N LEU F 110 26.68 9.01 11.64
CA LEU F 110 26.80 7.62 11.23
C LEU F 110 25.91 6.67 11.99
N GLY F 111 25.50 5.59 11.35
CA GLY F 111 24.66 4.62 12.01
C GLY F 111 23.44 5.26 12.63
N GLY F 112 23.23 5.00 13.90
CA GLY F 112 22.09 5.56 14.61
C GLY F 112 22.08 7.09 14.54
N GLY F 113 23.24 7.69 14.31
CA GLY F 113 23.29 9.13 14.20
C GLY F 113 22.70 9.57 12.89
N CYS F 114 22.94 8.82 11.80
CA CYS F 114 22.40 9.15 10.46
C CYS F 114 20.90 8.99 10.53
N GLU F 115 20.45 7.90 11.11
CA GLU F 115 19.02 7.61 11.25
C GLU F 115 18.27 8.69 12.07
N LEU F 116 18.88 9.16 13.16
CA LEU F 116 18.33 10.18 14.01
C LEU F 116 18.16 11.44 13.18
N ALA F 117 19.19 11.80 12.41
CA ALA F 117 19.12 12.97 11.53
C ALA F 117 17.98 12.77 10.53
N MET F 118 17.88 11.60 9.94
CA MET F 118 16.85 11.34 8.95
C MET F 118 15.45 11.33 9.54
N MET F 119 15.36 11.06 10.83
CA MET F 119 14.06 11.03 11.51
C MET F 119 13.54 12.46 11.58
N CYS F 120 14.46 13.42 11.57
CA CYS F 120 14.12 14.83 11.62
C CYS F 120 13.44 15.25 10.32
N ASP F 121 12.66 16.32 10.38
CA ASP F 121 11.93 16.78 9.22
C ASP F 121 12.80 17.40 8.15
N ILE F 122 13.80 18.15 8.57
CA ILE F 122 14.70 18.83 7.66
C ILE F 122 16.12 18.58 8.13
N ILE F 123 17.06 18.39 7.20
CA ILE F 123 18.46 18.25 7.59
C ILE F 123 19.30 19.31 6.91
N TYR F 124 20.07 20.04 7.72
CA TYR F 124 20.98 21.06 7.25
C TYR F 124 22.32 20.45 7.56
N ALA F 125 23.28 20.61 6.68
CA ALA F 125 24.57 20.00 6.93
C ALA F 125 25.72 20.95 6.88
N GLY F 126 26.68 20.73 7.77
CA GLY F 126 27.88 21.56 7.81
C GLY F 126 28.74 21.17 6.62
N GLU F 127 29.67 22.04 6.22
CA GLU F 127 30.50 21.73 5.09
C GLU F 127 31.31 20.45 5.25
N LYS F 128 31.66 20.11 6.50
CA LYS F 128 32.48 18.94 6.77
C LYS F 128 31.68 17.74 7.22
N ALA F 129 30.37 17.78 7.08
CA ALA F 129 29.53 16.68 7.51
C ALA F 129 29.70 15.43 6.67
N GLN F 130 29.47 14.29 7.31
CA GLN F 130 29.56 12.99 6.68
C GLN F 130 28.43 12.11 7.16
N PHE F 131 27.78 11.45 6.21
CA PHE F 131 26.69 10.54 6.51
C PHE F 131 27.07 9.12 6.11
N GLY F 132 26.60 8.14 6.86
CA GLY F 132 26.91 6.77 6.53
C GLY F 132 26.22 5.79 7.44
N GLN F 133 26.11 4.55 6.98
CA GLN F 133 25.48 3.48 7.73
C GLN F 133 26.54 2.33 7.84
N PRO F 134 27.48 2.44 8.80
CA PRO F 134 28.54 1.45 9.03
C PRO F 134 28.11 0.19 9.81
N GLU F 135 26.82 0.01 10.03
CA GLU F 135 26.34 -1.14 10.77
C GLU F 135 26.84 -2.48 10.17
N ILE F 136 26.92 -2.56 8.85
CA ILE F 136 27.34 -3.79 8.16
C ILE F 136 28.75 -4.25 8.58
N LEU F 137 29.60 -3.28 8.88
CA LEU F 137 30.96 -3.51 9.33
C LEU F 137 30.99 -4.13 10.73
N LEU F 138 29.87 -4.04 11.46
CA LEU F 138 29.77 -4.57 12.82
C LEU F 138 29.02 -5.86 12.80
N GLY F 139 28.68 -6.35 11.63
CA GLY F 139 27.95 -7.59 11.60
C GLY F 139 26.50 -7.40 11.88
N THR F 140 25.98 -6.19 11.67
CA THR F 140 24.56 -5.91 11.86
C THR F 140 24.06 -5.00 10.75
N ILE F 141 22.76 -4.67 10.75
CA ILE F 141 22.22 -3.78 9.72
C ILE F 141 21.59 -2.54 10.42
N PRO F 142 21.24 -1.47 9.66
CA PRO F 142 20.64 -0.31 10.33
C PRO F 142 19.32 -0.74 10.95
N GLY F 143 19.08 -0.34 12.20
CA GLY F 143 17.86 -0.75 12.88
C GLY F 143 16.89 0.33 13.29
N ALA F 144 17.07 1.55 12.77
CA ALA F 144 16.14 2.63 13.08
C ALA F 144 15.85 3.45 11.81
N GLY F 145 15.61 2.77 10.70
CA GLY F 145 15.27 3.43 9.45
C GLY F 145 16.38 3.72 8.47
N GLY F 146 17.58 3.20 8.73
CA GLY F 146 18.71 3.46 7.85
C GLY F 146 18.60 2.76 6.50
N THR F 147 17.80 1.70 6.42
CA THR F 147 17.61 1.03 5.13
C THR F 147 16.34 1.58 4.48
N GLN F 148 15.56 2.36 5.24
CA GLN F 148 14.28 2.87 4.78
C GLN F 148 14.21 4.36 4.42
N ARG F 149 14.56 5.22 5.36
CA ARG F 149 14.53 6.63 5.08
C ARG F 149 15.66 6.98 4.15
N LEU F 150 16.77 6.25 4.23
CA LEU F 150 17.93 6.55 3.37
C LEU F 150 17.56 6.28 1.94
N THR F 151 17.07 5.09 1.71
CA THR F 151 16.67 4.65 0.41
C THR F 151 15.64 5.59 -0.20
N ARG F 152 14.66 6.00 0.59
CA ARG F 152 13.61 6.89 0.10
C ARG F 152 14.09 8.29 -0.23
N ALA F 153 15.22 8.70 0.35
CA ALA F 153 15.72 10.02 0.06
C ALA F 153 16.78 10.01 -1.03
N VAL F 154 17.64 9.02 -0.99
CA VAL F 154 18.80 8.93 -1.87
C VAL F 154 18.73 8.00 -3.12
N GLY F 155 17.78 7.07 -3.16
CA GLY F 155 17.71 6.17 -4.29
C GLY F 155 18.29 4.82 -3.95
N LYS F 156 17.91 3.78 -4.69
CA LYS F 156 18.39 2.44 -4.39
C LYS F 156 19.86 2.23 -4.53
N SER F 157 20.43 2.70 -5.62
CA SER F 157 21.85 2.48 -5.83
C SER F 157 22.72 3.06 -4.70
N LEU F 158 22.55 4.33 -4.36
CA LEU F 158 23.37 4.89 -3.31
C LEU F 158 23.04 4.28 -1.92
N ALA F 159 21.77 4.02 -1.65
CA ALA F 159 21.38 3.41 -0.40
C ALA F 159 22.05 2.05 -0.27
N MET F 160 21.92 1.22 -1.29
CA MET F 160 22.53 -0.11 -1.28
C MET F 160 24.03 0.00 -1.10
N GLU F 161 24.63 0.94 -1.80
CA GLU F 161 26.06 1.08 -1.73
C GLU F 161 26.48 1.45 -0.34
N MET F 162 25.79 2.40 0.28
CA MET F 162 26.11 2.85 1.63
C MET F 162 25.87 1.78 2.70
N VAL F 163 24.75 1.08 2.60
CA VAL F 163 24.39 0.07 3.58
C VAL F 163 25.22 -1.20 3.48
N LEU F 164 25.56 -1.60 2.26
CA LEU F 164 26.32 -2.83 2.03
C LEU F 164 27.83 -2.68 2.18
N THR F 165 28.37 -1.48 2.02
CA THR F 165 29.78 -1.30 2.18
C THR F 165 30.13 -0.59 3.48
N GLY F 166 29.23 0.28 3.93
CA GLY F 166 29.47 1.04 5.16
C GLY F 166 30.18 2.32 4.84
N ASP F 167 30.32 2.63 3.55
CA ASP F 167 31.01 3.84 3.11
C ASP F 167 30.26 5.15 3.44
N ARG F 168 31.01 6.21 3.71
CA ARG F 168 30.43 7.51 4.03
C ARG F 168 30.30 8.38 2.82
N ILE F 169 29.29 9.27 2.84
CA ILE F 169 29.14 10.24 1.78
C ILE F 169 29.30 11.61 2.43
N SER F 170 29.71 12.58 1.62
CA SER F 170 29.94 13.93 2.06
C SER F 170 28.66 14.75 2.18
N ALA F 171 28.80 15.97 2.69
CA ALA F 171 27.67 16.87 2.82
C ALA F 171 27.14 17.09 1.41
N GLN F 172 28.07 17.31 0.49
CA GLN F 172 27.71 17.57 -0.90
C GLN F 172 26.97 16.44 -1.56
N ASP F 173 27.46 15.20 -1.38
CA ASP F 173 26.78 14.04 -1.97
C ASP F 173 25.38 13.93 -1.36
N ALA F 174 25.30 14.22 -0.06
CA ALA F 174 24.07 14.14 0.68
C ALA F 174 23.05 15.13 0.14
N LYS F 175 23.49 16.35 -0.15
CA LYS F 175 22.56 17.35 -0.64
C LYS F 175 22.21 17.06 -2.11
N GLN F 176 23.20 16.70 -2.91
CA GLN F 176 22.92 16.40 -4.29
C GLN F 176 21.87 15.27 -4.37
N ALA F 177 21.92 14.36 -3.43
CA ALA F 177 21.00 13.23 -3.42
C ALA F 177 19.66 13.50 -2.76
N GLY F 178 19.53 14.65 -2.07
CA GLY F 178 18.28 14.99 -1.40
C GLY F 178 18.18 14.50 0.04
N LEU F 179 19.28 14.03 0.63
CA LEU F 179 19.23 13.56 2.02
C LEU F 179 19.15 14.80 2.91
N VAL F 180 19.87 15.85 2.52
CA VAL F 180 19.90 17.13 3.23
C VAL F 180 19.49 18.23 2.24
N SER F 181 18.84 19.28 2.72
CA SER F 181 18.40 20.30 1.78
C SER F 181 19.25 21.54 1.73
N LYS F 182 20.22 21.67 2.62
CA LYS F 182 21.05 22.86 2.64
C LYS F 182 22.38 22.55 3.29
N ILE F 183 23.43 23.18 2.80
CA ILE F 183 24.77 23.01 3.38
C ILE F 183 25.23 24.37 3.82
N PHE F 184 25.80 24.44 5.01
CA PHE F 184 26.28 25.68 5.60
C PHE F 184 27.65 25.50 6.26
N PRO F 185 28.42 26.58 6.38
CA PRO F 185 29.73 26.48 7.00
C PRO F 185 29.58 25.90 8.38
N VAL F 186 30.58 25.13 8.80
CA VAL F 186 30.58 24.49 10.11
C VAL F 186 30.20 25.48 11.22
N GLU F 187 30.77 26.70 11.16
CA GLU F 187 30.53 27.69 12.22
C GLU F 187 29.15 28.33 12.25
N THR F 188 28.55 28.56 11.09
CA THR F 188 27.24 29.20 11.03
C THR F 188 26.08 28.26 10.90
N LEU F 189 26.36 26.97 10.77
CA LEU F 189 25.33 25.97 10.59
C LEU F 189 24.17 26.02 11.57
N VAL F 190 24.42 25.89 12.87
CA VAL F 190 23.34 25.89 13.89
C VAL F 190 22.53 27.21 13.87
N GLU F 191 23.23 28.30 13.64
CA GLU F 191 22.65 29.62 13.56
C GLU F 191 21.66 29.61 12.40
N GLU F 192 22.11 29.08 11.27
CA GLU F 192 21.30 29.01 10.05
C GLU F 192 20.07 28.09 10.22
N ALA F 193 20.25 27.00 10.95
CA ALA F 193 19.16 26.08 11.21
C ALA F 193 18.17 26.77 12.15
N ILE F 194 18.66 27.57 13.09
CA ILE F 194 17.79 28.28 14.00
C ILE F 194 16.95 29.32 13.24
N GLN F 195 17.55 29.95 12.22
CA GLN F 195 16.80 30.92 11.42
C GLN F 195 15.67 30.19 10.72
N CYS F 196 15.96 29.02 10.18
CA CYS F 196 14.92 28.23 9.50
C CYS F 196 13.79 27.92 10.48
N ALA F 197 14.19 27.48 11.68
CA ALA F 197 13.26 27.13 12.78
C ALA F 197 12.41 28.31 13.21
N GLU F 198 13.01 29.50 13.22
CA GLU F 198 12.32 30.75 13.56
C GLU F 198 11.22 31.03 12.54
N LYS F 199 11.53 30.91 11.25
CA LYS F 199 10.53 31.16 10.21
C LYS F 199 9.32 30.27 10.45
N ILE F 200 9.60 29.00 10.71
CA ILE F 200 8.57 28.01 10.96
C ILE F 200 7.76 28.35 12.21
N ALA F 201 8.43 28.73 13.29
CA ALA F 201 7.75 29.05 14.54
C ALA F 201 6.84 30.31 14.40
N ASN F 202 7.11 31.16 13.42
CA ASN F 202 6.34 32.37 13.15
C ASN F 202 5.02 32.05 12.48
N ASN F 203 4.91 30.86 11.95
CA ASN F 203 3.67 30.48 11.30
C ASN F 203 2.76 29.82 12.34
N SER F 204 1.52 29.58 11.97
CA SER F 204 0.56 29.00 12.88
C SER F 204 0.94 27.57 13.25
N LYS F 205 1.21 27.33 14.52
CA LYS F 205 1.59 26.02 14.99
C LYS F 205 0.63 24.92 14.57
N ILE F 206 -0.65 25.21 14.62
CA ILE F 206 -1.64 24.20 14.25
C ILE F 206 -1.56 23.83 12.76
N ILE F 207 -1.38 24.87 11.93
CA ILE F 207 -1.28 24.66 10.51
C ILE F 207 0.04 24.00 10.17
N VAL F 208 1.11 24.42 10.81
CA VAL F 208 2.41 23.84 10.58
C VAL F 208 2.37 22.38 10.94
N ALA F 209 1.65 22.01 11.99
CA ALA F 209 1.57 20.59 12.43
C ALA F 209 0.83 19.77 11.42
N MET F 210 -0.19 20.36 10.81
CA MET F 210 -1.00 19.70 9.78
C MET F 210 -0.17 19.50 8.50
N ALA F 211 0.61 20.51 8.13
CA ALA F 211 1.46 20.46 6.95
C ALA F 211 2.50 19.36 7.10
N LYS F 212 3.13 19.30 8.27
CA LYS F 212 4.17 18.30 8.53
C LYS F 212 3.58 16.91 8.47
N GLU F 213 2.39 16.75 9.00
CA GLU F 213 1.71 15.48 9.00
C GLU F 213 1.35 15.06 7.57
N SER F 214 1.06 16.06 6.75
CA SER F 214 0.69 15.84 5.37
C SER F 214 1.93 15.39 4.61
N VAL F 215 3.02 16.13 4.73
CA VAL F 215 4.24 15.76 4.03
C VAL F 215 4.69 14.34 4.44
N ASN F 216 4.63 14.03 5.73
CA ASN F 216 5.04 12.72 6.18
C ASN F 216 4.21 11.63 5.53
N ALA F 217 2.93 11.91 5.28
CA ALA F 217 2.03 10.94 4.67
C ALA F 217 2.50 10.52 3.28
N ALA F 218 3.40 11.27 2.67
CA ALA F 218 3.90 10.91 1.35
C ALA F 218 4.64 9.58 1.37
N PHE F 219 4.99 9.07 2.56
CA PHE F 219 5.72 7.81 2.69
C PHE F 219 4.85 6.69 3.23
N GLU F 220 3.56 6.98 3.41
CA GLU F 220 2.66 6.01 4.01
C GLU F 220 1.45 5.62 3.21
N MET F 221 1.32 6.18 2.03
CA MET F 221 0.14 5.94 1.23
C MET F 221 0.44 6.07 -0.24
N THR F 222 -0.52 5.65 -1.06
CA THR F 222 -0.41 5.82 -2.50
C THR F 222 -0.66 7.33 -2.71
N LEU F 223 -0.25 7.85 -3.87
CA LEU F 223 -0.44 9.25 -4.19
C LEU F 223 -1.93 9.64 -4.15
N THR F 224 -2.80 8.75 -4.60
CA THR F 224 -4.24 9.03 -4.57
C THR F 224 -4.73 9.32 -3.17
N GLU F 225 -4.36 8.46 -2.22
CA GLU F 225 -4.76 8.61 -0.83
C GLU F 225 -4.03 9.72 -0.13
N GLY F 226 -2.79 9.98 -0.53
CA GLY F 226 -2.02 11.04 0.07
C GLY F 226 -2.73 12.35 -0.26
N ASN F 227 -3.08 12.50 -1.52
CA ASN F 227 -3.78 13.70 -1.97
C ASN F 227 -5.10 13.88 -1.27
N LYS F 228 -5.86 12.81 -1.08
CA LYS F 228 -7.15 12.88 -0.39
C LYS F 228 -6.97 13.29 1.08
N LEU F 229 -5.96 12.74 1.76
CA LEU F 229 -5.67 13.06 3.15
C LEU F 229 -5.31 14.54 3.18
N GLU F 230 -4.47 14.93 2.25
CA GLU F 230 -4.03 16.29 2.18
C GLU F 230 -5.21 17.23 2.04
N LYS F 231 -6.14 16.88 1.19
CA LYS F 231 -7.30 17.71 0.94
C LYS F 231 -8.13 17.85 2.22
N LYS F 232 -8.21 16.78 2.99
CA LYS F 232 -8.96 16.79 4.23
C LYS F 232 -8.32 17.68 5.28
N LEU F 233 -7.00 17.71 5.33
CA LEU F 233 -6.29 18.59 6.25
C LEU F 233 -6.46 20.03 5.77
N PHE F 234 -6.37 20.23 4.45
CA PHE F 234 -6.52 21.53 3.79
C PHE F 234 -7.89 22.07 4.19
N TYR F 235 -8.92 21.25 4.07
CA TYR F 235 -10.27 21.64 4.48
C TYR F 235 -10.30 22.04 5.97
N SER F 236 -9.58 21.28 6.78
CA SER F 236 -9.52 21.50 8.21
C SER F 236 -8.95 22.85 8.55
N THR F 237 -8.04 23.35 7.73
CA THR F 237 -7.39 24.63 8.02
C THR F 237 -8.43 25.73 8.05
N PHE F 238 -9.53 25.52 7.34
CA PHE F 238 -10.64 26.48 7.28
C PHE F 238 -11.42 26.50 8.57
N ALA F 239 -11.10 25.57 9.47
CA ALA F 239 -11.74 25.49 10.76
C ALA F 239 -10.95 26.31 11.78
N THR F 240 -9.81 26.88 11.37
CA THR F 240 -8.98 27.64 12.28
C THR F 240 -9.10 29.15 12.05
N ASP F 241 -8.74 29.93 13.06
CA ASP F 241 -8.76 31.40 12.94
C ASP F 241 -7.60 31.86 12.10
N ASP F 242 -6.50 31.12 12.17
CA ASP F 242 -5.31 31.48 11.42
C ASP F 242 -5.45 31.42 9.92
N ARG F 243 -6.26 30.48 9.43
CA ARG F 243 -6.45 30.37 8.02
C ARG F 243 -7.23 31.59 7.56
N ARG F 244 -8.26 31.97 8.32
CA ARG F 244 -9.07 33.17 8.04
C ARG F 244 -8.19 34.42 8.00
N GLU F 245 -7.36 34.55 9.03
CA GLU F 245 -6.45 35.66 9.16
C GLU F 245 -5.43 35.71 8.03
N GLY F 246 -4.81 34.56 7.75
CA GLY F 246 -3.78 34.46 6.75
C GLY F 246 -4.28 34.89 5.40
N MET F 247 -5.49 34.48 5.05
CA MET F 247 -6.05 34.82 3.75
C MET F 247 -6.61 36.26 3.64
N SER F 248 -7.24 36.76 4.70
CA SER F 248 -7.76 38.12 4.72
C SER F 248 -6.61 39.09 4.72
N ALA F 249 -5.51 38.73 5.36
CA ALA F 249 -4.38 39.61 5.41
C ALA F 249 -3.87 39.82 3.99
N PHE F 250 -3.85 38.77 3.18
CA PHE F 250 -3.36 38.86 1.80
C PHE F 250 -4.23 39.83 1.05
N VAL F 251 -5.53 39.57 1.16
CA VAL F 251 -6.54 40.37 0.51
C VAL F 251 -6.55 41.80 1.04
N GLU F 252 -6.38 41.97 2.35
CA GLU F 252 -6.36 43.30 2.95
C GLU F 252 -5.00 43.96 2.92
N LYS F 253 -4.07 43.35 2.19
CA LYS F 253 -2.74 43.88 2.03
C LYS F 253 -2.12 44.24 3.39
N ARG F 254 -2.13 43.31 4.34
CA ARG F 254 -1.56 43.58 5.66
C ARG F 254 -0.84 42.36 6.17
N LYS F 255 -0.12 42.50 7.28
CA LYS F 255 0.65 41.40 7.88
C LYS F 255 -0.31 40.56 8.72
N ALA F 256 -0.32 39.26 8.47
CA ALA F 256 -1.17 38.36 9.20
C ALA F 256 -0.65 38.23 10.62
N ASN F 257 -1.57 38.05 11.55
CA ASN F 257 -1.22 37.90 12.93
C ASN F 257 -1.80 36.58 13.35
N PHE F 258 -0.94 35.57 13.39
CA PHE F 258 -1.35 34.23 13.75
C PHE F 258 -1.43 34.08 15.27
N LYS F 259 -2.28 33.16 15.71
CA LYS F 259 -2.52 32.92 17.12
C LYS F 259 -2.47 31.46 17.49
N ASP F 260 -2.02 30.62 16.57
CA ASP F 260 -1.96 29.17 16.75
C ASP F 260 -3.35 28.60 17.11
N HIS F 261 -4.38 29.15 16.46
CA HIS F 261 -5.77 28.78 16.69
C HIS F 261 -6.59 28.95 15.38
N1A CAA G . -20.29 8.77 27.69
C2A CAA G . -20.58 9.24 28.87
N3A CAA G . -21.50 8.86 29.73
C4A CAA G . -22.23 7.83 29.23
C5A CAA G . -22.04 7.24 28.02
C6A CAA G . -21.00 7.75 27.21
N6A CAA G . -20.70 7.29 26.00
N7A CAA G . -22.94 6.22 27.83
C8A CAA G . -23.65 6.22 28.93
N9A CAA G . -23.26 7.18 29.83
C1B CAA G . -23.82 7.50 31.17
C2B CAA G . -25.29 7.98 30.98
O2B CAA G . -25.36 9.39 30.61
C3B CAA G . -25.86 7.73 32.37
O3B CAA G . -25.26 8.62 33.29
P3B CAA G . -26.13 9.66 33.99
O7A CAA G . -26.09 10.98 33.22
O8A CAA G . -27.59 9.18 34.06
O9A CAA G . -25.56 9.86 35.40
C4B CAA G . -25.26 6.35 32.62
O4B CAA G . -23.97 6.34 31.99
C5B CAA G . -26.15 5.30 32.00
O5B CAA G . -26.56 5.66 30.73
P1A CAA G . -28.00 5.48 30.33
O1A CAA G . -28.88 6.08 31.44
O2A CAA G . -28.25 6.22 28.99
O3A CAA G . -28.30 3.97 30.19
P2A CAA G . -29.34 3.24 29.30
O4A CAA G . -29.48 1.79 29.80
O5A CAA G . -30.71 3.95 29.38
O6A CAA G . -28.88 3.23 27.82
CBP CAA G . -26.96 3.10 26.24
CCP CAA G . -27.68 2.51 27.45
CDP CAA G . -27.73 2.74 24.97
CEP CAA G . -25.54 2.50 26.16
CAP CAA G . -26.94 4.64 26.43
OAP CAA G . -26.03 5.04 27.51
C9P CAA G . -26.42 5.45 25.27
O9P CAA G . -27.04 5.57 24.23
N8P CAA G . -25.16 6.05 25.46
C7P CAA G . -24.50 6.77 24.47
C6P CAA G . -23.26 6.04 23.98
C5P CAA G . -22.69 6.57 22.68
O5P CAA G . -23.31 7.23 21.88
N4P CAA G . -21.35 6.23 22.57
C3P CAA G . -20.52 6.61 21.51
C2P CAA G . -20.38 8.08 21.45
S1P CAA G . -18.75 8.88 21.15
C1 CAA G . -17.39 7.77 20.90
O1 CAA G . -17.60 6.57 20.86
C2 CAA G . -16.14 8.37 20.34
C3 CAA G . -15.12 7.59 19.61
O3 CAA G . -15.26 6.43 19.37
C4 CAA G . -13.82 8.13 19.11
N1A CAA H . -27.10 -7.18 -21.88
C2A CAA H . -28.06 -6.93 -22.78
N3A CAA H . -29.26 -7.49 -22.95
C4A CAA H . -29.43 -8.49 -22.01
C5A CAA H . -28.53 -8.86 -21.03
C6A CAA H . -27.30 -8.15 -20.97
N6A CAA H . -26.34 -8.39 -20.07
N7A CAA H . -29.05 -9.89 -20.27
C8A CAA H . -30.25 -10.14 -20.78
N9A CAA H . -30.55 -9.31 -21.87
C1B CAA H . -31.79 -9.27 -22.73
C2B CAA H . -31.95 -10.68 -23.35
O2B CAA H . -31.20 -10.81 -24.55
C3B CAA H . -33.45 -10.75 -23.66
O3B CAA H . -33.74 -9.84 -24.74
P3B CAA H . -34.28 -10.39 -26.10
O7A CAA H . -33.08 -10.89 -26.96
O8A CAA H . -35.29 -11.57 -25.88
O9A CAA H . -34.99 -9.24 -26.88
C4B CAA H . -33.96 -10.12 -22.34
O4B CAA H . -33.02 -9.09 -21.96
C5B CAA H . -34.04 -11.20 -21.26
O5B CAA H . -33.03 -12.18 -21.37
P1A CAA H . -33.34 -13.69 -21.22
O1A CAA H . -34.26 -14.14 -22.40
O2A CAA H . -31.99 -14.47 -21.27
O3A CAA H . -34.08 -13.94 -19.86
P2A CAA H . -33.98 -15.16 -18.86
O4A CAA H . -35.01 -14.99 -17.70
O5A CAA H . -34.23 -16.52 -19.60
O6A CAA H . -32.59 -15.19 -18.22
CBP CAA H . -30.74 -13.97 -17.29
CCP CAA H . -32.23 -14.14 -17.32
CDP CAA H . -30.14 -15.20 -16.56
CEP CAA H . -30.36 -12.68 -16.52
CAP CAA H . -30.22 -13.90 -18.76
OAP CAA H . -30.78 -12.74 -19.44
C9P CAA H . -28.70 -13.75 -18.81
O9P CAA H . -27.94 -14.72 -18.66
N8P CAA H . -28.25 -12.43 -18.71
C7P CAA H . -26.93 -12.11 -18.25
C6P CAA H . -25.91 -12.18 -19.36
C5P CAA H . -24.48 -12.01 -18.88
O5P CAA H . -23.57 -12.70 -19.30
N4P CAA H . -24.30 -10.82 -18.13
C3P CAA H . -23.02 -10.27 -17.95
C2P CAA H . -22.90 -9.05 -18.84
S1P CAA H . -21.25 -8.48 -19.21
C1 CAA H . -21.02 -7.11 -18.08
O1 CAA H . -21.50 -7.28 -16.93
C2 CAA H . -19.79 -6.26 -18.29
C3 CAA H . -18.94 -5.72 -17.18
O3 CAA H . -19.14 -6.00 -16.02
C4 CAA H . -17.76 -4.80 -17.37
N1A CAA I . 4.58 -33.58 10.38
C2A CAA I . 5.09 -34.78 10.47
N3A CAA I . 4.51 -35.91 10.80
C4A CAA I . 3.17 -35.72 11.05
C5A CAA I . 2.52 -34.53 10.99
C6A CAA I . 3.27 -33.38 10.62
N6A CAA I . 2.79 -32.14 10.51
N7A CAA I . 1.18 -34.72 11.30
C8A CAA I . 1.04 -36.02 11.56
N9A CAA I . 2.25 -36.72 11.41
C1B CAA I . 2.53 -38.20 11.49
C2B CAA I . 2.50 -38.65 12.98
O2B CAA I . 3.76 -38.38 13.65
C3B CAA I . 2.30 -40.17 12.83
O3B CAA I . 3.51 -40.77 12.27
P3B CAA I . 4.18 -41.96 13.04
O7A CAA I . 5.37 -41.43 13.89
O8A CAA I . 3.15 -42.67 13.97
O9A CAA I . 4.70 -43.02 11.99
C4B CAA I . 1.21 -40.15 11.73
O4B CAA I . 1.48 -39.00 10.87
C5B CAA I . -0.15 -39.98 12.39
O5B CAA I . -0.08 -39.02 13.44
P1A CAA I . -1.01 -39.13 14.66
O1A CAA I . -0.78 -40.54 15.32
O2A CAA I . -0.62 -38.01 15.66
O3A CAA I . -2.49 -38.96 14.12
P2A CAA I . -3.87 -38.58 14.81
O4A CAA I . -5.07 -39.00 13.91
O5A CAA I . -4.01 -39.27 16.17
O6A CAA I . -3.98 -37.07 15.01
CBP CAA I . -3.14 -35.09 13.98
CCP CAA I . -4.07 -36.26 13.86
CDP CAA I . -3.75 -34.17 15.06
CEP CAA I . -3.09 -34.36 12.62
CAP CAA I . -1.68 -35.52 14.43
OAP CAA I . -0.99 -36.16 13.35
C9P CAA I . -0.80 -34.32 14.75
O9P CAA I . -0.78 -33.80 15.86
N8P CAA I . -0.40 -33.64 13.59
C7P CAA I . -0.21 -32.25 13.65
C6P CAA I . 1.13 -31.76 13.34
C5P CAA I . 1.18 -30.23 13.34
O5P CAA I . 1.45 -29.54 14.34
N4P CAA I . 1.18 -29.73 12.06
C3P CAA I . 1.69 -28.46 11.78
C2P CAA I . 3.14 -28.69 11.42
S1P CAA I . 4.20 -27.24 11.38
C1 CAA I . 3.92 -26.53 9.82
O1 CAA I . 2.70 -26.43 9.50
C2 CAA I . 4.98 -25.58 9.31
C3 CAA I . 4.75 -24.36 8.45
O3 CAA I . 3.63 -23.99 8.11
C4 CAA I . 5.85 -23.48 7.92
N1A CAA J . -4.59 34.76 -5.51
C2A CAA J . -5.18 35.85 -5.92
N3A CAA J . -4.64 36.93 -6.44
C4A CAA J . -3.27 36.82 -6.51
C5A CAA J . -2.55 35.75 -6.11
C6A CAA J . -3.25 34.65 -5.58
N6A CAA J . -2.69 33.54 -5.18
N7A CAA J . -1.22 35.98 -6.33
C8A CAA J . -1.14 37.18 -6.86
N9A CAA J . -2.38 37.77 -7.01
C1B CAA J . -2.72 39.07 -7.55
C2B CAA J . -2.15 40.14 -6.60
O2B CAA J . -2.99 40.30 -5.45
C3B CAA J . -2.18 41.38 -7.47
O3B CAA J . -3.54 41.79 -7.72
P3B CAA J . -4.09 43.11 -7.11
O7A CAA J . -4.91 42.76 -5.84
O8A CAA J . -2.96 44.11 -6.74
O9A CAA J . -5.05 43.76 -8.11
C4B CAA J . -1.62 40.75 -8.75
O4B CAA J . -2.01 39.36 -8.76
C5B CAA J . -0.15 40.86 -8.72
O5B CAA J . 0.34 40.31 -7.54
P1A CAA J . 1.43 41.01 -6.78
O1A CAA J . 1.12 42.51 -6.74
O2A CAA J . 1.46 40.42 -5.37
O3A CAA J . 2.78 40.81 -7.49
P2A CAA J . 4.23 40.83 -6.95
O4A CAA J . 5.20 40.91 -8.17
O5A CAA J . 4.46 42.02 -6.03
O6A CAA J . 4.53 39.52 -6.15
CBP CAA J . 4.08 37.17 -5.62
CCP CAA J . 4.25 38.23 -6.69
CDP CAA J . 5.31 37.15 -4.73
CEP CAA J . 3.92 35.79 -6.30
CAP CAA J . 2.81 37.54 -4.82
OAP CAA J . 1.70 37.70 -5.71
C9P CAA J . 2.34 36.51 -3.78
O9P CAA J . 3.01 36.23 -2.78
N8P CAA J . 1.11 35.89 -3.99
C7P CAA J . 0.65 34.90 -3.11
C6P CAA J . 0.98 33.49 -3.57
C5P CAA J . 0.32 32.47 -2.62
O5P CAA J . 0.36 32.62 -1.39
N4P CAA J . -0.19 31.33 -3.31
C3P CAA J . -0.60 30.11 -2.70
C2P CAA J . -1.61 30.34 -1.64
S1P CAA J . -3.21 29.49 -1.77
C1 CAA J . -3.06 27.96 -2.56
O1 CAA J . -2.23 27.83 -3.45
C2 CAA J . -4.02 26.87 -2.18
C3 CAA J . -3.95 25.51 -2.76
O3 CAA J . -3.06 25.17 -3.52
C4 CAA J . -4.93 24.41 -2.49
N1A CAA K . 29.54 3.36 19.99
C2A CAA K . 30.37 3.47 21.02
N3A CAA K . 31.46 4.18 21.16
C4A CAA K . 31.70 4.88 20.00
C5A CAA K . 30.94 4.88 18.86
C6A CAA K . 29.78 4.07 18.85
N6A CAA K . 28.93 3.98 17.80
N7A CAA K . 31.49 5.70 17.90
C8A CAA K . 32.56 6.21 18.47
N9A CAA K . 32.75 5.74 19.77
C1B CAA K . 33.77 6.11 20.75
C2B CAA K . 35.06 5.38 20.36
O2B CAA K . 35.02 3.98 20.76
C3B CAA K . 36.06 6.15 21.20
O3B CAA K . 35.81 5.83 22.59
P3B CAA K . 36.93 5.10 23.41
O7A CAA K . 36.81 3.55 23.22
O8A CAA K . 38.33 5.60 22.88
O9A CAA K . 36.77 5.44 24.92
C4B CAA K . 35.56 7.58 20.90
O4B CAA K . 34.14 7.50 20.66
C5B CAA K . 36.27 8.12 19.67
O5B CAA K . 36.31 7.16 18.60
P1A CAA K . 37.47 7.21 17.57
O1A CAA K . 38.81 7.29 18.31
O2A CAA K . 37.42 5.93 16.71
O3A CAA K . 37.28 8.47 16.73
P2A CAA K . 37.81 8.76 15.31
O4A CAA K . 37.94 10.31 15.15
O5A CAA K . 39.17 8.06 15.08
O6A CAA K . 36.84 8.26 14.23
CBP CAA K . 34.57 7.59 13.73
CCP CAA K . 35.48 8.70 14.21
CDP CAA K . 34.96 7.22 12.27
CEP CAA K . 33.11 8.06 13.78
CAP CAA K . 34.75 6.34 14.66
OAP CAA K . 34.21 6.58 16.01
C9P CAA K . 34.05 5.11 14.14
O9P CAA K . 34.41 4.55 13.09
N8P CAA K . 32.88 4.71 14.82
C7P CAA K . 32.08 3.72 14.25
C6P CAA K . 30.80 3.58 14.93
C5P CAA K . 29.81 2.78 14.12
O5P CAA K . 30.13 1.76 13.46
N4P CAA K . 28.53 3.33 14.28
C3P CAA K . 27.35 2.81 13.74
C2P CAA K . 27.24 1.35 14.06
S1P CAA K . 26.02 0.91 15.32
C1 CAA K . 24.43 1.49 14.80
O1 CAA K . 24.34 2.65 14.37
C2 CAA K . 23.22 0.62 15.05
C3 CAA K . 21.83 1.02 14.65
O3 CAA K . 21.59 2.03 14.06
C4 CAA K . 20.57 0.25 14.94
#